data_3AYJ
#
_entry.id   3AYJ
#
_cell.length_a   100.985
_cell.length_b   112.941
_cell.length_c   136.458
_cell.angle_alpha   90.00
_cell.angle_beta   90.00
_cell.angle_gamma   90.00
#
_symmetry.space_group_name_H-M   'P 21 21 21'
#
loop_
_entity.id
_entity.type
_entity.pdbx_description
1 polymer 'Pro-enzyme of L-phenylalanine oxidase'
2 non-polymer 'SULFATE ION'
3 non-polymer 'FLAVIN-ADENINE DINUCLEOTIDE'
4 non-polymer PHENYLALANINE
5 non-polymer GLYCEROL
6 water water
#
_entity_poly.entity_id   1
_entity_poly.type   'polypeptide(L)'
_entity_poly.pdbx_seq_one_letter_code
;GVTVIPRLLGLKDEKKIATTVGEARLSGINYRHPDSALVSYPVAAAAPLGRLPAGNYRIAIVGGGAGGIAALYELGRLAA
TLPAGSGIDVQIYEADPDSFLHDRPGIKAIKVRGLKAGRVSAALVHNGDPASGDTIYEVGAMRFPEIAGLTWHYASAAFG
DAAPIKVFPNPGKVPTEFVFGNRVDRYVGSDPKDWEDPDSPTLKVLGVVAGGLVGNPQGENVAMYPIANVDPAKIAAILN
AATPPADALERIQTKYWPEFIAQYDGLTLGAAVREIVTVAFEKGTLPPVDGVLDVDESISYYVELFGRFGFGTGGFKPLY
NISLVEMMRLILWDYSNEYTLPVTENVEFIRNLFLKAQNVGAGKLVVQVRQERVANACHSGTASARAQLLSYDSHNAVHS
EAYDFVILAVPHDQLTPIVSRSGFEHAASQNLGDAGLGLETHTYNQVYPPLLLSDSSPAANARIVTAIGQLHMARSSKVF
ATVKTAALDQPWVPQWRGEPIKAVVSDSGLAASYVVPSPIVEDGQAPEYSSLLASYTWEDDSTRLRHDFGLYPQNPATET
GTADGMYRTMVNRAYRYVKYAGASNAQPWWFYQLLAEARTADRFVFDWTTNKTAGGFKLDMTGDHHQSNLCFRYHTHALA
ASLDNRFFIASDSYSHLGGWLEGAFMSALNAVAGLIVRANRGDVSALSTEARPLVIGLRPVVKVPAAELATSQLEHHHHH
H
;
_entity_poly.pdbx_strand_id   A,B
#
loop_
_chem_comp.id
_chem_comp.type
_chem_comp.name
_chem_comp.formula
FAD non-polymer 'FLAVIN-ADENINE DINUCLEOTIDE' 'C27 H33 N9 O15 P2'
GOL non-polymer GLYCEROL 'C3 H8 O3'
SO4 non-polymer 'SULFATE ION' 'O4 S -2'
#
# COMPACT_ATOMS: atom_id res chain seq x y z
N LYS A 16 14.19 34.31 6.26
CA LYS A 16 13.60 35.20 5.22
C LYS A 16 12.85 34.42 4.16
N ILE A 17 11.70 34.92 3.81
CA ILE A 17 10.87 34.36 2.78
C ILE A 17 11.39 34.76 1.41
N ALA A 18 11.61 33.75 0.55
CA ALA A 18 12.01 34.04 -0.82
C ALA A 18 10.83 34.60 -1.57
N THR A 19 11.05 35.56 -2.47
CA THR A 19 10.01 36.22 -3.19
C THR A 19 10.11 36.10 -4.70
N THR A 20 11.25 35.59 -5.23
CA THR A 20 11.46 35.40 -6.62
C THR A 20 12.12 34.07 -6.85
N VAL A 21 12.03 33.62 -8.09
CA VAL A 21 12.73 32.44 -8.56
C VAL A 21 14.21 32.53 -8.23
N GLY A 22 14.84 33.66 -8.47
CA GLY A 22 16.26 33.78 -8.23
C GLY A 22 16.61 33.68 -6.79
N GLU A 23 15.77 34.25 -5.92
CA GLU A 23 16.03 34.13 -4.48
C GLU A 23 15.97 32.69 -4.01
N ALA A 24 14.95 31.96 -4.44
CA ALA A 24 14.89 30.52 -4.14
C ALA A 24 16.09 29.78 -4.77
N ARG A 25 16.40 30.10 -6.03
CA ARG A 25 17.50 29.43 -6.72
C ARG A 25 18.78 29.53 -5.90
N LEU A 26 19.15 30.74 -5.46
CA LEU A 26 20.35 30.96 -4.71
C LEU A 26 20.33 30.29 -3.33
N SER A 27 19.16 30.17 -2.74
CA SER A 27 19.06 29.55 -1.43
C SER A 27 19.58 28.12 -1.38
N GLY A 28 19.26 27.33 -2.41
CA GLY A 28 19.61 25.94 -2.46
C GLY A 28 20.70 25.58 -3.45
N ILE A 29 21.39 26.57 -4.00
CA ILE A 29 22.35 26.31 -5.04
C ILE A 29 23.47 25.39 -4.62
N ASN A 30 23.83 25.38 -3.37
CA ASN A 30 24.94 24.54 -2.99
C ASN A 30 24.52 23.21 -2.34
N TYR A 31 23.20 23.00 -2.11
CA TYR A 31 22.79 21.86 -1.33
C TYR A 31 23.10 20.56 -2.03
N ARG A 32 23.72 19.64 -1.32
CA ARG A 32 24.07 18.28 -1.79
C ARG A 32 23.28 17.31 -1.00
N HIS A 33 22.63 16.36 -1.68
CA HIS A 33 21.89 15.32 -1.04
C HIS A 33 22.84 14.23 -0.54
N PRO A 34 22.49 13.48 0.52
CA PRO A 34 23.47 12.65 1.21
C PRO A 34 23.94 11.42 0.38
N ASP A 35 23.14 10.99 -0.59
CA ASP A 35 23.57 9.91 -1.48
C ASP A 35 24.38 10.40 -2.68
N SER A 36 24.53 11.71 -2.78
CA SER A 36 25.32 12.37 -3.82
C SER A 36 26.02 13.61 -3.23
N ALA A 37 26.66 13.36 -2.09
CA ALA A 37 27.14 14.45 -1.27
C ALA A 37 28.35 15.16 -1.88
N LEU A 38 29.00 14.57 -2.87
CA LEU A 38 30.11 15.20 -3.51
C LEU A 38 29.71 16.18 -4.58
N VAL A 39 28.47 16.40 -4.88
CA VAL A 39 28.14 17.29 -5.96
C VAL A 39 26.88 18.10 -5.64
N SER A 40 26.92 19.38 -5.93
CA SER A 40 25.76 20.20 -6.01
C SER A 40 25.22 20.16 -7.42
N TYR A 41 24.06 19.53 -7.64
CA TYR A 41 23.53 19.39 -8.96
C TYR A 41 23.38 20.77 -9.68
N PRO A 42 22.90 21.82 -9.01
CA PRO A 42 22.83 23.12 -9.70
C PRO A 42 24.16 23.61 -10.22
N VAL A 43 25.22 23.36 -9.48
CA VAL A 43 26.55 23.78 -9.93
C VAL A 43 26.98 22.95 -11.14
N ALA A 44 26.73 21.63 -11.08
CA ALA A 44 26.99 20.77 -12.22
C ALA A 44 26.24 21.22 -13.47
N ALA A 45 25.02 21.73 -13.28
CA ALA A 45 24.13 22.11 -14.39
C ALA A 45 24.40 23.56 -14.88
N ALA A 46 25.32 24.29 -14.26
CA ALA A 46 25.47 25.70 -14.62
C ALA A 46 25.93 25.86 -16.07
N ALA A 47 26.90 25.09 -16.48
CA ALA A 47 27.40 25.08 -17.85
C ALA A 47 26.95 23.80 -18.53
N PRO A 48 27.05 23.69 -19.86
CA PRO A 48 26.78 22.39 -20.49
C PRO A 48 27.57 21.30 -19.78
N LEU A 49 26.99 20.10 -19.74
CA LEU A 49 27.54 19.05 -18.90
C LEU A 49 28.87 18.54 -19.43
N GLY A 50 29.16 18.66 -20.74
CA GLY A 50 30.41 18.12 -21.31
C GLY A 50 30.43 18.35 -22.77
N ARG A 51 31.21 17.52 -23.47
CA ARG A 51 31.41 17.63 -24.89
C ARG A 51 31.23 16.30 -25.53
N LEU A 52 30.72 16.35 -26.76
CA LEU A 52 30.57 15.17 -27.55
C LEU A 52 31.57 15.18 -28.71
N PRO A 53 32.03 14.03 -29.17
CA PRO A 53 32.75 14.00 -30.44
C PRO A 53 31.90 14.52 -31.56
N ALA A 54 32.55 15.01 -32.60
CA ALA A 54 31.81 15.38 -33.84
C ALA A 54 30.99 14.21 -34.31
N GLY A 55 29.84 14.54 -34.87
CA GLY A 55 28.91 13.53 -35.36
C GLY A 55 27.51 14.07 -35.56
N ASN A 56 26.68 13.22 -36.16
CA ASN A 56 25.29 13.50 -36.36
C ASN A 56 24.54 12.40 -35.58
N TYR A 57 24.14 12.74 -34.37
CA TYR A 57 23.62 11.79 -33.41
C TYR A 57 22.12 11.59 -33.59
N ARG A 58 21.68 10.37 -33.38
CA ARG A 58 20.25 10.01 -33.38
C ARG A 58 19.94 9.47 -32.00
N ILE A 59 19.15 10.26 -31.23
CA ILE A 59 18.83 9.92 -29.83
C ILE A 59 17.33 9.84 -29.71
N ALA A 60 16.87 8.96 -28.87
CA ALA A 60 15.46 8.89 -28.48
C ALA A 60 15.34 9.24 -27.01
N ILE A 61 14.27 9.94 -26.70
CA ILE A 61 13.84 10.12 -25.30
C ILE A 61 12.45 9.53 -25.21
N VAL A 62 12.28 8.55 -24.35
CA VAL A 62 10.99 7.94 -24.12
C VAL A 62 10.38 8.63 -22.88
N GLY A 63 9.36 9.43 -23.10
CA GLY A 63 8.68 10.18 -22.05
C GLY A 63 9.00 11.67 -22.12
N GLY A 64 7.91 12.44 -22.16
CA GLY A 64 7.96 13.88 -22.16
C GLY A 64 7.48 14.53 -20.86
N GLY A 65 7.87 13.95 -19.76
CA GLY A 65 7.68 14.55 -18.45
C GLY A 65 8.88 15.37 -18.05
N ALA A 66 8.96 15.73 -16.78
CA ALA A 66 10.06 16.52 -16.27
C ALA A 66 11.40 15.90 -16.57
N GLY A 67 11.52 14.58 -16.37
CA GLY A 67 12.80 13.93 -16.64
C GLY A 67 13.21 14.01 -18.09
N GLY A 68 12.29 13.67 -19.00
CA GLY A 68 12.61 13.63 -20.40
C GLY A 68 12.88 15.01 -20.96
N ILE A 69 12.11 16.00 -20.51
CA ILE A 69 12.24 17.34 -21.00
C ILE A 69 13.51 18.00 -20.45
N ALA A 70 13.87 17.77 -19.18
CA ALA A 70 15.14 18.27 -18.68
C ALA A 70 16.29 17.64 -19.48
N ALA A 71 16.17 16.33 -19.73
CA ALA A 71 17.23 15.67 -20.54
C ALA A 71 17.31 16.34 -21.93
N LEU A 72 16.18 16.59 -22.55
CA LEU A 72 16.18 17.29 -23.86
C LEU A 72 16.89 18.62 -23.76
N TYR A 73 16.57 19.38 -22.71
CA TYR A 73 17.22 20.69 -22.51
C TYR A 73 18.74 20.54 -22.45
N GLU A 74 19.20 19.57 -21.64
CA GLU A 74 20.64 19.38 -21.54
C GLU A 74 21.26 18.91 -22.85
N LEU A 75 20.54 18.10 -23.63
CA LEU A 75 21.01 17.72 -24.96
C LEU A 75 21.05 18.94 -25.90
N GLY A 76 20.13 19.86 -25.76
CA GLY A 76 20.18 21.07 -26.56
C GLY A 76 21.40 21.91 -26.23
N ARG A 77 21.73 22.02 -24.93
CA ARG A 77 22.90 22.74 -24.56
C ARG A 77 24.16 22.09 -25.14
N LEU A 78 24.19 20.76 -25.11
CA LEU A 78 25.31 20.02 -25.73
C LEU A 78 25.35 20.25 -27.23
N ALA A 79 24.21 20.22 -27.86
CA ALA A 79 24.15 20.33 -29.32
C ALA A 79 24.75 21.64 -29.79
N ALA A 80 24.49 22.71 -29.00
CA ALA A 80 24.94 23.99 -29.37
C ALA A 80 26.45 24.07 -29.39
N THR A 81 27.18 23.21 -28.71
CA THR A 81 28.62 23.17 -28.66
C THR A 81 29.25 22.36 -29.75
N LEU A 82 28.44 21.64 -30.54
CA LEU A 82 28.97 20.82 -31.60
C LEU A 82 29.51 21.69 -32.75
N PRO A 83 30.52 21.18 -33.49
CA PRO A 83 31.10 21.97 -34.60
C PRO A 83 30.17 22.01 -35.80
N ALA A 84 30.47 22.87 -36.77
CA ALA A 84 29.72 22.91 -38.00
C ALA A 84 29.70 21.52 -38.61
N GLY A 85 28.48 21.10 -39.06
CA GLY A 85 28.32 19.83 -39.72
C GLY A 85 27.81 18.73 -38.78
N SER A 86 27.91 18.99 -37.48
CA SER A 86 27.48 18.05 -36.43
C SER A 86 26.09 18.48 -35.90
N GLY A 87 25.39 17.54 -35.22
CA GLY A 87 24.11 17.89 -34.61
C GLY A 87 23.54 16.70 -33.94
N ILE A 88 22.42 16.96 -33.31
CA ILE A 88 21.64 15.93 -32.62
C ILE A 88 20.19 15.96 -33.10
N ASP A 89 19.69 14.82 -33.49
CA ASP A 89 18.29 14.60 -33.75
C ASP A 89 17.70 13.81 -32.58
N VAL A 90 16.59 14.32 -32.00
CA VAL A 90 15.91 13.59 -30.92
C VAL A 90 14.48 13.27 -31.37
N GLN A 91 14.12 12.01 -31.23
CA GLN A 91 12.75 11.54 -31.31
C GLN A 91 12.24 11.42 -29.89
N ILE A 92 11.21 12.16 -29.53
CA ILE A 92 10.63 12.07 -28.20
C ILE A 92 9.32 11.30 -28.32
N TYR A 93 9.24 10.19 -27.63
CA TYR A 93 8.04 9.36 -27.59
C TYR A 93 7.19 9.81 -26.42
N GLU A 94 5.91 10.08 -26.68
CA GLU A 94 5.00 10.52 -25.60
C GLU A 94 3.62 9.94 -25.89
N ALA A 95 3.27 8.91 -25.11
CA ALA A 95 2.01 8.17 -25.30
C ALA A 95 0.77 8.91 -24.79
N ASP A 96 0.93 9.84 -23.88
CA ASP A 96 -0.24 10.49 -23.22
C ASP A 96 -0.90 11.40 -24.23
N PRO A 97 -2.17 11.13 -24.60
CA PRO A 97 -2.82 12.02 -25.58
C PRO A 97 -3.03 13.43 -25.06
N ASP A 98 -3.00 13.62 -23.75
CA ASP A 98 -3.17 14.96 -23.16
C ASP A 98 -1.88 15.71 -22.93
N SER A 99 -0.76 15.15 -23.35
CA SER A 99 0.49 15.86 -23.22
C SER A 99 0.49 17.20 -23.96
N PHE A 100 1.14 18.17 -23.34
CA PHE A 100 1.38 19.47 -24.00
C PHE A 100 2.11 19.30 -25.34
N LEU A 101 2.86 18.21 -25.50
CA LEU A 101 3.63 18.00 -26.72
C LEU A 101 2.73 17.78 -27.93
N HIS A 102 1.49 17.35 -27.73
CA HIS A 102 0.57 17.05 -28.82
C HIS A 102 -0.40 18.16 -29.02
N ASP A 103 -0.26 19.27 -28.32
CA ASP A 103 -1.09 20.47 -28.43
C ASP A 103 -0.32 21.66 -28.96
N ARG A 104 0.56 21.45 -29.90
CA ARG A 104 1.51 22.49 -30.35
C ARG A 104 2.68 22.71 -29.33
N ALA A 109 -17.08 22.97 -16.93
CA ALA A 109 -16.32 22.03 -17.77
C ALA A 109 -14.91 21.93 -17.26
N ILE A 110 -14.27 20.77 -17.46
CA ILE A 110 -12.93 20.55 -17.02
C ILE A 110 -12.07 20.08 -18.17
N LYS A 111 -11.12 20.91 -18.58
CA LYS A 111 -10.22 20.60 -19.68
C LYS A 111 -8.89 20.09 -19.12
N VAL A 112 -8.43 18.98 -19.69
CA VAL A 112 -7.10 18.44 -19.42
C VAL A 112 -6.24 18.33 -20.66
N ARG A 113 -6.83 18.39 -21.87
CA ARG A 113 -6.06 18.19 -23.09
C ARG A 113 -5.02 19.30 -23.25
N GLY A 114 -3.75 18.88 -23.42
CA GLY A 114 -2.64 19.79 -23.58
C GLY A 114 -2.09 20.29 -22.27
N LEU A 115 -2.67 19.90 -21.13
CA LEU A 115 -2.32 20.47 -19.85
C LEU A 115 -1.55 19.52 -18.98
N LYS A 116 -1.02 18.43 -19.56
CA LYS A 116 -0.20 17.49 -18.83
C LYS A 116 1.23 17.47 -19.36
N ALA A 117 2.16 17.32 -18.44
CA ALA A 117 3.54 16.90 -18.73
C ALA A 117 3.83 15.80 -17.73
N GLY A 118 3.30 14.64 -18.04
CA GLY A 118 3.37 13.50 -17.10
C GLY A 118 2.57 13.79 -15.84
N ARG A 119 3.28 13.75 -14.72
CA ARG A 119 2.73 13.96 -13.40
C ARG A 119 2.71 15.43 -12.97
N VAL A 120 3.14 16.35 -13.85
CA VAL A 120 2.85 17.77 -13.75
C VAL A 120 1.56 17.93 -14.55
N SER A 121 0.41 18.11 -13.92
CA SER A 121 -0.85 17.88 -14.58
C SER A 121 -1.91 18.86 -14.07
N ALA A 122 -2.42 19.69 -14.98
CA ALA A 122 -3.43 20.70 -14.62
C ALA A 122 -4.75 20.34 -15.20
N ALA A 123 -5.81 20.71 -14.50
CA ALA A 123 -7.16 20.63 -15.01
C ALA A 123 -7.73 22.07 -14.97
N LEU A 124 -8.17 22.56 -16.11
CA LEU A 124 -8.72 23.90 -16.26
C LEU A 124 -10.23 23.85 -16.16
N VAL A 125 -10.76 24.55 -15.16
CA VAL A 125 -12.20 24.64 -14.94
C VAL A 125 -12.69 25.90 -15.65
N HIS A 126 -13.65 25.72 -16.55
CA HIS A 126 -14.13 26.83 -17.38
C HIS A 126 -15.61 26.60 -17.69
N ASN A 127 -16.22 27.61 -18.24
CA ASN A 127 -17.62 27.55 -18.59
C ASN A 127 -17.86 27.57 -20.05
N GLY A 128 -16.90 27.23 -20.88
CA GLY A 128 -17.19 27.09 -22.33
C GLY A 128 -16.07 27.72 -23.11
N ASP A 129 -15.43 28.72 -22.53
CA ASP A 129 -14.26 29.38 -23.13
C ASP A 129 -13.04 29.08 -22.22
N PRO A 130 -12.17 28.15 -22.61
CA PRO A 130 -11.00 27.84 -21.83
C PRO A 130 -10.01 29.00 -21.69
N ALA A 131 -10.10 30.02 -22.55
CA ALA A 131 -9.22 31.19 -22.36
C ALA A 131 -9.73 32.11 -21.23
N SER A 132 -10.92 31.82 -20.68
CA SER A 132 -11.51 32.62 -19.59
C SER A 132 -12.02 31.67 -18.51
N GLY A 133 -11.10 30.99 -17.87
CA GLY A 133 -11.44 30.02 -16.89
C GLY A 133 -11.71 30.55 -15.51
N ASP A 134 -12.19 29.63 -14.67
CA ASP A 134 -12.49 29.94 -13.28
C ASP A 134 -11.31 29.64 -12.34
N THR A 135 -10.75 28.44 -12.45
CA THR A 135 -9.65 28.00 -11.61
C THR A 135 -8.91 26.85 -12.29
N ILE A 136 -7.80 26.45 -11.66
CA ILE A 136 -6.94 25.36 -12.08
C ILE A 136 -6.86 24.38 -10.92
N TYR A 137 -7.02 23.09 -11.22
CA TYR A 137 -6.68 22.04 -10.28
C TYR A 137 -5.28 21.57 -10.59
N GLU A 138 -4.35 21.63 -9.66
CA GLU A 138 -3.03 21.04 -9.82
C GLU A 138 -3.12 19.60 -9.37
N VAL A 139 -3.24 18.69 -10.32
CA VAL A 139 -3.54 17.29 -10.07
C VAL A 139 -2.34 16.50 -9.59
N GLY A 140 -1.13 16.92 -9.98
CA GLY A 140 0.10 16.29 -9.57
C GLY A 140 0.97 17.27 -8.80
N ALA A 141 2.14 17.59 -9.33
CA ALA A 141 3.07 18.48 -8.67
C ALA A 141 2.45 19.83 -8.36
N MET A 142 2.76 20.33 -7.16
CA MET A 142 2.19 21.61 -6.78
C MET A 142 3.03 22.45 -5.79
N ARG A 143 3.99 21.91 -5.09
CA ARG A 143 4.66 22.70 -4.05
C ARG A 143 6.15 22.35 -4.03
N PHE A 144 6.99 23.39 -4.04
CA PHE A 144 8.40 23.21 -4.42
C PHE A 144 9.31 23.71 -3.32
N PRO A 145 10.12 22.82 -2.74
CA PRO A 145 10.97 23.21 -1.59
C PRO A 145 11.88 24.38 -1.95
N GLU A 146 12.15 25.26 -0.98
CA GLU A 146 13.06 26.34 -1.20
C GLU A 146 14.44 25.87 -1.66
N ILE A 147 14.92 24.79 -1.02
CA ILE A 147 16.25 24.27 -1.28
C ILE A 147 16.34 23.27 -2.39
N ALA A 148 15.26 23.17 -3.20
CA ALA A 148 15.23 22.33 -4.41
C ALA A 148 16.03 23.05 -5.50
N GLY A 149 17.34 23.01 -5.36
CA GLY A 149 18.17 23.90 -6.16
C GLY A 149 18.10 23.64 -7.64
N LEU A 150 18.00 22.36 -8.06
CA LEU A 150 17.94 22.08 -9.48
C LEU A 150 16.60 22.49 -10.09
N THR A 151 15.52 22.30 -9.30
CA THR A 151 14.20 22.75 -9.67
C THR A 151 14.22 24.25 -9.95
N TRP A 152 14.79 25.04 -9.04
CA TRP A 152 14.83 26.48 -9.21
C TRP A 152 15.82 26.88 -10.30
N HIS A 153 16.89 26.14 -10.51
CA HIS A 153 17.78 26.37 -11.65
C HIS A 153 17.01 26.28 -12.96
N TYR A 154 16.23 25.22 -13.11
CA TYR A 154 15.42 25.09 -14.33
C TYR A 154 14.28 26.12 -14.35
N ALA A 155 13.69 26.45 -13.21
CA ALA A 155 12.67 27.49 -13.21
C ALA A 155 13.25 28.81 -13.67
N SER A 156 14.51 29.09 -13.34
CA SER A 156 15.15 30.32 -13.84
C SER A 156 15.34 30.24 -15.35
N ALA A 157 15.75 29.08 -15.86
CA ALA A 157 15.84 28.93 -17.31
C ALA A 157 14.48 29.19 -18.00
N ALA A 158 13.43 28.72 -17.39
CA ALA A 158 12.09 28.80 -17.94
C ALA A 158 11.43 30.16 -17.78
N PHE A 159 11.73 30.88 -16.69
CA PHE A 159 10.96 32.08 -16.31
C PHE A 159 11.80 33.28 -15.97
N GLY A 160 13.08 33.15 -15.74
CA GLY A 160 13.97 34.19 -15.26
C GLY A 160 13.97 34.34 -13.75
N ASP A 161 15.11 34.78 -13.23
CA ASP A 161 15.31 34.96 -11.84
C ASP A 161 14.29 35.96 -11.20
N ALA A 162 13.83 36.95 -11.97
CA ALA A 162 13.00 37.99 -11.42
C ALA A 162 11.58 37.55 -11.20
N ALA A 163 11.19 36.39 -11.70
CA ALA A 163 9.78 36.01 -11.67
C ALA A 163 9.31 35.76 -10.24
N PRO A 164 8.11 36.24 -9.89
CA PRO A 164 7.67 36.16 -8.45
C PRO A 164 7.19 34.78 -8.10
N ILE A 165 7.42 34.39 -6.85
CA ILE A 165 6.92 33.14 -6.26
C ILE A 165 6.20 33.48 -4.97
N LYS A 166 5.34 32.55 -4.53
CA LYS A 166 4.51 32.68 -3.34
C LYS A 166 4.80 31.50 -2.42
N VAL A 167 4.57 31.66 -1.12
CA VAL A 167 4.62 30.57 -0.19
C VAL A 167 3.46 29.64 -0.47
N PHE A 168 3.71 28.33 -0.60
CA PHE A 168 2.59 27.41 -0.80
C PHE A 168 1.76 27.36 0.48
N PRO A 169 0.44 27.40 0.41
CA PRO A 169 -0.40 27.51 1.60
C PRO A 169 -0.63 26.13 2.29
N ASN A 170 0.47 25.63 2.79
CA ASN A 170 0.51 24.40 3.53
C ASN A 170 -0.19 24.53 4.87
N PRO A 171 -0.57 23.40 5.48
CA PRO A 171 -0.97 23.47 6.91
C PRO A 171 0.16 24.08 7.69
N GLY A 172 -0.22 25.05 8.54
CA GLY A 172 0.74 25.81 9.30
C GLY A 172 1.25 27.07 8.64
N LYS A 173 1.20 27.16 7.31
CA LYS A 173 1.63 28.35 6.65
C LYS A 173 0.48 29.35 6.54
N VAL A 174 -0.74 28.87 6.47
CA VAL A 174 -1.96 29.63 6.51
C VAL A 174 -2.72 29.12 7.74
N PRO A 175 -3.76 29.83 8.20
CA PRO A 175 -4.55 29.31 9.32
C PRO A 175 -5.09 27.94 8.99
N THR A 176 -4.89 27.02 9.99
CA THR A 176 -5.14 25.60 9.79
C THR A 176 -5.96 25.04 10.91
N GLU A 177 -6.90 24.17 10.59
CA GLU A 177 -7.56 23.33 11.57
C GLU A 177 -7.05 21.89 11.46
N PHE A 178 -6.72 21.33 12.58
CA PHE A 178 -6.22 19.95 12.70
C PHE A 178 -7.19 19.18 13.58
N VAL A 179 -7.60 17.99 13.14
CA VAL A 179 -8.50 17.12 13.88
C VAL A 179 -7.93 15.70 13.88
N PHE A 180 -7.73 15.13 15.07
CA PHE A 180 -7.37 13.73 15.25
C PHE A 180 -8.12 13.23 16.45
N GLY A 181 -8.95 12.21 16.25
CA GLY A 181 -9.70 11.71 17.40
C GLY A 181 -10.46 12.86 18.05
N ASN A 182 -10.37 12.97 19.35
CA ASN A 182 -11.00 14.01 20.15
C ASN A 182 -10.27 15.32 20.12
N ARG A 183 -9.07 15.40 19.55
CA ARG A 183 -8.25 16.60 19.58
C ARG A 183 -8.51 17.50 18.37
N VAL A 184 -8.70 18.77 18.66
CA VAL A 184 -8.79 19.80 17.66
C VAL A 184 -7.77 20.88 17.97
N ASP A 185 -7.10 21.41 16.95
CA ASP A 185 -6.24 22.56 17.06
C ASP A 185 -6.47 23.51 15.93
N ARG A 186 -6.27 24.79 16.16
CA ARG A 186 -6.29 25.83 15.13
C ARG A 186 -5.01 26.62 15.33
N TYR A 187 -4.23 26.80 14.25
CA TYR A 187 -2.86 27.28 14.43
C TYR A 187 -2.31 27.86 13.11
N VAL A 188 -1.23 28.59 13.31
CA VAL A 188 -0.26 28.97 12.29
C VAL A 188 1.13 28.68 12.86
N GLY A 189 2.01 28.07 12.08
CA GLY A 189 3.37 27.84 12.50
C GLY A 189 3.51 27.02 13.77
N SER A 190 4.62 27.21 14.46
CA SER A 190 4.98 26.43 15.62
C SER A 190 5.17 27.24 16.89
N ASP A 191 4.97 28.55 16.83
CA ASP A 191 5.07 29.39 18.03
C ASP A 191 3.77 29.26 18.81
N PRO A 192 3.81 28.84 20.08
CA PRO A 192 2.57 28.66 20.87
C PRO A 192 1.72 29.91 20.88
N LYS A 193 2.27 31.11 20.71
CA LYS A 193 1.49 32.34 20.65
C LYS A 193 0.54 32.39 19.47
N ASP A 194 0.80 31.53 18.49
CA ASP A 194 -0.01 31.46 17.27
C ASP A 194 -0.91 30.26 17.20
N TRP A 195 -1.02 29.52 18.30
CA TRP A 195 -1.94 28.43 18.48
C TRP A 195 -3.12 28.85 19.32
N GLU A 196 -4.32 28.44 18.94
CA GLU A 196 -5.47 28.74 19.79
C GLU A 196 -5.32 28.21 21.21
N ASP A 197 -4.75 27.03 21.34
CA ASP A 197 -4.39 26.43 22.62
C ASP A 197 -2.89 26.32 22.70
N PRO A 198 -2.25 27.27 23.38
CA PRO A 198 -0.77 27.26 23.43
C PRO A 198 -0.24 26.08 24.20
N ASP A 199 -1.08 25.44 25.01
CA ASP A 199 -0.68 24.29 25.81
C ASP A 199 -1.01 22.98 25.06
N SER A 200 -1.29 23.05 23.79
CA SER A 200 -1.77 21.90 23.05
C SER A 200 -0.84 20.71 23.17
N PRO A 201 -1.36 19.51 23.39
CA PRO A 201 -0.51 18.33 23.31
C PRO A 201 0.04 18.08 21.92
N THR A 202 -0.66 18.56 20.91
CA THR A 202 -0.22 18.38 19.51
C THR A 202 1.11 19.12 19.31
N LEU A 203 1.15 20.37 19.76
CA LEU A 203 2.36 21.16 19.62
C LEU A 203 3.47 20.54 20.47
N LYS A 204 3.14 20.01 21.66
CA LYS A 204 4.11 19.35 22.47
C LYS A 204 4.72 18.12 21.81
N VAL A 205 3.87 17.25 21.25
CA VAL A 205 4.38 16.06 20.57
C VAL A 205 5.19 16.44 19.33
N LEU A 206 4.80 17.49 18.61
CA LEU A 206 5.62 17.97 17.49
C LEU A 206 7.02 18.30 17.99
N GLY A 207 7.15 19.02 19.09
CA GLY A 207 8.45 19.36 19.57
C GLY A 207 9.27 18.16 19.95
N VAL A 208 8.65 17.16 20.57
CA VAL A 208 9.33 15.92 20.96
C VAL A 208 9.82 15.20 19.70
N VAL A 209 8.97 15.06 18.69
CA VAL A 209 9.31 14.27 17.53
C VAL A 209 10.33 14.99 16.69
N ALA A 210 10.16 16.29 16.47
CA ALA A 210 11.19 17.12 15.80
C ALA A 210 12.52 17.10 16.54
N GLY A 211 12.56 17.27 17.86
CA GLY A 211 13.80 17.16 18.61
C GLY A 211 14.46 15.83 18.41
N GLY A 212 13.65 14.78 18.40
CA GLY A 212 14.20 13.46 18.34
C GLY A 212 14.69 13.12 16.94
N LEU A 213 14.09 13.66 15.90
CA LEU A 213 14.49 13.34 14.52
C LEU A 213 15.51 14.28 14.00
N VAL A 214 15.30 15.59 14.16
CA VAL A 214 16.14 16.62 13.55
C VAL A 214 17.23 17.11 14.49
N GLY A 215 16.87 17.32 15.76
CA GLY A 215 17.79 17.86 16.71
C GLY A 215 18.15 19.32 16.45
N ASN A 216 19.29 19.72 16.97
CA ASN A 216 19.69 21.10 17.05
C ASN A 216 20.91 21.39 16.17
N PRO A 217 20.89 22.52 15.43
CA PRO A 217 22.06 22.86 14.65
C PRO A 217 23.25 23.35 15.47
N GLN A 218 23.03 23.78 16.71
CA GLN A 218 24.10 24.22 17.60
C GLN A 218 23.87 23.60 18.95
N GLY A 219 24.96 23.47 19.71
CA GLY A 219 24.86 22.99 21.07
C GLY A 219 24.67 21.50 21.14
N GLU A 220 24.14 21.08 22.26
CA GLU A 220 23.98 19.71 22.60
C GLU A 220 23.26 18.94 21.51
N ASN A 221 23.68 17.71 21.30
CA ASN A 221 22.96 16.80 20.42
C ASN A 221 21.84 16.16 21.17
N VAL A 222 20.64 16.34 20.65
CA VAL A 222 19.42 15.81 21.25
C VAL A 222 18.66 14.84 20.38
N ALA A 223 19.11 14.60 19.16
CA ALA A 223 18.41 13.68 18.29
C ALA A 223 18.69 12.23 18.59
N MET A 224 17.71 11.38 18.34
CA MET A 224 17.79 9.95 18.66
C MET A 224 18.62 9.19 17.63
N TYR A 225 18.69 9.65 16.41
CA TYR A 225 19.32 8.89 15.32
C TYR A 225 20.40 9.75 14.69
N PRO A 226 21.57 9.78 15.30
CA PRO A 226 22.63 10.66 14.82
C PRO A 226 23.17 10.25 13.46
N ILE A 227 23.78 11.21 12.79
CA ILE A 227 24.58 10.97 11.57
C ILE A 227 25.97 11.48 11.95
N ALA A 228 27.00 10.66 11.78
CA ALA A 228 28.36 11.09 12.14
C ALA A 228 28.38 11.54 13.60
N ASN A 229 27.62 10.85 14.43
CA ASN A 229 27.57 11.12 15.87
C ASN A 229 26.97 12.45 16.28
N VAL A 230 26.31 13.15 15.34
CA VAL A 230 25.73 14.46 15.66
C VAL A 230 24.30 14.51 15.15
N ASP A 231 23.59 15.54 15.59
CA ASP A 231 22.22 15.72 15.15
C ASP A 231 22.16 15.95 13.65
N PRO A 232 21.09 15.43 13.00
CA PRO A 232 20.91 15.71 11.59
C PRO A 232 20.97 17.17 11.19
N ALA A 233 20.43 18.05 12.05
CA ALA A 233 20.48 19.49 11.78
C ALA A 233 21.88 19.95 11.48
N LYS A 234 22.86 19.39 12.19
CA LYS A 234 24.26 19.78 12.02
C LYS A 234 24.79 19.30 10.66
N ILE A 235 24.37 18.14 10.23
CA ILE A 235 24.78 17.62 8.93
C ILE A 235 24.12 18.41 7.81
N ALA A 236 22.86 18.81 7.96
CA ALA A 236 22.21 19.61 6.97
C ALA A 236 22.97 20.88 6.69
N ALA A 237 23.51 21.52 7.74
CA ALA A 237 24.24 22.76 7.57
C ALA A 237 25.53 22.53 6.75
N ILE A 238 26.16 21.39 6.90
CA ILE A 238 27.34 21.05 6.11
C ILE A 238 26.95 20.79 4.66
N LEU A 239 25.92 20.02 4.44
CA LEU A 239 25.43 19.72 3.08
C LEU A 239 25.04 20.98 2.34
N ASN A 240 24.59 22.01 3.06
CA ASN A 240 24.19 23.24 2.45
C ASN A 240 25.27 24.32 2.48
N ALA A 241 26.47 24.02 2.90
CA ALA A 241 27.56 25.05 2.95
C ALA A 241 28.13 25.36 1.43
N ALA A 242 28.70 26.52 1.08
CA ALA A 242 29.50 26.71 -0.19
C ALA A 242 30.77 26.00 -0.13
N THR A 243 31.46 26.09 1.04
CA THR A 243 32.78 25.51 1.19
C THR A 243 32.82 24.78 2.46
N PRO A 244 32.31 23.56 2.38
CA PRO A 244 32.47 22.70 3.53
C PRO A 244 33.87 22.25 3.75
N PRO A 245 34.09 21.61 4.83
CA PRO A 245 35.15 20.49 4.34
C PRO A 245 34.82 19.59 2.97
N ALA A 246 35.70 19.71 2.02
CA ALA A 246 35.71 18.57 1.05
C ALA A 246 35.78 17.19 1.70
N ASP A 247 36.67 17.14 2.79
CA ASP A 247 36.87 15.98 3.49
C ASP A 247 35.55 15.66 4.11
N ALA A 248 34.82 16.66 4.59
CA ALA A 248 33.55 16.37 5.24
C ALA A 248 32.56 15.76 4.28
N LEU A 249 32.49 16.24 3.03
CA LEU A 249 31.54 15.68 2.09
C LEU A 249 31.86 14.26 1.69
N GLU A 250 33.17 13.99 1.51
CA GLU A 250 33.61 12.65 1.19
C GLU A 250 33.29 11.72 2.31
N ARG A 251 33.52 12.15 3.54
CA ARG A 251 33.23 11.29 4.67
C ARG A 251 31.75 11.03 4.85
N ILE A 252 30.90 12.01 4.58
CA ILE A 252 29.47 11.75 4.55
C ILE A 252 29.13 10.75 3.47
N GLN A 253 29.64 10.98 2.26
CA GLN A 253 29.30 10.17 1.12
C GLN A 253 29.69 8.70 1.28
N THR A 254 30.91 8.48 1.81
CA THR A 254 31.49 7.15 1.79
C THR A 254 31.38 6.43 3.12
N LYS A 255 31.29 7.16 4.23
CA LYS A 255 31.30 6.58 5.57
C LYS A 255 30.00 6.87 6.29
N TYR A 256 29.68 8.11 6.63
CA TYR A 256 28.65 8.38 7.61
C TYR A 256 27.23 8.12 7.09
N TRP A 257 26.93 8.52 5.87
CA TRP A 257 25.60 8.23 5.35
C TRP A 257 25.44 6.73 5.13
N PRO A 258 26.42 6.03 4.50
CA PRO A 258 26.30 4.59 4.43
C PRO A 258 26.14 3.92 5.79
N GLU A 259 26.80 4.41 6.84
CA GLU A 259 26.62 3.84 8.17
C GLU A 259 25.22 4.10 8.69
N PHE A 260 24.65 5.26 8.43
CA PHE A 260 23.26 5.52 8.79
C PHE A 260 22.32 4.55 8.10
N ILE A 261 22.51 4.34 6.81
CA ILE A 261 21.72 3.40 6.05
C ILE A 261 21.85 1.99 6.66
N ALA A 262 23.09 1.57 6.94
CA ALA A 262 23.28 0.23 7.48
C ALA A 262 22.53 0.06 8.76
N GLN A 263 22.49 1.08 9.62
CA GLN A 263 21.81 0.99 10.88
C GLN A 263 20.27 1.10 10.75
N TYR A 264 19.79 1.95 9.87
CA TYR A 264 18.43 2.39 9.97
C TYR A 264 17.56 2.11 8.73
N ASP A 265 18.13 1.55 7.65
CA ASP A 265 17.30 1.24 6.55
C ASP A 265 16.24 0.16 6.82
N GLY A 266 16.46 -0.59 7.88
CA GLY A 266 15.48 -1.53 8.37
C GLY A 266 14.51 -1.01 9.41
N LEU A 267 14.47 0.30 9.66
CA LEU A 267 13.62 0.92 10.66
C LEU A 267 12.60 1.81 9.96
N THR A 268 11.30 1.59 10.14
CA THR A 268 10.32 2.46 9.56
C THR A 268 10.23 3.79 10.32
N LEU A 269 9.69 4.77 9.60
CA LEU A 269 9.36 6.05 10.22
C LEU A 269 8.42 5.86 11.40
N GLY A 270 7.37 5.05 11.23
CA GLY A 270 6.47 4.84 12.34
C GLY A 270 7.13 4.24 13.55
N ALA A 271 8.05 3.30 13.33
CA ALA A 271 8.80 2.71 14.46
C ALA A 271 9.69 3.76 15.11
N ALA A 272 10.31 4.62 14.34
CA ALA A 272 11.16 5.66 14.89
C ALA A 272 10.35 6.65 15.70
N VAL A 273 9.20 7.09 15.20
CA VAL A 273 8.36 7.96 16.00
C VAL A 273 8.02 7.33 17.34
N ARG A 274 7.64 6.07 17.33
CA ARG A 274 7.30 5.39 18.57
C ARG A 274 8.47 5.29 19.53
N GLU A 275 9.67 5.03 19.03
CA GLU A 275 10.82 5.01 19.90
C GLU A 275 11.02 6.33 20.60
N ILE A 276 10.95 7.42 19.80
CA ILE A 276 11.14 8.77 20.31
C ILE A 276 10.06 9.12 21.36
N VAL A 277 8.80 8.85 21.04
CA VAL A 277 7.72 9.13 21.96
C VAL A 277 7.88 8.31 23.23
N THR A 278 8.30 7.07 23.13
CA THR A 278 8.45 6.22 24.31
C THR A 278 9.46 6.81 25.27
N VAL A 279 10.62 7.24 24.75
CA VAL A 279 11.65 7.76 25.62
C VAL A 279 11.15 9.08 26.26
N ALA A 280 10.48 9.94 25.49
CA ALA A 280 9.97 11.20 26.02
C ALA A 280 8.93 10.95 27.08
N PHE A 281 8.07 9.96 26.87
CA PHE A 281 7.07 9.63 27.85
C PHE A 281 7.71 9.11 29.15
N GLU A 282 8.69 8.25 29.01
CA GLU A 282 9.41 7.73 30.22
C GLU A 282 10.09 8.86 31.08
N LYS A 283 10.63 9.84 30.32
CA LYS A 283 11.35 11.00 30.90
C LYS A 283 10.37 12.01 31.56
N GLY A 284 9.07 11.89 31.19
CA GLY A 284 8.04 12.77 31.67
C GLY A 284 7.86 14.03 30.88
N THR A 285 8.47 14.09 29.71
CA THR A 285 8.27 15.22 28.81
C THR A 285 6.85 15.26 28.21
N LEU A 286 6.26 14.08 28.02
CA LEU A 286 4.88 13.98 27.60
C LEU A 286 4.08 13.37 28.76
N PRO A 287 2.94 13.97 29.10
CA PRO A 287 2.10 13.44 30.17
C PRO A 287 1.18 12.33 29.75
N PRO A 288 0.63 11.55 30.74
CA PRO A 288 -0.41 10.61 30.35
C PRO A 288 -1.53 11.36 29.70
N VAL A 289 -2.08 10.79 28.68
CA VAL A 289 -3.17 11.39 27.90
C VAL A 289 -4.49 11.38 28.76
N ASP A 290 -5.14 12.53 28.82
CA ASP A 290 -6.39 12.69 29.58
C ASP A 290 -6.11 12.52 31.07
N GLY A 291 -4.84 12.26 31.46
CA GLY A 291 -4.54 11.85 32.83
C GLY A 291 -4.88 10.37 33.07
N VAL A 292 -5.42 9.67 32.05
CA VAL A 292 -6.20 8.39 32.29
C VAL A 292 -5.68 7.19 31.46
N LEU A 293 -5.21 7.45 30.26
CA LEU A 293 -4.78 6.31 29.45
C LEU A 293 -3.54 5.71 30.11
N ASP A 294 -3.36 4.38 29.99
CA ASP A 294 -2.15 3.72 30.54
C ASP A 294 -0.92 4.01 29.67
N VAL A 295 0.24 3.49 30.06
CA VAL A 295 1.46 3.89 29.38
C VAL A 295 1.41 3.62 27.89
N ASP A 296 1.04 2.42 27.52
CA ASP A 296 1.07 2.07 26.11
C ASP A 296 -0.02 2.77 25.34
N GLU A 297 -1.17 2.99 25.98
CA GLU A 297 -2.23 3.73 25.31
C GLU A 297 -1.84 5.17 25.09
N SER A 298 -1.18 5.79 26.08
CA SER A 298 -0.73 7.15 25.94
C SER A 298 0.31 7.25 24.83
N ILE A 299 1.33 6.38 24.85
CA ILE A 299 2.35 6.44 23.79
C ILE A 299 1.68 6.29 22.44
N SER A 300 0.79 5.32 22.32
CA SER A 300 0.14 5.04 21.06
C SER A 300 -0.69 6.22 20.59
N TYR A 301 -1.42 6.84 21.51
CA TYR A 301 -2.16 8.07 21.17
C TYR A 301 -1.23 9.13 20.61
N TYR A 302 -0.11 9.39 21.29
CA TYR A 302 0.81 10.39 20.81
C TYR A 302 1.42 10.04 19.44
N VAL A 303 1.78 8.78 19.24
CA VAL A 303 2.31 8.36 17.96
C VAL A 303 1.31 8.63 16.86
N GLU A 304 0.07 8.31 17.09
CA GLU A 304 -0.97 8.45 16.10
C GLU A 304 -1.38 9.92 15.92
N LEU A 305 -1.38 10.70 16.97
CA LEU A 305 -1.61 12.14 16.93
C LEU A 305 -0.59 12.80 16.05
N PHE A 306 0.70 12.54 16.34
CA PHE A 306 1.77 13.07 15.48
C PHE A 306 1.60 12.56 14.07
N GLY A 307 1.21 11.31 13.90
CA GLY A 307 1.01 10.73 12.59
C GLY A 307 0.05 11.54 11.77
N ARG A 308 -1.05 11.99 12.37
CA ARG A 308 -2.00 12.76 11.60
C ARG A 308 -1.54 14.19 11.39
N PHE A 309 -0.73 14.73 12.31
CA PHE A 309 -0.31 16.13 12.24
C PHE A 309 0.73 16.41 11.21
N GLY A 310 1.85 15.69 11.25
CA GLY A 310 2.91 15.81 10.26
C GLY A 310 4.01 16.82 10.52
N PHE A 311 4.78 17.05 9.45
CA PHE A 311 6.01 17.78 9.40
C PHE A 311 5.90 19.08 8.67
N GLY A 312 4.70 19.49 8.25
CA GLY A 312 4.47 20.73 7.53
C GLY A 312 3.68 20.56 6.24
N THR A 313 3.40 19.33 5.83
CA THR A 313 2.60 19.10 4.64
C THR A 313 1.45 18.09 4.89
N GLY A 314 1.01 17.99 6.17
CA GLY A 314 -0.07 17.12 6.52
C GLY A 314 0.41 15.81 7.10
N GLY A 315 -0.49 14.96 7.57
CA GLY A 315 -0.06 13.80 8.30
C GLY A 315 0.82 12.86 7.46
N PHE A 316 1.89 12.41 8.09
CA PHE A 316 2.75 11.36 7.54
C PHE A 316 2.43 9.98 8.08
N LYS A 317 1.36 9.83 8.89
CA LYS A 317 0.85 8.52 9.23
C LYS A 317 0.79 7.58 8.01
N PRO A 318 0.19 8.00 6.89
CA PRO A 318 0.12 7.05 5.75
C PRO A 318 1.48 6.68 5.22
N LEU A 319 2.51 7.48 5.49
CA LEU A 319 3.89 7.26 5.09
C LEU A 319 4.72 6.59 6.17
N TYR A 320 4.09 6.09 7.22
CA TYR A 320 4.86 5.52 8.34
C TYR A 320 5.69 4.31 7.95
N ASN A 321 5.38 3.64 6.84
CA ASN A 321 6.19 2.50 6.42
C ASN A 321 7.45 2.88 5.66
N ILE A 322 7.63 4.14 5.29
CA ILE A 322 8.88 4.51 4.65
C ILE A 322 10.02 4.24 5.61
N SER A 323 11.22 3.98 5.07
CA SER A 323 12.36 3.86 5.92
C SER A 323 12.67 5.19 6.58
N LEU A 324 13.29 5.11 7.78
CA LEU A 324 13.80 6.32 8.41
C LEU A 324 14.80 7.01 7.51
N VAL A 325 15.55 6.24 6.70
CA VAL A 325 16.50 6.82 5.78
C VAL A 325 15.80 7.79 4.80
N GLU A 326 14.66 7.35 4.25
CA GLU A 326 13.91 8.16 3.33
C GLU A 326 13.42 9.45 3.99
N MET A 327 12.82 9.30 5.19
CA MET A 327 12.39 10.48 5.90
C MET A 327 13.54 11.41 6.19
N MET A 328 14.69 10.86 6.53
CA MET A 328 15.84 11.68 6.91
C MET A 328 16.33 12.51 5.70
N ARG A 329 16.24 11.99 4.49
CA ARG A 329 16.53 12.78 3.34
C ARG A 329 15.72 14.09 3.28
N LEU A 330 14.42 13.94 3.58
CA LEU A 330 13.50 15.08 3.58
C LEU A 330 13.78 16.05 4.71
N ILE A 331 14.15 15.50 5.87
CA ILE A 331 14.54 16.33 7.02
C ILE A 331 15.76 17.16 6.69
N LEU A 332 16.79 16.54 6.12
CA LEU A 332 18.01 17.26 5.80
C LEU A 332 17.75 18.39 4.81
N TRP A 333 16.79 18.17 3.90
CA TRP A 333 16.44 19.11 2.83
C TRP A 333 15.51 20.21 3.28
N ASP A 334 15.02 20.17 4.51
CA ASP A 334 14.00 21.12 4.98
C ASP A 334 12.82 21.12 4.01
N TYR A 335 12.34 19.92 3.66
CA TYR A 335 11.48 19.76 2.52
C TYR A 335 10.20 20.56 2.57
N SER A 336 9.67 20.84 3.76
CA SER A 336 8.33 21.40 3.92
C SER A 336 8.26 22.87 3.59
N ASN A 337 9.40 23.56 3.49
CA ASN A 337 9.44 25.01 3.27
C ASN A 337 9.26 25.27 1.80
N GLU A 338 8.04 25.39 1.32
CA GLU A 338 7.75 25.28 -0.12
C GLU A 338 7.09 26.53 -0.72
N TYR A 339 7.23 26.65 -2.03
CA TYR A 339 6.76 27.78 -2.82
C TYR A 339 6.01 27.27 -4.05
N THR A 340 5.29 28.20 -4.66
CA THR A 340 4.66 28.05 -5.96
C THR A 340 5.57 28.51 -7.06
N LEU A 341 5.18 28.18 -8.30
CA LEU A 341 5.84 28.64 -9.49
C LEU A 341 5.18 29.84 -10.09
N PRO A 342 5.87 30.64 -10.90
CA PRO A 342 5.29 31.87 -11.50
C PRO A 342 4.48 31.56 -12.76
N VAL A 343 3.36 30.85 -12.54
CA VAL A 343 2.54 30.28 -13.60
C VAL A 343 1.07 30.32 -13.26
N THR A 344 0.26 30.13 -14.25
CA THR A 344 -1.15 29.78 -14.08
C THR A 344 -1.30 28.28 -13.85
N GLU A 345 -0.53 27.47 -14.61
CA GLU A 345 -0.55 26.05 -14.52
C GLU A 345 0.88 25.53 -14.51
N ASN A 346 1.20 24.56 -13.63
CA ASN A 346 2.56 24.11 -13.49
C ASN A 346 3.10 23.48 -14.78
N VAL A 347 2.25 22.95 -15.62
CA VAL A 347 2.66 22.41 -16.88
C VAL A 347 3.41 23.44 -17.72
N GLU A 348 3.11 24.72 -17.52
CA GLU A 348 3.83 25.78 -18.23
C GLU A 348 5.33 25.72 -17.99
N PHE A 349 5.74 25.28 -16.82
CA PHE A 349 7.16 25.14 -16.53
C PHE A 349 7.81 24.16 -17.52
N ILE A 350 7.22 22.97 -17.64
CA ILE A 350 7.79 21.96 -18.50
C ILE A 350 7.70 22.34 -19.97
N ARG A 351 6.58 22.93 -20.35
CA ARG A 351 6.44 23.43 -21.74
C ARG A 351 7.53 24.47 -22.06
N ASN A 352 7.76 25.40 -21.12
CA ASN A 352 8.76 26.43 -21.36
C ASN A 352 10.13 25.79 -21.44
N LEU A 353 10.42 24.78 -20.64
CA LEU A 353 11.73 24.13 -20.74
C LEU A 353 11.90 23.44 -22.09
N PHE A 354 10.84 22.80 -22.59
CA PHE A 354 10.85 22.20 -23.92
C PHE A 354 11.19 23.26 -25.00
N LEU A 355 10.51 24.39 -24.95
CA LEU A 355 10.77 25.45 -25.92
C LEU A 355 12.19 25.98 -25.76
N LYS A 356 12.67 26.15 -24.54
CA LYS A 356 14.01 26.65 -24.29
C LYS A 356 15.05 25.63 -24.82
N ALA A 357 14.80 24.33 -24.70
CA ALA A 357 15.68 23.33 -25.27
C ALA A 357 15.93 23.56 -26.74
N GLN A 358 14.84 23.80 -27.45
CA GLN A 358 14.90 24.01 -28.88
C GLN A 358 15.63 25.29 -29.18
N ASN A 359 15.43 26.35 -28.38
CA ASN A 359 16.13 27.65 -28.57
C ASN A 359 17.57 27.50 -28.30
N VAL A 360 18.00 26.89 -27.22
CA VAL A 360 19.41 26.75 -26.91
C VAL A 360 20.15 25.90 -27.89
N GLY A 361 19.49 24.93 -28.47
CA GLY A 361 20.17 24.05 -29.41
C GLY A 361 20.72 24.84 -30.57
N ALA A 362 20.28 26.10 -30.72
CA ALA A 362 20.84 27.00 -31.70
C ALA A 362 20.82 26.40 -33.13
N GLY A 363 19.78 25.62 -33.47
CA GLY A 363 19.67 25.03 -34.82
C GLY A 363 20.32 23.60 -34.93
N LYS A 364 21.20 23.27 -34.03
CA LYS A 364 21.93 22.00 -33.96
C LYS A 364 21.19 20.86 -33.35
N LEU A 365 20.05 21.16 -32.74
CA LEU A 365 19.14 20.17 -32.21
C LEU A 365 17.86 20.21 -33.04
N VAL A 366 17.44 19.05 -33.51
CA VAL A 366 16.15 18.89 -34.17
C VAL A 366 15.38 17.89 -33.35
N VAL A 367 14.11 18.22 -33.08
CA VAL A 367 13.26 17.41 -32.26
C VAL A 367 11.99 17.06 -32.98
N GLN A 368 11.58 15.79 -32.93
CA GLN A 368 10.30 15.35 -33.43
C GLN A 368 9.60 14.58 -32.33
N VAL A 369 8.33 14.82 -32.24
CA VAL A 369 7.45 14.16 -31.27
C VAL A 369 6.69 13.03 -31.92
N ARG A 370 6.69 11.89 -31.28
CA ARG A 370 5.92 10.73 -31.68
C ARG A 370 4.87 10.42 -30.62
N GLN A 371 3.60 10.38 -31.07
CA GLN A 371 2.50 9.97 -30.17
C GLN A 371 2.43 8.45 -30.25
N GLU A 372 3.33 7.79 -29.54
CA GLU A 372 3.49 6.35 -29.57
C GLU A 372 3.88 5.88 -28.19
N ARG A 373 3.37 4.69 -27.84
CA ARG A 373 3.74 3.98 -26.62
C ARG A 373 4.84 3.00 -26.92
N VAL A 374 5.99 3.21 -26.28
CA VAL A 374 7.07 2.24 -26.36
C VAL A 374 6.71 1.01 -25.59
N ALA A 375 6.83 -0.15 -26.24
CA ALA A 375 6.54 -1.47 -25.69
C ALA A 375 7.80 -2.24 -25.32
N ASN A 376 8.90 -2.03 -26.04
CA ASN A 376 10.10 -2.79 -25.80
C ASN A 376 11.31 -1.94 -26.19
N ALA A 377 12.40 -2.17 -25.45
CA ALA A 377 13.73 -1.67 -25.79
C ALA A 377 14.67 -2.84 -25.77
N CYS A 378 15.72 -2.77 -26.62
CA CYS A 378 16.80 -3.77 -26.58
C CYS A 378 17.98 -3.20 -27.34
N HIS A 379 19.12 -3.87 -27.21
CA HIS A 379 20.22 -3.68 -28.17
C HIS A 379 20.09 -4.81 -29.19
N SER A 380 20.26 -4.48 -30.48
CA SER A 380 20.29 -5.58 -31.46
C SER A 380 21.05 -5.22 -32.67
N GLY A 381 21.40 -6.26 -33.43
CA GLY A 381 21.97 -6.12 -34.70
C GLY A 381 23.45 -5.72 -34.62
N THR A 382 23.98 -5.40 -35.80
CA THR A 382 25.40 -5.11 -35.98
C THR A 382 25.67 -3.78 -36.60
N ALA A 383 24.62 -2.97 -36.83
CA ALA A 383 24.76 -1.66 -37.40
C ALA A 383 25.33 -0.68 -36.38
N SER A 384 25.60 0.53 -36.82
CA SER A 384 26.08 1.58 -35.95
C SER A 384 25.11 1.91 -34.81
N ALA A 385 23.86 2.12 -35.18
CA ALA A 385 22.78 2.36 -34.22
C ALA A 385 22.18 1.00 -33.86
N ARG A 386 22.33 0.66 -32.60
CA ARG A 386 21.90 -0.63 -32.05
C ARG A 386 20.87 -0.53 -30.96
N ALA A 387 20.52 0.69 -30.51
CA ALA A 387 19.57 0.86 -29.43
C ALA A 387 18.15 0.89 -30.02
N GLN A 388 17.42 -0.17 -29.89
CA GLN A 388 16.13 -0.36 -30.58
C GLN A 388 14.95 -0.01 -29.66
N LEU A 389 13.96 0.62 -30.26
CA LEU A 389 12.68 0.87 -29.63
C LEU A 389 11.56 0.40 -30.50
N LEU A 390 10.68 -0.42 -29.92
CA LEU A 390 9.47 -0.93 -30.55
C LEU A 390 8.29 -0.20 -29.92
N SER A 391 7.44 0.41 -30.73
CA SER A 391 6.34 1.23 -30.20
C SER A 391 5.11 1.01 -31.00
N TYR A 392 3.97 1.46 -30.46
CA TYR A 392 2.67 1.41 -31.08
C TYR A 392 2.06 2.80 -31.09
N ASP A 393 1.48 3.18 -32.22
CA ASP A 393 0.80 4.42 -32.35
C ASP A 393 -0.61 4.35 -31.83
N SER A 394 -1.37 5.44 -31.94
CA SER A 394 -2.69 5.52 -31.30
C SER A 394 -3.74 4.61 -31.92
N HIS A 395 -3.45 4.03 -33.08
CA HIS A 395 -4.29 3.02 -33.68
C HIS A 395 -3.65 1.68 -33.68
N ASN A 396 -2.67 1.50 -32.80
CA ASN A 396 -2.01 0.23 -32.53
C ASN A 396 -1.11 -0.31 -33.64
N ALA A 397 -0.73 0.56 -34.59
CA ALA A 397 0.29 0.15 -35.59
C ALA A 397 1.66 0.17 -34.97
N VAL A 398 2.44 -0.85 -35.32
CA VAL A 398 3.77 -1.02 -34.81
C VAL A 398 4.81 -0.20 -35.55
N HIS A 399 5.82 0.22 -34.82
CA HIS A 399 6.94 0.95 -35.34
C HIS A 399 8.22 0.50 -34.67
N SER A 400 9.32 0.40 -35.43
CA SER A 400 10.59 0.05 -34.86
C SER A 400 11.59 1.07 -35.32
N GLU A 401 12.49 1.51 -34.49
CA GLU A 401 13.54 2.45 -34.83
C GLU A 401 14.75 2.16 -33.99
N ALA A 402 15.94 2.37 -34.60
CA ALA A 402 17.21 2.23 -33.92
C ALA A 402 17.88 3.56 -33.73
N TYR A 403 18.57 3.71 -32.63
CA TYR A 403 19.19 4.93 -32.20
C TYR A 403 20.63 4.68 -31.74
N ASP A 404 21.40 5.78 -31.71
CA ASP A 404 22.71 5.78 -31.11
C ASP A 404 22.61 5.64 -29.57
N PHE A 405 21.71 6.40 -28.95
CA PHE A 405 21.53 6.41 -27.50
C PHE A 405 20.06 6.58 -27.23
N VAL A 406 19.59 6.08 -26.09
CA VAL A 406 18.20 6.24 -25.68
C VAL A 406 18.17 6.62 -24.20
N ILE A 407 17.33 7.58 -23.87
CA ILE A 407 17.03 7.95 -22.47
C ILE A 407 15.57 7.50 -22.21
N LEU A 408 15.44 6.55 -21.27
CA LEU A 408 14.14 6.00 -20.85
C LEU A 408 13.66 6.81 -19.67
N ALA A 409 12.80 7.79 -19.98
CA ALA A 409 12.38 8.84 -19.03
C ALA A 409 10.97 8.57 -18.57
N VAL A 410 10.72 7.38 -18.02
CA VAL A 410 9.42 6.98 -17.53
C VAL A 410 9.62 6.33 -16.16
N PRO A 411 8.62 6.41 -15.27
CA PRO A 411 8.76 5.83 -13.94
C PRO A 411 8.70 4.33 -13.98
N HIS A 412 8.95 3.70 -12.81
CA HIS A 412 9.41 2.30 -12.81
C HIS A 412 8.38 1.32 -13.33
N ASP A 413 7.10 1.46 -12.96
CA ASP A 413 6.13 0.48 -13.44
C ASP A 413 5.90 0.63 -14.93
N GLN A 414 6.05 1.85 -15.49
CA GLN A 414 5.96 2.04 -16.93
C GLN A 414 7.22 1.52 -17.64
N LEU A 415 8.36 1.53 -16.94
CA LEU A 415 9.61 1.04 -17.54
C LEU A 415 9.65 -0.49 -17.58
N THR A 416 9.10 -1.14 -16.58
CA THR A 416 9.18 -2.58 -16.47
C THR A 416 8.83 -3.33 -17.76
N PRO A 417 7.69 -3.12 -18.41
CA PRO A 417 7.39 -3.91 -19.61
C PRO A 417 8.39 -3.66 -20.73
N ILE A 418 9.02 -2.51 -20.77
CA ILE A 418 9.94 -2.10 -21.81
C ILE A 418 11.28 -2.83 -21.68
N VAL A 419 11.72 -3.16 -20.43
CA VAL A 419 13.06 -3.63 -20.19
C VAL A 419 13.15 -5.03 -19.63
N SER A 420 12.03 -5.67 -19.29
CA SER A 420 12.03 -6.93 -18.53
C SER A 420 11.58 -8.16 -19.27
N ARG A 421 11.19 -8.06 -20.54
CA ARG A 421 10.57 -9.17 -21.24
C ARG A 421 11.48 -9.79 -22.32
N SER A 422 12.72 -9.37 -22.40
CA SER A 422 13.75 -9.85 -23.35
C SER A 422 14.77 -10.71 -22.70
N GLY A 423 14.59 -11.17 -21.51
CA GLY A 423 15.60 -11.94 -20.82
C GLY A 423 16.81 -11.11 -20.44
N PHE A 424 17.90 -11.78 -20.11
CA PHE A 424 18.99 -11.23 -19.35
C PHE A 424 20.35 -11.45 -19.99
N GLU A 425 20.38 -11.91 -21.22
CA GLU A 425 21.65 -12.25 -21.89
C GLU A 425 21.49 -12.19 -23.38
N HIS A 426 22.52 -12.58 -24.12
CA HIS A 426 22.41 -12.65 -25.59
C HIS A 426 21.35 -13.61 -26.01
N ALA A 427 20.59 -13.24 -27.02
CA ALA A 427 19.67 -14.12 -27.70
C ALA A 427 19.80 -14.01 -29.20
N ALA A 428 19.83 -15.12 -29.90
CA ALA A 428 19.99 -15.05 -31.33
C ALA A 428 18.88 -14.29 -32.01
N SER A 429 17.63 -14.50 -31.61
CA SER A 429 16.50 -13.81 -32.20
C SER A 429 15.38 -13.77 -31.17
N GLN A 430 14.63 -12.68 -31.22
CA GLN A 430 13.43 -12.55 -30.39
C GLN A 430 12.36 -11.82 -31.19
N ASN A 431 11.11 -12.21 -31.03
CA ASN A 431 9.98 -11.53 -31.61
C ASN A 431 9.31 -10.69 -30.50
N LEU A 432 9.68 -9.43 -30.45
CA LEU A 432 9.26 -8.57 -29.35
C LEU A 432 7.98 -7.82 -29.68
N GLY A 433 7.27 -7.42 -28.63
CA GLY A 433 6.12 -6.61 -28.75
C GLY A 433 5.00 -7.13 -27.83
N ASP A 434 3.83 -6.56 -28.01
CA ASP A 434 2.71 -6.82 -27.13
C ASP A 434 1.83 -7.92 -27.68
N ALA A 435 2.44 -9.11 -27.80
CA ALA A 435 1.76 -10.23 -28.43
C ALA A 435 0.50 -10.64 -27.66
N GLY A 436 0.48 -10.51 -26.34
CA GLY A 436 -0.73 -10.91 -25.63
C GLY A 436 -1.91 -10.00 -25.85
N LEU A 437 -1.66 -8.77 -26.30
CA LEU A 437 -2.68 -7.84 -26.70
C LEU A 437 -3.15 -8.08 -28.14
N GLY A 438 -2.55 -9.03 -28.83
CA GLY A 438 -2.86 -9.25 -30.20
C GLY A 438 -2.17 -8.31 -31.15
N LEU A 439 -1.19 -7.54 -30.68
CA LEU A 439 -0.48 -6.57 -31.51
C LEU A 439 0.69 -7.25 -32.20
N GLU A 440 1.16 -6.58 -33.26
CA GLU A 440 2.19 -7.11 -34.12
C GLU A 440 3.52 -7.09 -33.40
N THR A 441 4.29 -8.17 -33.56
CA THR A 441 5.64 -8.25 -33.04
C THR A 441 6.66 -7.87 -34.14
N HIS A 442 7.91 -7.68 -33.71
CA HIS A 442 9.05 -7.38 -34.57
C HIS A 442 10.19 -8.27 -34.20
N THR A 443 10.82 -8.88 -35.21
CA THR A 443 11.96 -9.75 -34.98
C THR A 443 13.23 -8.94 -34.91
N TYR A 444 13.92 -9.07 -33.79
CA TYR A 444 15.25 -8.52 -33.59
C TYR A 444 16.25 -9.69 -33.51
N ASN A 445 17.44 -9.47 -34.05
CA ASN A 445 18.50 -10.47 -34.11
C ASN A 445 19.71 -10.02 -33.36
N GLN A 446 20.43 -10.95 -32.75
CA GLN A 446 21.65 -10.64 -31.98
C GLN A 446 21.29 -9.65 -30.86
N VAL A 447 20.39 -10.10 -29.99
CA VAL A 447 19.69 -9.24 -29.04
C VAL A 447 20.38 -9.33 -27.69
N TYR A 448 20.54 -8.13 -27.08
CA TYR A 448 20.97 -8.02 -25.69
C TYR A 448 19.92 -7.16 -24.96
N PRO A 449 19.83 -7.37 -23.64
CA PRO A 449 18.90 -6.52 -22.88
C PRO A 449 19.25 -5.05 -23.00
N PRO A 450 18.25 -4.18 -22.84
CA PRO A 450 18.55 -2.73 -22.91
C PRO A 450 19.37 -2.24 -21.73
N LEU A 451 19.04 -2.70 -20.52
CA LEU A 451 19.74 -2.23 -19.32
C LEU A 451 20.93 -3.14 -19.07
N LEU A 452 21.94 -2.97 -19.93
CA LEU A 452 23.02 -3.93 -20.10
C LEU A 452 24.18 -3.60 -19.20
N LEU A 453 24.20 -4.25 -18.04
CA LEU A 453 25.26 -4.12 -17.07
C LEU A 453 26.41 -5.06 -17.22
N SER A 454 26.19 -6.17 -17.92
CA SER A 454 27.22 -7.13 -18.13
C SER A 454 27.05 -7.84 -19.39
N ASP A 455 28.26 -8.03 -20.01
CA ASP A 455 28.56 -8.96 -21.03
C ASP A 455 28.74 -10.41 -20.66
N SER A 456 28.71 -10.74 -19.39
CA SER A 456 29.08 -12.09 -18.92
C SER A 456 28.15 -12.62 -17.81
N SER A 457 27.39 -11.76 -17.14
CA SER A 457 26.54 -12.14 -16.01
C SER A 457 25.08 -11.87 -16.21
N PRO A 458 24.30 -12.97 -16.45
CA PRO A 458 22.83 -12.67 -16.50
C PRO A 458 22.33 -12.11 -15.15
N ALA A 459 22.94 -12.45 -13.99
CA ALA A 459 22.42 -11.95 -12.69
C ALA A 459 22.60 -10.45 -12.62
N ALA A 460 23.69 -9.87 -13.16
CA ALA A 460 23.84 -8.40 -13.09
C ALA A 460 22.72 -7.69 -13.88
N ASN A 461 22.41 -8.20 -15.07
CA ASN A 461 21.33 -7.68 -15.89
C ASN A 461 20.01 -7.90 -15.19
N ALA A 462 19.85 -9.03 -14.54
CA ALA A 462 18.62 -9.27 -13.79
C ALA A 462 18.50 -8.38 -12.57
N ARG A 463 19.59 -8.05 -11.91
CA ARG A 463 19.50 -7.20 -10.69
C ARG A 463 18.90 -5.85 -11.04
N ILE A 464 19.33 -5.20 -12.12
CA ILE A 464 18.77 -3.88 -12.42
C ILE A 464 17.31 -3.98 -12.79
N VAL A 465 16.94 -4.97 -13.58
CA VAL A 465 15.54 -5.13 -13.98
C VAL A 465 14.64 -5.47 -12.78
N THR A 466 15.05 -6.43 -11.97
CA THR A 466 14.23 -6.83 -10.83
C THR A 466 14.15 -5.70 -9.82
N ALA A 467 15.20 -4.93 -9.62
CA ALA A 467 15.17 -3.76 -8.73
C ALA A 467 14.12 -2.76 -9.21
N ILE A 468 14.16 -2.39 -10.50
CA ILE A 468 13.22 -1.44 -11.02
C ILE A 468 11.79 -1.88 -10.76
N GLY A 469 11.54 -3.16 -11.05
CA GLY A 469 10.19 -3.65 -11.00
C GLY A 469 9.63 -3.75 -9.61
N GLN A 470 10.47 -3.74 -8.58
CA GLN A 470 10.02 -3.82 -7.20
C GLN A 470 10.15 -2.54 -6.40
N LEU A 471 10.43 -1.43 -7.06
CA LEU A 471 10.38 -0.13 -6.39
C LEU A 471 8.93 0.10 -5.96
N HIS A 472 8.75 0.88 -4.90
CA HIS A 472 7.44 1.15 -4.36
C HIS A 472 6.88 2.45 -4.93
N MET A 473 5.82 2.38 -5.71
CA MET A 473 5.09 3.57 -6.16
C MET A 473 4.01 3.88 -5.10
N ALA A 474 4.18 4.98 -4.39
CA ALA A 474 3.19 5.41 -3.42
C ALA A 474 1.89 5.68 -4.10
N ARG A 475 0.80 5.30 -3.51
CA ARG A 475 -0.54 5.55 -4.02
C ARG A 475 -0.96 6.95 -3.64
N SER A 476 -1.72 7.61 -4.54
CA SER A 476 -2.19 8.95 -4.22
C SER A 476 -3.38 9.32 -5.07
N SER A 477 -4.25 10.15 -4.49
CA SER A 477 -5.43 10.64 -5.18
C SER A 477 -5.72 12.06 -4.74
N LYS A 478 -6.35 12.83 -5.63
CA LYS A 478 -6.80 14.20 -5.30
C LYS A 478 -8.26 14.36 -5.75
N VAL A 479 -9.08 14.82 -4.78
CA VAL A 479 -10.47 15.20 -4.98
C VAL A 479 -10.54 16.72 -4.98
N PHE A 480 -11.09 17.29 -6.06
CA PHE A 480 -11.22 18.73 -6.25
C PHE A 480 -12.67 19.10 -6.51
N ALA A 481 -12.96 20.35 -6.15
CA ALA A 481 -14.18 21.04 -6.57
C ALA A 481 -13.87 22.53 -6.71
N THR A 482 -14.82 23.26 -7.27
CA THR A 482 -14.72 24.71 -7.42
C THR A 482 -15.66 25.37 -6.44
N VAL A 483 -15.13 26.34 -5.69
CA VAL A 483 -15.89 27.06 -4.67
C VAL A 483 -15.65 28.56 -4.83
N LYS A 484 -16.68 29.35 -4.59
CA LYS A 484 -16.45 30.79 -4.48
C LYS A 484 -15.54 31.08 -3.32
N THR A 485 -14.50 31.91 -3.53
CA THR A 485 -13.59 32.27 -2.49
C THR A 485 -14.33 32.92 -1.32
N ALA A 486 -15.42 33.64 -1.61
CA ALA A 486 -16.23 34.25 -0.57
C ALA A 486 -16.89 33.26 0.35
N ALA A 487 -16.94 32.00 0.01
CA ALA A 487 -17.44 30.97 0.96
C ALA A 487 -16.66 30.98 2.28
N LEU A 488 -15.35 31.36 2.18
CA LEU A 488 -14.52 31.43 3.33
C LEU A 488 -14.92 32.51 4.35
N ASP A 489 -15.78 33.41 3.90
CA ASP A 489 -16.27 34.49 4.71
C ASP A 489 -17.61 34.12 5.37
N GLN A 490 -18.16 32.92 5.21
CA GLN A 490 -19.39 32.49 5.89
C GLN A 490 -19.13 32.54 7.43
N PRO A 491 -20.19 32.78 8.22
CA PRO A 491 -19.98 32.98 9.66
C PRO A 491 -19.48 31.74 10.33
N TRP A 492 -19.76 30.58 9.76
CA TRP A 492 -19.35 29.31 10.36
C TRP A 492 -17.98 28.87 9.92
N VAL A 493 -17.26 29.67 9.09
CA VAL A 493 -15.85 29.34 8.78
C VAL A 493 -15.03 30.02 9.87
N PRO A 494 -14.25 29.29 10.64
CA PRO A 494 -13.42 29.88 11.68
C PRO A 494 -12.33 30.73 11.09
N GLN A 495 -11.93 31.68 11.91
CA GLN A 495 -10.84 32.61 11.61
C GLN A 495 -9.74 32.51 12.64
N TRP A 496 -8.55 32.90 12.19
CA TRP A 496 -7.32 33.08 13.01
C TRP A 496 -6.92 34.53 12.77
N ARG A 497 -7.03 35.38 13.77
CA ARG A 497 -6.68 36.80 13.67
C ARG A 497 -7.34 37.40 12.45
N GLY A 498 -8.61 37.07 12.27
CA GLY A 498 -9.40 37.63 11.17
C GLY A 498 -9.26 36.94 9.83
N GLU A 499 -8.34 35.95 9.65
CA GLU A 499 -8.12 35.29 8.34
C GLU A 499 -8.79 33.92 8.40
N PRO A 500 -9.61 33.58 7.40
CA PRO A 500 -10.25 32.28 7.42
C PRO A 500 -9.26 31.14 7.39
N ILE A 501 -9.65 30.02 7.99
CA ILE A 501 -8.97 28.74 7.85
C ILE A 501 -9.01 28.32 6.40
N LYS A 502 -7.81 27.94 5.87
CA LYS A 502 -7.64 27.59 4.47
C LYS A 502 -6.96 26.24 4.26
N ALA A 503 -6.59 25.56 5.34
CA ALA A 503 -6.02 24.22 5.28
C ALA A 503 -6.63 23.44 6.43
N VAL A 504 -6.98 22.20 6.17
CA VAL A 504 -7.60 21.32 7.17
C VAL A 504 -6.93 19.97 7.08
N VAL A 505 -6.36 19.51 8.19
CA VAL A 505 -5.70 18.20 8.26
C VAL A 505 -6.51 17.37 9.24
N SER A 506 -7.00 16.21 8.82
CA SER A 506 -8.01 15.50 9.61
C SER A 506 -7.93 14.03 9.42
N ASP A 507 -8.44 13.31 10.43
CA ASP A 507 -8.59 11.88 10.39
C ASP A 507 -9.95 11.42 9.90
N SER A 508 -10.68 12.31 9.20
CA SER A 508 -12.02 12.05 8.67
C SER A 508 -12.05 11.08 7.49
N GLY A 509 -10.88 10.77 6.93
CA GLY A 509 -10.74 10.07 5.68
C GLY A 509 -10.26 10.99 4.57
N LEU A 510 -10.46 12.27 4.71
CA LEU A 510 -10.05 13.24 3.69
C LEU A 510 -8.56 13.50 3.76
N ALA A 511 -7.94 13.33 4.91
CA ALA A 511 -6.51 13.49 5.19
C ALA A 511 -6.04 14.94 5.21
N ALA A 512 -6.05 15.61 4.06
CA ALA A 512 -5.51 16.96 3.91
C ALA A 512 -6.35 17.67 2.88
N SER A 513 -6.75 18.88 3.22
CA SER A 513 -7.65 19.67 2.40
C SER A 513 -7.16 21.10 2.34
N TYR A 514 -7.33 21.75 1.19
CA TYR A 514 -6.76 23.07 0.92
C TYR A 514 -7.77 23.86 0.14
N VAL A 515 -7.92 25.14 0.44
CA VAL A 515 -8.82 26.02 -0.31
C VAL A 515 -7.90 27.05 -1.02
N VAL A 516 -7.49 26.72 -2.24
CA VAL A 516 -6.37 27.41 -2.89
C VAL A 516 -6.98 28.48 -3.81
N PRO A 517 -6.55 29.73 -3.68
CA PRO A 517 -7.11 30.78 -4.56
C PRO A 517 -6.81 30.44 -6.03
N SER A 518 -7.76 30.73 -6.93
CA SER A 518 -7.48 30.50 -8.35
C SER A 518 -6.25 31.29 -8.75
N PRO A 519 -5.39 30.69 -9.60
CA PRO A 519 -4.26 31.41 -10.15
C PRO A 519 -4.60 32.22 -11.40
N ILE A 520 -5.86 32.11 -11.85
CA ILE A 520 -6.34 32.85 -13.02
C ILE A 520 -6.91 34.19 -12.48
N VAL A 521 -6.07 35.12 -12.27
CA VAL A 521 -6.53 36.41 -11.70
C VAL A 521 -5.45 37.45 -11.97
N ALA A 526 -8.29 39.75 -5.72
CA ALA A 526 -8.66 38.44 -5.25
C ALA A 526 -9.57 37.70 -6.20
N PRO A 527 -9.28 36.44 -6.36
CA PRO A 527 -10.03 35.69 -7.36
C PRO A 527 -11.42 35.36 -6.87
N GLU A 528 -12.37 35.36 -7.80
CA GLU A 528 -13.70 34.95 -7.47
C GLU A 528 -13.79 33.53 -6.97
N TYR A 529 -12.95 32.65 -7.58
CA TYR A 529 -13.01 31.22 -7.29
C TYR A 529 -11.73 30.72 -6.63
N SER A 530 -11.90 29.59 -5.92
CA SER A 530 -10.84 28.82 -5.39
C SER A 530 -10.96 27.39 -5.85
N SER A 531 -9.82 26.70 -5.89
CA SER A 531 -9.78 25.27 -6.04
C SER A 531 -9.89 24.64 -4.64
N LEU A 532 -10.99 23.92 -4.41
CA LEU A 532 -11.20 23.24 -3.16
C LEU A 532 -10.58 21.84 -3.35
N LEU A 533 -9.33 21.72 -2.89
CA LEU A 533 -8.67 20.39 -2.84
C LEU A 533 -9.23 19.75 -1.60
N ALA A 534 -10.39 19.06 -1.79
CA ALA A 534 -11.15 18.51 -0.71
C ALA A 534 -10.43 17.39 0.01
N SER A 535 -9.63 16.62 -0.77
CA SER A 535 -8.90 15.51 -0.19
C SER A 535 -7.68 15.20 -1.05
N TYR A 536 -6.51 15.26 -0.42
CA TYR A 536 -5.25 14.84 -1.03
C TYR A 536 -4.71 13.74 -0.13
N THR A 537 -4.73 12.50 -0.62
CA THR A 537 -4.40 11.33 0.14
C THR A 537 -3.18 10.61 -0.42
N TRP A 538 -2.51 9.92 0.49
CA TRP A 538 -1.41 9.00 0.20
C TRP A 538 -1.69 7.62 0.76
N GLU A 539 -1.16 6.62 0.06
CA GLU A 539 -1.03 5.27 0.61
C GLU A 539 -2.38 4.78 1.11
N ASP A 540 -2.47 4.24 2.35
CA ASP A 540 -3.71 3.67 2.79
C ASP A 540 -4.86 4.69 2.84
N ASP A 541 -4.54 5.97 3.08
CA ASP A 541 -5.61 6.95 3.06
C ASP A 541 -6.30 6.97 1.69
N SER A 542 -5.52 6.81 0.62
CA SER A 542 -6.05 6.74 -0.73
C SER A 542 -6.80 5.45 -0.95
N THR A 543 -6.23 4.31 -0.52
CA THR A 543 -6.90 3.04 -0.68
C THR A 543 -8.26 3.06 -0.07
N ARG A 544 -8.42 3.68 1.13
CA ARG A 544 -9.70 3.67 1.78
C ARG A 544 -10.79 4.39 0.99
N LEU A 545 -10.42 5.40 0.20
CA LEU A 545 -11.38 6.17 -0.58
C LEU A 545 -11.74 5.53 -1.93
N ARG A 546 -10.85 4.68 -2.43
CA ARG A 546 -10.86 4.36 -3.86
C ARG A 546 -12.14 3.77 -4.35
N HIS A 547 -12.78 2.95 -3.53
CA HIS A 547 -14.09 2.37 -3.91
C HIS A 547 -15.15 3.38 -4.26
N ASP A 548 -15.00 4.62 -3.80
CA ASP A 548 -16.00 5.68 -4.06
C ASP A 548 -15.71 6.53 -5.27
N PHE A 549 -14.64 6.27 -6.00
CA PHE A 549 -14.30 7.18 -7.07
C PHE A 549 -15.17 7.07 -8.31
N GLY A 550 -15.74 5.90 -8.56
CA GLY A 550 -16.72 5.74 -9.63
C GLY A 550 -16.15 5.45 -11.00
N LEU A 551 -15.32 6.35 -11.50
CA LEU A 551 -14.62 6.24 -12.79
C LEU A 551 -13.14 6.40 -12.50
N TYR A 552 -12.33 5.67 -13.25
CA TYR A 552 -10.90 5.52 -12.98
C TYR A 552 -10.11 5.66 -14.28
N PRO A 553 -9.03 6.44 -14.32
CA PRO A 553 -8.42 7.17 -13.18
C PRO A 553 -9.10 8.50 -12.90
N GLN A 554 -9.93 9.01 -13.80
CA GLN A 554 -10.51 10.36 -13.64
C GLN A 554 -12.03 10.25 -13.68
N ASN A 555 -12.63 10.94 -12.69
CA ASN A 555 -14.08 11.18 -12.69
C ASN A 555 -14.24 12.68 -12.60
N PRO A 556 -14.81 13.39 -13.55
CA PRO A 556 -15.43 12.84 -14.78
C PRO A 556 -14.37 12.42 -15.76
N ALA A 557 -14.78 11.45 -16.61
CA ALA A 557 -13.91 11.03 -17.71
C ALA A 557 -14.03 12.01 -18.88
N THR A 558 -15.11 12.74 -18.95
CA THR A 558 -15.41 13.68 -20.02
C THR A 558 -15.16 15.14 -19.55
N GLU A 559 -15.19 16.07 -20.51
CA GLU A 559 -14.99 17.51 -20.14
C GLU A 559 -16.22 18.10 -19.42
N THR A 560 -17.41 17.57 -19.75
CA THR A 560 -18.63 18.17 -19.29
C THR A 560 -19.31 17.42 -18.15
N GLY A 561 -18.81 16.30 -17.75
CA GLY A 561 -19.36 15.58 -16.61
C GLY A 561 -18.95 16.24 -15.30
N THR A 562 -19.51 15.72 -14.23
CA THR A 562 -19.17 16.12 -12.86
C THR A 562 -19.21 14.89 -11.97
N ALA A 563 -18.22 14.76 -11.09
CA ALA A 563 -18.12 13.59 -10.18
C ALA A 563 -18.95 13.87 -8.92
N ASP A 564 -20.24 14.12 -9.11
CA ASP A 564 -21.09 14.58 -8.01
C ASP A 564 -21.31 13.47 -6.97
N GLY A 565 -21.62 12.26 -7.41
CA GLY A 565 -21.80 11.16 -6.46
C GLY A 565 -20.56 10.88 -5.65
N MET A 566 -19.38 10.87 -6.32
CA MET A 566 -18.12 10.68 -5.62
C MET A 566 -17.96 11.77 -4.57
N TYR A 567 -18.15 13.02 -4.98
CA TYR A 567 -17.90 14.10 -4.11
C TYR A 567 -18.83 14.09 -2.91
N ARG A 568 -20.07 13.71 -3.09
CA ARG A 568 -20.99 13.60 -1.99
C ARG A 568 -20.49 12.61 -0.93
N THR A 569 -19.79 11.53 -1.34
CA THR A 569 -19.23 10.62 -0.35
C THR A 569 -18.14 11.29 0.47
N MET A 570 -17.47 12.29 -0.05
CA MET A 570 -16.43 13.00 0.66
C MET A 570 -17.10 14.03 1.62
N VAL A 571 -18.13 14.74 1.16
CA VAL A 571 -18.94 15.58 2.06
C VAL A 571 -19.46 14.72 3.19
N ASN A 572 -19.90 13.50 2.90
CA ASN A 572 -20.45 12.61 3.95
C ASN A 572 -19.41 12.18 4.93
N ARG A 573 -18.15 12.01 4.53
CA ARG A 573 -17.07 11.75 5.49
C ARG A 573 -16.84 12.91 6.41
N ALA A 574 -17.08 14.12 5.94
CA ALA A 574 -16.95 15.33 6.78
C ALA A 574 -18.15 15.54 7.69
N TYR A 575 -19.23 14.78 7.54
CA TYR A 575 -20.46 14.95 8.33
C TYR A 575 -20.24 14.23 9.66
N ARG A 576 -19.51 14.88 10.57
CA ARG A 576 -19.07 14.33 11.83
C ARG A 576 -19.33 15.37 12.89
N TYR A 577 -19.72 14.90 14.07
CA TYR A 577 -19.92 15.81 15.21
C TYR A 577 -18.61 16.12 15.85
N VAL A 578 -18.22 17.37 15.89
CA VAL A 578 -16.93 17.80 16.40
C VAL A 578 -17.17 18.70 17.56
N LYS A 579 -16.55 18.38 18.66
CA LYS A 579 -16.59 19.17 19.89
C LYS A 579 -15.38 20.10 19.95
N TYR A 580 -15.67 21.37 20.14
CA TYR A 580 -14.68 22.41 20.35
C TYR A 580 -14.67 22.79 21.83
N ALA A 581 -13.49 23.09 22.34
CA ALA A 581 -13.30 23.42 23.74
C ALA A 581 -14.20 24.59 24.06
N GLY A 582 -14.83 24.44 25.18
CA GLY A 582 -15.67 25.42 25.75
C GLY A 582 -17.09 25.31 25.31
N ALA A 583 -17.36 24.62 24.19
CA ALA A 583 -18.69 24.40 23.70
C ALA A 583 -19.39 23.38 24.59
N SER A 584 -20.69 23.55 24.71
CA SER A 584 -21.50 22.66 25.47
C SER A 584 -21.69 21.32 24.81
N ASN A 585 -21.91 21.37 23.50
CA ASN A 585 -22.16 20.20 22.65
C ASN A 585 -21.42 20.20 21.34
N ALA A 586 -21.12 19.01 20.86
CA ALA A 586 -20.72 18.90 19.48
C ALA A 586 -21.86 19.40 18.42
N GLN A 587 -21.43 19.92 17.24
CA GLN A 587 -22.35 20.14 16.06
C GLN A 587 -21.69 19.61 14.82
N PRO A 588 -22.45 19.38 13.69
CA PRO A 588 -21.73 18.89 12.61
C PRO A 588 -20.60 19.82 12.22
N TRP A 589 -19.49 19.20 11.83
CA TRP A 589 -18.27 19.91 11.49
C TRP A 589 -18.54 21.00 10.49
N TRP A 590 -18.01 22.19 10.75
CA TRP A 590 -18.16 23.25 9.81
C TRP A 590 -17.58 22.89 8.45
N PHE A 591 -16.56 22.06 8.40
CA PHE A 591 -15.93 21.74 7.13
C PHE A 591 -16.86 20.99 6.18
N TYR A 592 -17.82 20.25 6.76
CA TYR A 592 -18.90 19.67 5.92
C TYR A 592 -19.67 20.73 5.14
N GLN A 593 -19.99 21.80 5.88
CA GLN A 593 -20.67 22.91 5.27
C GLN A 593 -19.83 23.57 4.18
N LEU A 594 -18.53 23.72 4.41
CA LEU A 594 -17.66 24.31 3.40
C LEU A 594 -17.60 23.44 2.15
N LEU A 595 -17.40 22.14 2.35
CA LEU A 595 -17.36 21.25 1.20
C LEU A 595 -18.63 21.32 0.43
N ALA A 596 -19.80 21.39 1.10
CA ALA A 596 -21.08 21.44 0.41
C ALA A 596 -21.29 22.74 -0.36
N GLU A 597 -20.55 23.80 -0.01
CA GLU A 597 -20.65 25.04 -0.70
C GLU A 597 -20.05 24.99 -2.11
N ALA A 598 -19.20 24.04 -2.42
CA ALA A 598 -18.68 23.90 -3.76
C ALA A 598 -19.81 23.76 -4.75
N ARG A 599 -19.65 24.31 -5.95
CA ARG A 599 -20.66 24.15 -6.96
C ARG A 599 -20.82 22.68 -7.39
N THR A 600 -21.97 22.37 -7.96
CA THR A 600 -22.26 21.01 -8.42
C THR A 600 -21.39 20.59 -9.60
N ALA A 601 -21.31 21.47 -10.60
CA ALA A 601 -20.47 21.21 -11.77
C ALA A 601 -19.00 21.18 -11.34
N ASP A 602 -18.23 20.42 -12.07
CA ASP A 602 -16.77 20.47 -11.97
C ASP A 602 -16.18 19.79 -10.73
N ARG A 603 -16.99 18.92 -10.12
CA ARG A 603 -16.47 18.02 -9.06
C ARG A 603 -15.63 16.97 -9.73
N PHE A 604 -14.53 16.57 -9.06
CA PHE A 604 -13.45 15.86 -9.76
C PHE A 604 -12.66 14.96 -8.81
N VAL A 605 -12.21 13.83 -9.30
CA VAL A 605 -11.14 13.08 -8.66
C VAL A 605 -10.21 12.55 -9.72
N PHE A 606 -8.92 12.58 -9.40
CA PHE A 606 -7.92 11.86 -10.17
C PHE A 606 -7.20 10.91 -9.24
N ASP A 607 -7.13 9.66 -9.67
CA ASP A 607 -6.50 8.60 -8.92
C ASP A 607 -5.23 8.17 -9.65
N TRP A 608 -4.09 8.59 -9.12
CA TRP A 608 -2.82 8.22 -9.75
C TRP A 608 -2.60 6.74 -9.73
N THR A 609 -3.21 6.05 -8.79
CA THR A 609 -3.03 4.68 -8.63
C THR A 609 -3.55 3.90 -9.89
N THR A 610 -4.68 4.34 -10.48
CA THR A 610 -5.29 3.70 -11.62
C THR A 610 -4.90 4.40 -12.96
N ASN A 611 -4.06 5.41 -12.91
CA ASN A 611 -3.31 5.90 -14.06
C ASN A 611 -2.26 4.83 -14.43
N LYS A 612 -1.70 4.94 -15.63
CA LYS A 612 -0.72 3.97 -16.08
C LYS A 612 0.57 4.04 -15.32
N THR A 613 0.81 5.08 -14.51
CA THR A 613 1.92 5.12 -13.59
C THR A 613 1.83 4.14 -12.41
N ALA A 614 0.61 3.61 -12.18
CA ALA A 614 0.41 2.65 -11.06
C ALA A 614 0.80 3.31 -9.74
N GLY A 615 0.39 4.59 -9.60
CA GLY A 615 0.59 5.36 -8.39
C GLY A 615 1.17 6.73 -8.69
N GLY A 616 1.42 7.45 -7.62
CA GLY A 616 1.88 8.82 -7.68
C GLY A 616 3.37 9.00 -7.85
N PHE A 617 4.20 8.34 -7.06
CA PHE A 617 5.62 8.64 -7.01
C PHE A 617 6.30 7.64 -6.12
N LYS A 618 7.60 7.41 -6.33
CA LYS A 618 8.33 6.47 -5.50
C LYS A 618 8.53 6.99 -4.09
N LEU A 619 8.28 6.13 -3.10
CA LEU A 619 8.76 6.33 -1.73
C LEU A 619 9.34 4.98 -1.25
N ASP A 620 10.53 5.03 -0.69
CA ASP A 620 11.21 3.81 -0.34
C ASP A 620 10.77 3.24 1.02
N MET A 621 10.40 1.96 0.98
CA MET A 621 10.16 1.14 2.13
C MET A 621 11.48 0.71 2.77
N THR A 622 11.40 0.10 3.95
CA THR A 622 12.59 -0.51 4.53
C THR A 622 13.18 -1.51 3.55
N GLY A 623 14.51 -1.47 3.42
CA GLY A 623 15.22 -2.31 2.45
C GLY A 623 15.30 -1.80 1.03
N ASP A 624 14.49 -0.83 0.70
CA ASP A 624 14.41 -0.38 -0.68
C ASP A 624 15.59 0.43 -1.15
N HIS A 625 16.39 0.96 -0.23
CA HIS A 625 17.56 1.76 -0.60
C HIS A 625 18.39 1.00 -1.61
N HIS A 626 18.62 -0.27 -1.40
CA HIS A 626 19.42 -1.04 -2.28
C HIS A 626 18.93 -1.08 -3.69
N GLN A 627 17.65 -1.06 -3.83
CA GLN A 627 17.02 -1.08 -5.15
C GLN A 627 17.06 0.32 -5.78
N SER A 628 16.59 1.35 -5.04
CA SER A 628 16.55 2.65 -5.61
C SER A 628 17.95 3.20 -5.89
N ASN A 629 18.90 2.91 -4.99
CA ASN A 629 20.26 3.43 -5.15
C ASN A 629 20.95 2.78 -6.33
N LEU A 630 20.65 1.52 -6.65
CA LEU A 630 21.18 0.89 -7.84
C LEU A 630 20.72 1.68 -9.07
N CYS A 631 19.42 2.01 -9.08
CA CYS A 631 18.89 2.80 -10.19
C CYS A 631 19.53 4.18 -10.28
N PHE A 632 19.72 4.83 -9.11
CA PHE A 632 20.33 6.15 -9.05
C PHE A 632 21.76 6.12 -9.64
N ARG A 633 22.47 5.01 -9.41
CA ARG A 633 23.84 4.89 -9.85
C ARG A 633 23.97 4.27 -11.25
N TYR A 634 22.87 3.86 -11.86
CA TYR A 634 22.91 3.07 -13.10
C TYR A 634 23.73 3.72 -14.19
N HIS A 635 23.63 5.05 -14.35
CA HIS A 635 24.32 5.75 -15.43
C HIS A 635 25.85 5.60 -15.37
N THR A 636 26.39 5.19 -14.23
CA THR A 636 27.81 4.93 -14.12
C THR A 636 28.26 3.75 -14.94
N HIS A 637 27.36 3.02 -15.57
CA HIS A 637 27.76 1.97 -16.50
C HIS A 637 28.65 2.51 -17.60
N ALA A 638 28.49 3.81 -17.92
CA ALA A 638 29.23 4.49 -18.96
C ALA A 638 30.77 4.42 -18.73
N LEU A 639 31.21 4.15 -17.51
CA LEU A 639 32.59 3.97 -17.23
C LEU A 639 33.18 2.74 -17.84
N ALA A 640 32.36 1.72 -18.07
CA ALA A 640 32.81 0.43 -18.63
C ALA A 640 32.79 0.57 -20.14
N ALA A 641 33.99 0.82 -20.72
CA ALA A 641 34.01 1.21 -22.13
C ALA A 641 33.56 0.13 -23.08
N SER A 642 34.02 -1.08 -22.88
CA SER A 642 33.69 -2.12 -23.85
C SER A 642 32.23 -2.64 -23.79
N LEU A 643 31.60 -2.39 -22.67
CA LEU A 643 30.20 -2.72 -22.49
C LEU A 643 29.29 -2.05 -23.56
N ASP A 644 29.49 -0.81 -23.79
CA ASP A 644 28.85 -0.16 -24.90
C ASP A 644 27.32 -0.08 -24.79
N ASN A 645 26.84 0.00 -23.57
CA ASN A 645 25.41 0.10 -23.27
C ASN A 645 24.92 1.50 -23.64
N ARG A 646 23.88 1.57 -24.46
CA ARG A 646 23.37 2.78 -25.00
C ARG A 646 22.14 3.38 -24.29
N PHE A 647 21.65 2.74 -23.25
CA PHE A 647 20.43 3.13 -22.58
C PHE A 647 20.71 3.75 -21.19
N PHE A 648 20.06 4.90 -20.97
CA PHE A 648 20.08 5.60 -19.69
C PHE A 648 18.63 5.74 -19.22
N ILE A 649 18.47 6.00 -17.90
CA ILE A 649 17.12 6.13 -17.31
C ILE A 649 17.05 7.51 -16.64
N ALA A 650 15.83 8.10 -16.70
CA ALA A 650 15.65 9.48 -16.24
C ALA A 650 14.23 9.68 -15.65
N SER A 651 14.07 9.47 -14.34
CA SER A 651 12.79 9.69 -13.72
C SER A 651 13.02 9.86 -12.22
N ASP A 652 12.03 10.46 -11.51
CA ASP A 652 12.10 10.48 -10.07
C ASP A 652 12.13 9.07 -9.44
N SER A 653 11.67 8.06 -10.18
CA SER A 653 11.80 6.67 -9.69
C SER A 653 13.25 6.25 -9.55
N TYR A 654 14.19 6.90 -10.25
CA TYR A 654 15.59 6.50 -10.24
C TYR A 654 16.43 7.52 -9.51
N SER A 655 15.86 8.04 -8.42
CA SER A 655 16.42 9.08 -7.62
C SER A 655 16.16 8.77 -6.14
N HIS A 656 16.75 9.63 -5.30
CA HIS A 656 16.49 9.62 -3.85
C HIS A 656 15.58 10.78 -3.45
N LEU A 657 14.75 11.21 -4.40
CA LEU A 657 13.73 12.25 -4.21
C LEU A 657 12.50 11.89 -5.05
N GLY A 658 12.05 10.63 -4.91
CA GLY A 658 10.79 10.29 -5.53
C GLY A 658 9.71 11.21 -5.01
N GLY A 659 8.81 11.65 -5.90
CA GLY A 659 7.79 12.60 -5.50
C GLY A 659 8.16 14.05 -5.58
N TRP A 660 9.31 14.35 -6.19
CA TRP A 660 9.74 15.73 -6.40
C TRP A 660 10.27 15.91 -7.78
N LEU A 661 9.97 17.05 -8.37
CA LEU A 661 10.63 17.42 -9.63
C LEU A 661 12.13 17.36 -9.44
N GLU A 662 12.66 17.71 -8.26
CA GLU A 662 14.08 17.64 -8.02
C GLU A 662 14.63 16.25 -8.35
N GLY A 663 13.89 15.19 -7.97
CA GLY A 663 14.33 13.83 -8.28
C GLY A 663 14.36 13.54 -9.76
N ALA A 664 13.29 13.93 -10.47
CA ALA A 664 13.25 13.75 -11.93
C ALA A 664 14.42 14.48 -12.57
N PHE A 665 14.65 15.71 -12.16
CA PHE A 665 15.70 16.54 -12.75
C PHE A 665 17.09 15.98 -12.43
N MET A 666 17.31 15.50 -11.20
CA MET A 666 18.59 14.88 -10.85
C MET A 666 18.82 13.67 -11.73
N SER A 667 17.81 12.84 -11.88
CA SER A 667 17.96 11.64 -12.68
C SER A 667 18.24 12.00 -14.15
N ALA A 668 17.57 13.01 -14.69
CA ALA A 668 17.89 13.50 -16.04
C ALA A 668 19.33 13.92 -16.16
N LEU A 669 19.84 14.66 -15.17
CA LEU A 669 21.23 15.13 -15.22
C LEU A 669 22.18 13.92 -15.20
N ASN A 670 21.89 12.92 -14.36
CA ASN A 670 22.65 11.73 -14.37
C ASN A 670 22.67 11.06 -15.76
N ALA A 671 21.48 10.94 -16.35
CA ALA A 671 21.35 10.25 -17.60
C ALA A 671 22.20 10.93 -18.70
N VAL A 672 22.13 12.26 -18.78
CA VAL A 672 22.87 12.97 -19.82
C VAL A 672 24.36 12.91 -19.54
N ALA A 673 24.75 13.04 -18.30
CA ALA A 673 26.17 12.92 -17.92
C ALA A 673 26.68 11.54 -18.36
N GLY A 674 25.93 10.49 -18.04
CA GLY A 674 26.32 9.15 -18.47
C GLY A 674 26.40 9.02 -19.97
N LEU A 675 25.43 9.57 -20.66
CA LEU A 675 25.39 9.54 -22.12
C LEU A 675 26.68 10.18 -22.67
N ILE A 676 27.07 11.33 -22.13
CA ILE A 676 28.32 11.97 -22.59
C ILE A 676 29.51 11.02 -22.40
N VAL A 677 29.63 10.44 -21.22
CA VAL A 677 30.75 9.55 -20.95
C VAL A 677 30.73 8.40 -21.95
N ARG A 678 29.56 7.81 -22.15
CA ARG A 678 29.41 6.70 -23.10
C ARG A 678 29.76 7.13 -24.53
N ALA A 679 29.32 8.31 -24.95
CA ALA A 679 29.62 8.80 -26.28
C ALA A 679 31.11 9.01 -26.48
N ASN A 680 31.83 9.18 -25.37
CA ASN A 680 33.27 9.35 -25.36
C ASN A 680 33.99 8.07 -24.93
N ARG A 681 33.31 6.94 -25.08
CA ARG A 681 33.91 5.63 -24.83
C ARG A 681 34.56 5.53 -23.48
N GLY A 682 33.84 6.02 -22.47
CA GLY A 682 34.27 5.90 -21.10
C GLY A 682 35.18 6.96 -20.53
N ASP A 683 35.45 8.01 -21.31
CA ASP A 683 36.38 9.05 -20.91
C ASP A 683 35.65 10.13 -20.09
N VAL A 684 35.85 10.13 -18.79
CA VAL A 684 35.22 11.11 -17.92
C VAL A 684 35.73 12.51 -18.11
N SER A 685 36.88 12.68 -18.74
CA SER A 685 37.38 14.05 -18.99
C SER A 685 36.51 14.80 -19.99
N ALA A 686 35.59 14.11 -20.65
CA ALA A 686 34.66 14.77 -21.50
C ALA A 686 33.54 15.52 -20.75
N LEU A 687 33.34 15.19 -19.50
CA LEU A 687 32.46 15.99 -18.62
C LEU A 687 33.18 17.23 -18.18
N SER A 688 32.46 18.30 -17.97
CA SER A 688 33.01 19.49 -17.34
C SER A 688 33.55 19.12 -15.96
N THR A 689 34.47 19.98 -15.47
CA THR A 689 34.95 19.79 -14.13
C THR A 689 33.85 19.71 -13.10
N GLU A 690 32.86 20.58 -13.24
CA GLU A 690 31.75 20.63 -12.29
C GLU A 690 30.81 19.43 -12.42
N ALA A 691 30.67 18.87 -13.60
CA ALA A 691 29.74 17.75 -13.84
C ALA A 691 30.39 16.40 -13.55
N ARG A 692 31.71 16.31 -13.62
CA ARG A 692 32.38 15.00 -13.43
C ARG A 692 31.91 14.24 -12.23
N PRO A 693 31.73 14.91 -11.05
CA PRO A 693 31.30 14.11 -9.91
C PRO A 693 29.92 13.47 -10.02
N LEU A 694 29.09 13.88 -10.98
CA LEU A 694 27.82 13.21 -11.22
C LEU A 694 28.03 11.72 -11.48
N VAL A 695 29.17 11.40 -12.12
CA VAL A 695 29.55 10.05 -12.43
C VAL A 695 30.56 9.49 -11.42
N ILE A 696 31.62 10.22 -11.12
CA ILE A 696 32.71 9.66 -10.36
C ILE A 696 32.49 9.80 -8.83
N GLY A 697 31.48 10.52 -8.39
CA GLY A 697 31.21 10.64 -6.95
C GLY A 697 30.31 9.54 -6.40
N LEU A 698 29.93 8.58 -7.24
CA LEU A 698 29.04 7.48 -6.85
C LEU A 698 29.84 6.18 -6.95
N ARG A 699 29.43 5.16 -6.19
CA ARG A 699 29.97 3.83 -6.40
C ARG A 699 29.54 3.35 -7.77
N PRO A 700 30.46 2.82 -8.57
CA PRO A 700 30.08 2.34 -9.89
C PRO A 700 29.18 1.12 -9.83
N VAL A 701 28.31 0.96 -10.83
CA VAL A 701 27.47 -0.24 -10.97
C VAL A 701 28.13 -1.40 -11.77
N VAL A 702 29.21 -1.13 -12.37
CA VAL A 702 29.99 -2.15 -13.16
C VAL A 702 31.28 -2.22 -12.19
N LYS A 703 31.60 -3.30 -11.38
CA LYS A 703 32.93 -3.45 -10.65
C LYS A 703 33.96 -3.83 -11.70
N VAL A 704 33.57 -4.67 -12.66
CA VAL A 704 34.39 -5.14 -13.71
C VAL A 704 33.57 -4.96 -15.02
N PRO A 705 34.19 -4.37 -16.04
CA PRO A 705 35.52 -3.78 -16.03
C PRO A 705 35.56 -2.48 -15.19
N ALA A 706 36.75 -2.17 -14.67
CA ALA A 706 37.04 -0.90 -13.99
C ALA A 706 37.10 0.29 -14.99
N ALA A 707 37.02 1.46 -14.41
CA ALA A 707 37.13 2.67 -15.25
C ALA A 707 36.73 3.97 -14.62
N LYS B 16 -0.35 -38.77 8.71
CA LYS B 16 0.21 -37.38 8.82
C LYS B 16 -0.54 -36.30 8.01
N ILE B 17 -0.92 -36.51 6.75
CA ILE B 17 -1.87 -35.62 6.06
C ILE B 17 -3.27 -35.88 6.61
N ALA B 18 -3.98 -34.83 7.01
CA ALA B 18 -5.38 -34.94 7.46
C ALA B 18 -6.23 -35.22 6.25
N THR B 19 -7.21 -36.09 6.40
CA THR B 19 -8.06 -36.48 5.27
C THR B 19 -9.57 -36.18 5.49
N THR B 20 -9.95 -35.72 6.65
CA THR B 20 -11.28 -35.36 6.97
C THR B 20 -11.31 -34.09 7.85
N VAL B 21 -12.50 -33.46 7.89
CA VAL B 21 -12.74 -32.32 8.79
C VAL B 21 -12.35 -32.72 10.21
N GLY B 22 -12.74 -33.90 10.65
CA GLY B 22 -12.45 -34.28 11.99
C GLY B 22 -10.97 -34.43 12.30
N GLU B 23 -10.25 -35.01 11.37
CA GLU B 23 -8.80 -35.13 11.56
C GLU B 23 -8.12 -33.78 11.65
N ALA B 24 -8.54 -32.84 10.80
CA ALA B 24 -8.01 -31.47 10.93
C ALA B 24 -8.44 -30.87 12.26
N ARG B 25 -9.73 -31.02 12.58
CA ARG B 25 -10.25 -30.40 13.82
C ARG B 25 -9.42 -30.84 15.02
N LEU B 26 -9.16 -32.16 15.12
CA LEU B 26 -8.43 -32.73 16.25
C LEU B 26 -6.96 -32.32 16.23
N SER B 27 -6.40 -32.09 15.05
CA SER B 27 -5.02 -31.66 14.98
C SER B 27 -4.75 -30.34 15.63
N GLY B 28 -5.68 -29.39 15.47
CA GLY B 28 -5.51 -28.06 15.97
C GLY B 28 -6.29 -27.71 17.22
N ILE B 29 -6.99 -28.68 17.81
CA ILE B 29 -7.90 -28.38 18.91
C ILE B 29 -7.29 -27.66 20.09
N ASN B 30 -5.98 -27.88 20.35
CA ASN B 30 -5.30 -27.31 21.51
C ASN B 30 -4.56 -26.01 21.24
N TYR B 31 -4.40 -25.64 19.95
CA TYR B 31 -3.49 -24.55 19.61
C TYR B 31 -4.00 -23.25 20.16
N ARG B 32 -3.11 -22.52 20.83
CA ARG B 32 -3.35 -21.19 21.39
C ARG B 32 -2.41 -20.23 20.69
N HIS B 33 -2.98 -19.13 20.20
CA HIS B 33 -2.21 -18.08 19.58
C HIS B 33 -1.52 -17.24 20.63
N PRO B 34 -0.36 -16.61 20.29
CA PRO B 34 0.48 -16.03 21.36
C PRO B 34 -0.07 -14.80 22.04
N ASP B 35 -1.05 -14.11 21.37
CA ASP B 35 -1.73 -12.97 22.00
C ASP B 35 -2.94 -13.38 22.86
N SER B 36 -3.24 -14.66 22.85
CA SER B 36 -4.30 -15.26 23.63
C SER B 36 -3.84 -16.65 24.08
N ALA B 37 -2.65 -16.69 24.62
CA ALA B 37 -1.94 -17.95 24.87
C ALA B 37 -2.57 -18.80 25.94
N LEU B 38 -3.37 -18.21 26.83
CA LEU B 38 -3.97 -18.95 27.91
C LEU B 38 -5.12 -19.80 27.45
N VAL B 39 -5.65 -19.63 26.24
CA VAL B 39 -6.88 -20.29 25.87
C VAL B 39 -6.84 -20.87 24.45
N SER B 40 -7.29 -22.12 24.39
CA SER B 40 -7.59 -22.75 23.12
C SER B 40 -9.01 -22.33 22.76
N TYR B 41 -9.21 -21.54 21.70
CA TYR B 41 -10.57 -21.18 21.33
C TYR B 41 -11.45 -22.38 21.04
N PRO B 42 -10.97 -23.44 20.37
CA PRO B 42 -11.84 -24.59 20.19
C PRO B 42 -12.32 -25.22 21.48
N VAL B 43 -11.46 -25.24 22.48
CA VAL B 43 -11.86 -25.80 23.78
C VAL B 43 -12.90 -24.88 24.44
N ALA B 44 -12.69 -23.58 24.35
CA ALA B 44 -13.67 -22.64 24.87
C ALA B 44 -15.03 -22.79 24.17
N ALA B 45 -15.04 -23.14 22.88
CA ALA B 45 -16.24 -23.25 22.05
C ALA B 45 -16.90 -24.62 22.12
N ALA B 46 -16.34 -25.56 22.89
CA ALA B 46 -16.90 -26.90 22.94
C ALA B 46 -18.28 -26.95 23.55
N ALA B 47 -18.58 -26.07 24.48
CA ALA B 47 -19.89 -25.97 25.11
C ALA B 47 -20.34 -24.54 24.93
N PRO B 48 -21.60 -24.23 25.18
CA PRO B 48 -22.03 -22.84 25.12
C PRO B 48 -21.09 -21.95 25.96
N LEU B 49 -20.90 -20.73 25.53
CA LEU B 49 -19.89 -19.89 26.16
C LEU B 49 -20.24 -19.44 27.60
N GLY B 50 -21.51 -19.49 27.97
CA GLY B 50 -21.92 -19.00 29.29
C GLY B 50 -23.43 -19.07 29.43
N ARG B 51 -23.93 -18.26 30.34
CA ARG B 51 -25.36 -18.17 30.63
C ARG B 51 -25.79 -16.75 30.59
N LEU B 52 -27.07 -16.54 30.22
CA LEU B 52 -27.69 -15.23 30.26
C LEU B 52 -28.79 -15.23 31.32
N PRO B 53 -29.06 -14.11 31.97
CA PRO B 53 -30.28 -14.00 32.76
C PRO B 53 -31.51 -14.27 31.92
N ALA B 54 -32.60 -14.70 32.56
CA ALA B 54 -33.84 -14.82 31.86
C ALA B 54 -34.21 -13.51 31.24
N GLY B 55 -34.85 -13.51 30.08
CA GLY B 55 -35.24 -12.31 29.40
C GLY B 55 -35.49 -12.59 27.95
N ASN B 56 -35.93 -11.53 27.28
CA ASN B 56 -36.21 -11.53 25.84
C ASN B 56 -35.32 -10.50 25.19
N TYR B 57 -34.20 -10.94 24.67
CA TYR B 57 -33.14 -10.08 24.21
C TYR B 57 -33.38 -9.67 22.76
N ARG B 58 -33.13 -8.43 22.44
CA ARG B 58 -33.15 -7.96 21.07
C ARG B 58 -31.71 -7.61 20.74
N ILE B 59 -31.12 -8.38 19.83
CA ILE B 59 -29.74 -8.22 19.44
C ILE B 59 -29.66 -7.95 17.96
N ALA B 60 -28.79 -7.07 17.56
CA ALA B 60 -28.48 -6.87 16.13
C ALA B 60 -27.10 -7.43 15.87
N ILE B 61 -26.96 -8.04 14.70
CA ILE B 61 -25.65 -8.40 14.12
C ILE B 61 -25.56 -7.62 12.81
N VAL B 62 -24.57 -6.75 12.72
CA VAL B 62 -24.30 -5.98 11.51
C VAL B 62 -23.25 -6.76 10.75
N GLY B 63 -23.67 -7.37 9.65
CA GLY B 63 -22.80 -8.15 8.79
C GLY B 63 -23.06 -9.65 8.90
N GLY B 64 -23.26 -10.25 7.73
CA GLY B 64 -23.52 -11.64 7.59
C GLY B 64 -22.35 -12.42 6.98
N GLY B 65 -21.13 -12.07 7.33
CA GLY B 65 -19.97 -12.83 6.95
C GLY B 65 -19.59 -13.82 8.05
N ALA B 66 -18.39 -14.35 7.95
CA ALA B 66 -17.95 -15.35 8.90
C ALA B 66 -18.07 -14.89 10.37
N GLY B 67 -17.69 -13.68 10.62
CA GLY B 67 -17.76 -13.16 12.00
C GLY B 67 -19.19 -13.08 12.50
N GLY B 68 -20.08 -12.50 11.70
CA GLY B 68 -21.45 -12.35 12.11
C GLY B 68 -22.18 -13.66 12.29
N ILE B 69 -21.92 -14.59 11.36
CA ILE B 69 -22.59 -15.89 11.40
C ILE B 69 -22.06 -16.77 12.50
N ALA B 70 -20.76 -16.76 12.77
CA ALA B 70 -20.27 -17.48 13.93
C ALA B 70 -20.87 -16.89 15.22
N ALA B 71 -20.96 -15.58 15.29
CA ALA B 71 -21.59 -14.93 16.46
C ALA B 71 -23.04 -15.40 16.59
N LEU B 72 -23.76 -15.45 15.47
CA LEU B 72 -25.11 -15.97 15.47
C LEU B 72 -25.21 -17.37 16.01
N TYR B 73 -24.31 -18.23 15.54
CA TYR B 73 -24.27 -19.61 15.99
C TYR B 73 -24.08 -19.67 17.51
N GLU B 74 -23.12 -18.93 18.04
CA GLU B 74 -22.89 -18.87 19.48
C GLU B 74 -24.10 -18.31 20.24
N LEU B 75 -24.77 -17.32 19.68
CA LEU B 75 -26.02 -16.84 20.28
C LEU B 75 -27.09 -17.90 20.30
N GLY B 76 -27.16 -18.73 19.25
CA GLY B 76 -28.09 -19.85 19.23
C GLY B 76 -27.81 -20.85 20.33
N ARG B 77 -26.53 -21.16 20.50
CA ARG B 77 -26.13 -22.08 21.58
C ARG B 77 -26.58 -21.50 22.93
N LEU B 78 -26.41 -20.21 23.13
CA LEU B 78 -26.86 -19.56 24.36
C LEU B 78 -28.41 -19.58 24.47
N ALA B 79 -29.08 -19.30 23.38
CA ALA B 79 -30.53 -19.19 23.42
C ALA B 79 -31.16 -20.50 23.87
N ALA B 80 -30.59 -21.61 23.41
CA ALA B 80 -31.15 -22.91 23.72
C ALA B 80 -31.16 -23.19 25.20
N THR B 81 -30.33 -22.51 25.98
CA THR B 81 -30.24 -22.70 27.39
C THR B 81 -31.22 -21.81 28.20
N LEU B 82 -31.93 -20.93 27.52
CA LEU B 82 -32.82 -20.01 28.26
C LEU B 82 -34.10 -20.71 28.64
N PRO B 83 -34.72 -20.26 29.74
CA PRO B 83 -35.96 -20.92 30.22
C PRO B 83 -37.17 -20.58 29.39
N ALA B 84 -38.25 -21.27 29.65
CA ALA B 84 -39.50 -21.02 28.96
C ALA B 84 -39.88 -19.57 29.10
N GLY B 85 -40.26 -18.97 28.00
CA GLY B 85 -40.63 -17.58 27.93
C GLY B 85 -39.57 -16.60 27.61
N SER B 86 -38.33 -17.05 27.65
CA SER B 86 -37.17 -16.28 27.30
C SER B 86 -36.74 -16.58 25.87
N GLY B 87 -35.87 -15.74 25.30
CA GLY B 87 -35.41 -15.98 23.95
C GLY B 87 -34.49 -14.86 23.51
N ILE B 88 -33.96 -15.05 22.32
CA ILE B 88 -33.14 -14.07 21.64
C ILE B 88 -33.74 -13.82 20.25
N ASP B 89 -33.98 -12.55 19.94
CA ASP B 89 -34.35 -12.13 18.61
C ASP B 89 -33.18 -11.40 18.04
N VAL B 90 -32.73 -11.87 16.86
CA VAL B 90 -31.61 -11.25 16.16
C VAL B 90 -32.09 -10.63 14.85
N GLN B 91 -31.75 -9.37 14.62
CA GLN B 91 -31.86 -8.73 13.32
C GLN B 91 -30.46 -8.74 12.73
N ILE B 92 -30.27 -9.41 11.58
CA ILE B 92 -28.98 -9.42 10.92
C ILE B 92 -29.08 -8.47 9.70
N TYR B 93 -28.23 -7.47 9.74
CA TYR B 93 -28.12 -6.53 8.66
C TYR B 93 -27.10 -6.99 7.68
N GLU B 94 -27.45 -7.03 6.38
CA GLU B 94 -26.54 -7.47 5.33
C GLU B 94 -26.79 -6.67 4.10
N ALA B 95 -25.89 -5.74 3.79
CA ALA B 95 -26.02 -4.79 2.69
C ALA B 95 -25.69 -5.43 1.33
N ASP B 96 -24.94 -6.51 1.26
CA ASP B 96 -24.46 -7.05 0.00
C ASP B 96 -25.60 -7.70 -0.74
N PRO B 97 -25.99 -7.19 -1.94
CA PRO B 97 -27.10 -7.81 -2.62
C PRO B 97 -26.84 -9.24 -3.07
N ASP B 98 -25.57 -9.65 -3.13
CA ASP B 98 -25.20 -11.00 -3.54
C ASP B 98 -25.05 -11.96 -2.38
N SER B 99 -25.31 -11.52 -1.13
CA SER B 99 -25.20 -12.41 0.00
C SER B 99 -26.13 -13.61 -0.14
N PHE B 100 -25.65 -14.76 0.34
CA PHE B 100 -26.47 -15.92 0.45
C PHE B 100 -27.70 -15.65 1.29
N LEU B 101 -27.67 -14.73 2.21
CA LEU B 101 -28.81 -14.46 3.05
C LEU B 101 -30.00 -13.91 2.30
N HIS B 102 -29.80 -13.33 1.12
CA HIS B 102 -30.89 -12.77 0.33
C HIS B 102 -31.30 -13.70 -0.80
N ASP B 103 -30.81 -14.93 -0.81
CA ASP B 103 -31.10 -15.89 -1.83
C ASP B 103 -31.77 -17.10 -1.21
N ARG B 104 -32.65 -16.93 -0.27
CA ARG B 104 -33.42 -18.11 0.14
C ARG B 104 -34.86 -18.12 -0.23
N ALA B 109 -21.07 -17.86 -18.80
CA ALA B 109 -21.67 -16.89 -17.85
C ALA B 109 -21.06 -17.06 -16.50
N ILE B 110 -21.03 -15.97 -15.73
CA ILE B 110 -20.50 -15.95 -14.38
C ILE B 110 -21.56 -15.45 -13.40
N LYS B 111 -22.00 -16.35 -12.52
CA LYS B 111 -22.98 -16.00 -11.50
C LYS B 111 -22.30 -15.80 -10.15
N VAL B 112 -22.63 -14.68 -9.48
CA VAL B 112 -22.19 -14.41 -8.13
C VAL B 112 -23.39 -14.24 -7.16
N ARG B 113 -24.59 -14.05 -7.65
CA ARG B 113 -25.73 -13.77 -6.80
C ARG B 113 -26.00 -14.98 -5.88
N GLY B 114 -26.06 -14.70 -4.59
CA GLY B 114 -26.29 -15.71 -3.61
C GLY B 114 -25.06 -16.51 -3.21
N LEU B 115 -23.91 -16.21 -3.81
CA LEU B 115 -22.72 -16.99 -3.61
C LEU B 115 -21.65 -16.28 -2.82
N LYS B 116 -22.04 -15.23 -2.09
CA LYS B 116 -21.15 -14.53 -1.21
C LYS B 116 -21.61 -14.63 0.22
N ALA B 117 -20.63 -14.75 1.11
CA ALA B 117 -20.76 -14.52 2.55
C ALA B 117 -19.62 -13.57 2.88
N GLY B 118 -19.78 -12.31 2.56
CA GLY B 118 -18.68 -11.35 2.71
C GLY B 118 -17.52 -11.70 1.80
N ARG B 119 -16.36 -11.89 2.42
CA ARG B 119 -15.11 -12.22 1.74
C ARG B 119 -14.92 -13.71 1.50
N VAL B 120 -15.90 -14.53 1.87
CA VAL B 120 -16.03 -15.91 1.36
C VAL B 120 -16.90 -15.77 0.10
N SER B 121 -16.37 -15.89 -1.08
CA SER B 121 -17.04 -15.36 -2.24
C SER B 121 -16.77 -16.25 -3.45
N ALA B 122 -17.79 -16.89 -4.00
CA ALA B 122 -17.65 -17.79 -5.15
C ALA B 122 -18.23 -17.15 -6.40
N ALA B 123 -17.66 -17.48 -7.53
CA ALA B 123 -18.21 -17.14 -8.82
C ALA B 123 -18.40 -18.46 -9.57
N LEU B 124 -19.64 -18.74 -9.96
CA LEU B 124 -20.03 -19.96 -10.67
C LEU B 124 -20.00 -19.75 -12.14
N VAL B 125 -19.13 -20.49 -12.85
CA VAL B 125 -19.02 -20.40 -14.29
C VAL B 125 -19.90 -21.45 -14.89
N HIS B 126 -20.80 -21.07 -15.77
CA HIS B 126 -21.77 -22.01 -16.33
C HIS B 126 -22.10 -21.53 -17.73
N ASN B 127 -22.82 -22.38 -18.47
CA ASN B 127 -23.20 -22.03 -19.86
C ASN B 127 -24.62 -21.72 -20.14
N GLY B 128 -25.36 -21.43 -19.09
CA GLY B 128 -26.78 -21.06 -19.19
C GLY B 128 -27.59 -21.76 -18.13
N ASP B 129 -27.13 -22.88 -17.63
CA ASP B 129 -27.76 -23.62 -16.53
C ASP B 129 -26.85 -23.64 -15.31
N PRO B 130 -27.13 -22.79 -14.30
CA PRO B 130 -26.26 -22.73 -13.16
C PRO B 130 -26.24 -23.98 -12.30
N ALA B 131 -27.21 -24.87 -12.52
CA ALA B 131 -27.17 -26.16 -11.82
C ALA B 131 -26.24 -27.18 -12.45
N SER B 132 -25.69 -26.86 -13.60
CA SER B 132 -24.72 -27.72 -14.28
C SER B 132 -23.54 -26.88 -14.76
N GLY B 133 -22.78 -26.37 -13.82
CA GLY B 133 -21.70 -25.55 -14.10
C GLY B 133 -20.42 -26.22 -14.51
N ASP B 134 -19.46 -25.38 -14.96
CA ASP B 134 -18.16 -25.83 -15.38
C ASP B 134 -17.13 -25.80 -14.26
N THR B 135 -17.02 -24.68 -13.55
CA THR B 135 -16.06 -24.52 -12.48
C THR B 135 -16.53 -23.39 -11.54
N ILE B 136 -15.78 -23.23 -10.46
CA ILE B 136 -15.98 -22.22 -9.43
C ILE B 136 -14.71 -21.43 -9.31
N TYR B 137 -14.80 -20.12 -9.27
CA TYR B 137 -13.68 -19.27 -8.87
C TYR B 137 -13.88 -18.91 -7.39
N GLU B 138 -12.91 -19.25 -6.55
CA GLU B 138 -12.91 -18.83 -5.13
C GLU B 138 -12.26 -17.47 -5.09
N VAL B 139 -13.07 -16.45 -5.01
CA VAL B 139 -12.64 -15.08 -5.16
C VAL B 139 -11.99 -14.51 -3.90
N GLY B 140 -12.38 -15.04 -2.75
CA GLY B 140 -11.81 -14.66 -1.44
C GLY B 140 -11.18 -15.84 -0.79
N ALA B 141 -11.69 -16.25 0.36
CA ALA B 141 -11.12 -17.34 1.13
C ALA B 141 -11.02 -18.61 0.33
N MET B 142 -9.88 -19.34 0.47
CA MET B 142 -9.74 -20.56 -0.31
C MET B 142 -8.86 -21.63 0.30
N ARG B 143 -8.03 -21.32 1.31
CA ARG B 143 -7.08 -22.34 1.80
C ARG B 143 -6.94 -22.25 3.31
N PHE B 144 -7.08 -23.41 3.98
CA PHE B 144 -7.37 -23.37 5.45
C PHE B 144 -6.31 -24.14 6.20
N PRO B 145 -5.56 -23.47 7.09
CA PRO B 145 -4.47 -24.17 7.79
C PRO B 145 -4.97 -25.39 8.59
N GLU B 146 -4.14 -26.41 8.62
CA GLU B 146 -4.46 -27.61 9.43
C GLU B 146 -4.79 -27.28 10.85
N ILE B 147 -4.02 -26.38 11.45
CA ILE B 147 -4.13 -26.03 12.86
C ILE B 147 -5.06 -24.88 13.15
N ALA B 148 -5.89 -24.51 12.14
CA ALA B 148 -6.95 -23.50 12.33
C ALA B 148 -8.10 -24.16 13.09
N GLY B 149 -7.87 -24.34 14.40
CA GLY B 149 -8.77 -25.20 15.18
C GLY B 149 -10.19 -24.68 15.22
N LEU B 150 -10.41 -23.38 15.32
CA LEU B 150 -11.76 -22.89 15.41
C LEU B 150 -12.45 -23.04 14.05
N THR B 151 -11.73 -22.82 12.96
CA THR B 151 -12.24 -23.01 11.62
C THR B 151 -12.76 -24.42 11.47
N TRP B 152 -11.92 -25.41 11.86
CA TRP B 152 -12.33 -26.80 11.70
C TRP B 152 -13.41 -27.21 12.71
N HIS B 153 -13.44 -26.58 13.90
CA HIS B 153 -14.54 -26.77 14.84
C HIS B 153 -15.89 -26.38 14.14
N TYR B 154 -15.93 -25.20 13.54
CA TYR B 154 -17.16 -24.79 12.88
C TYR B 154 -17.41 -25.59 11.65
N ALA B 155 -16.34 -26.03 10.93
CA ALA B 155 -16.55 -26.88 9.78
C ALA B 155 -17.19 -28.17 10.18
N SER B 156 -16.86 -28.71 11.34
CA SER B 156 -17.53 -29.90 11.83
C SER B 156 -19.01 -29.64 12.12
N ALA B 157 -19.30 -28.49 12.74
CA ALA B 157 -20.68 -28.14 12.97
C ALA B 157 -21.44 -28.10 11.63
N ALA B 158 -20.84 -27.60 10.57
CA ALA B 158 -21.45 -27.38 9.27
C ALA B 158 -21.53 -28.63 8.42
N PHE B 159 -20.57 -29.56 8.58
CA PHE B 159 -20.38 -30.66 7.63
C PHE B 159 -20.19 -32.04 8.27
N GLY B 160 -19.88 -32.13 9.55
CA GLY B 160 -19.52 -33.35 10.22
C GLY B 160 -18.06 -33.65 10.11
N ASP B 161 -17.57 -34.42 11.13
CA ASP B 161 -16.19 -34.81 11.17
C ASP B 161 -15.77 -35.72 10.01
N ALA B 162 -16.72 -36.48 9.47
CA ALA B 162 -16.39 -37.46 8.45
C ALA B 162 -16.13 -36.84 7.07
N ALA B 163 -16.47 -35.59 6.87
CA ALA B 163 -16.43 -35.01 5.55
C ALA B 163 -14.97 -34.93 5.03
N PRO B 164 -14.74 -35.30 3.76
CA PRO B 164 -13.34 -35.33 3.27
C PRO B 164 -12.82 -33.98 2.92
N ILE B 165 -11.52 -33.81 3.13
CA ILE B 165 -10.78 -32.62 2.74
C ILE B 165 -9.55 -33.00 1.91
N LYS B 166 -9.04 -32.05 1.15
CA LYS B 166 -7.90 -32.22 0.27
C LYS B 166 -6.82 -31.22 0.62
N VAL B 167 -5.57 -31.56 0.31
CA VAL B 167 -4.48 -30.63 0.46
C VAL B 167 -4.64 -29.50 -0.57
N PHE B 168 -4.56 -28.25 -0.16
CA PHE B 168 -4.68 -27.18 -1.12
C PHE B 168 -3.41 -27.21 -2.02
N PRO B 169 -3.56 -27.04 -3.34
CA PRO B 169 -2.42 -27.19 -4.29
C PRO B 169 -1.55 -25.93 -4.37
N ASN B 170 -0.94 -25.60 -3.23
CA ASN B 170 0.00 -24.51 -3.10
C ASN B 170 1.27 -24.76 -3.89
N PRO B 171 2.03 -23.71 -4.17
CA PRO B 171 3.39 -23.89 -4.71
C PRO B 171 4.12 -24.81 -3.76
N GLY B 172 4.78 -25.82 -4.37
CA GLY B 172 5.46 -26.84 -3.63
C GLY B 172 4.66 -28.03 -3.27
N LYS B 173 3.35 -27.91 -3.13
CA LYS B 173 2.48 -29.08 -2.90
C LYS B 173 2.18 -29.82 -4.16
N VAL B 174 2.23 -29.17 -5.27
CA VAL B 174 2.10 -29.68 -6.60
C VAL B 174 3.40 -29.24 -7.34
N PRO B 175 3.70 -29.83 -8.53
CA PRO B 175 4.87 -29.35 -9.26
C PRO B 175 4.68 -27.89 -9.60
N THR B 176 5.75 -27.14 -9.38
CA THR B 176 5.74 -25.70 -9.40
C THR B 176 6.89 -25.18 -10.23
N GLU B 177 6.64 -24.08 -10.96
CA GLU B 177 7.71 -23.28 -11.56
C GLU B 177 7.81 -21.94 -10.86
N PHE B 178 9.01 -21.60 -10.48
CA PHE B 178 9.36 -20.35 -9.85
C PHE B 178 10.25 -19.53 -10.76
N VAL B 179 9.97 -18.27 -10.97
CA VAL B 179 10.76 -17.38 -11.81
C VAL B 179 11.02 -16.07 -11.07
N PHE B 180 12.27 -15.71 -10.92
CA PHE B 180 12.68 -14.43 -10.38
C PHE B 180 13.89 -13.98 -11.16
N GLY B 181 13.82 -12.82 -11.84
CA GLY B 181 14.95 -12.39 -12.61
C GLY B 181 15.36 -13.52 -13.56
N ASN B 182 16.66 -13.80 -13.58
CA ASN B 182 17.24 -14.86 -14.40
C ASN B 182 17.07 -16.24 -13.84
N ARG B 183 16.56 -16.37 -12.63
CA ARG B 183 16.47 -17.64 -11.95
C ARG B 183 15.15 -18.32 -12.26
N VAL B 184 15.23 -19.60 -12.66
CA VAL B 184 14.08 -20.48 -12.80
C VAL B 184 14.30 -21.72 -11.94
N ASP B 185 13.30 -22.16 -11.23
CA ASP B 185 13.31 -23.42 -10.56
C ASP B 185 12.03 -24.18 -10.84
N ARG B 186 12.13 -25.47 -11.04
CA ARG B 186 11.01 -26.38 -11.10
C ARG B 186 11.20 -27.36 -9.94
N TYR B 187 10.16 -27.56 -9.13
CA TYR B 187 10.29 -28.34 -7.90
C TYR B 187 8.97 -28.83 -7.42
N VAL B 188 9.05 -29.81 -6.51
CA VAL B 188 7.90 -30.18 -5.73
C VAL B 188 8.47 -30.42 -4.32
N GLY B 189 7.92 -29.92 -3.21
CA GLY B 189 8.47 -30.06 -1.83
C GLY B 189 9.71 -29.25 -1.52
N SER B 190 10.38 -29.64 -0.36
CA SER B 190 11.63 -28.98 0.06
C SER B 190 12.82 -29.94 0.07
N ASP B 191 12.60 -31.19 -0.32
CA ASP B 191 13.67 -32.18 -0.51
C ASP B 191 14.35 -31.93 -1.83
N PRO B 192 15.64 -31.63 -1.76
CA PRO B 192 16.37 -31.33 -3.01
C PRO B 192 16.34 -32.45 -4.04
N LYS B 193 16.05 -33.66 -3.65
CA LYS B 193 15.96 -34.70 -4.60
C LYS B 193 14.87 -34.42 -5.63
N ASP B 194 13.88 -33.62 -5.27
CA ASP B 194 12.78 -33.33 -6.13
C ASP B 194 12.78 -31.87 -6.65
N TRP B 195 13.93 -31.25 -6.58
CA TRP B 195 14.21 -30.00 -7.31
C TRP B 195 14.98 -30.33 -8.56
N GLU B 196 14.62 -29.65 -9.66
CA GLU B 196 15.36 -29.86 -10.88
C GLU B 196 16.82 -29.52 -10.72
N ASP B 197 17.13 -28.48 -9.97
CA ASP B 197 18.48 -28.09 -9.62
C ASP B 197 18.71 -28.22 -8.14
N PRO B 198 19.29 -29.36 -7.68
CA PRO B 198 19.51 -29.51 -6.23
C PRO B 198 20.51 -28.55 -5.66
N ASP B 199 21.26 -27.88 -6.50
CA ASP B 199 22.18 -26.83 -6.08
C ASP B 199 21.56 -25.45 -6.19
N SER B 200 20.24 -25.35 -6.32
CA SER B 200 19.61 -24.07 -6.54
C SER B 200 19.94 -23.06 -5.44
N PRO B 201 20.22 -21.81 -5.81
CA PRO B 201 20.34 -20.74 -4.79
C PRO B 201 19.04 -20.50 -4.06
N THR B 202 17.92 -20.80 -4.70
CA THR B 202 16.61 -20.59 -4.09
C THR B 202 16.45 -21.49 -2.91
N LEU B 203 16.83 -22.78 -3.07
CA LEU B 203 16.79 -23.70 -1.96
C LEU B 203 17.72 -23.25 -0.86
N LYS B 204 18.91 -22.75 -1.19
CA LYS B 204 19.84 -22.31 -0.17
C LYS B 204 19.27 -21.17 0.64
N VAL B 205 18.72 -20.18 -0.04
CA VAL B 205 18.19 -19.00 0.67
C VAL B 205 16.97 -19.38 1.49
N LEU B 206 16.14 -20.30 1.00
CA LEU B 206 15.00 -20.77 1.77
C LEU B 206 15.48 -21.40 3.10
N GLY B 207 16.52 -22.22 3.02
CA GLY B 207 17.04 -22.85 4.22
C GLY B 207 17.62 -21.85 5.18
N VAL B 208 18.32 -20.83 4.67
CA VAL B 208 18.85 -19.76 5.50
C VAL B 208 17.71 -19.02 6.22
N VAL B 209 16.69 -18.65 5.49
CA VAL B 209 15.61 -17.87 6.07
C VAL B 209 14.80 -18.66 7.03
N ALA B 210 14.57 -19.97 6.75
CA ALA B 210 13.93 -20.90 7.77
C ALA B 210 14.74 -21.04 8.98
N GLY B 211 16.02 -21.30 8.92
CA GLY B 211 16.88 -21.42 10.10
C GLY B 211 16.76 -20.17 10.86
N GLY B 212 16.77 -19.05 10.16
CA GLY B 212 16.86 -17.80 10.90
C GLY B 212 15.56 -17.39 11.53
N LEU B 213 14.43 -17.70 10.94
CA LEU B 213 13.15 -17.29 11.47
C LEU B 213 12.51 -18.32 12.37
N VAL B 214 12.56 -19.59 11.98
CA VAL B 214 11.83 -20.63 12.64
C VAL B 214 12.71 -21.43 13.59
N GLY B 215 13.90 -21.76 13.15
CA GLY B 215 14.80 -22.55 13.97
C GLY B 215 14.37 -23.99 14.13
N ASN B 216 14.86 -24.61 15.21
CA ASN B 216 14.76 -26.04 15.39
C ASN B 216 13.85 -26.41 16.53
N PRO B 217 12.98 -27.40 16.34
CA PRO B 217 12.11 -27.84 17.43
C PRO B 217 12.84 -28.61 18.54
N GLN B 218 14.00 -29.18 18.21
CA GLN B 218 14.79 -29.88 19.20
C GLN B 218 16.21 -29.39 19.10
N GLY B 219 16.98 -29.68 20.15
CA GLY B 219 18.40 -29.33 20.16
C GLY B 219 18.68 -27.83 20.14
N GLU B 220 19.81 -27.49 19.52
CA GLU B 220 20.38 -26.18 19.55
C GLU B 220 19.35 -25.15 19.01
N ASN B 221 19.42 -23.98 19.59
CA ASN B 221 18.63 -22.87 19.06
C ASN B 221 19.48 -22.10 18.04
N VAL B 222 18.97 -21.99 16.83
CA VAL B 222 19.66 -21.33 15.73
C VAL B 222 18.92 -20.15 15.16
N ALA B 223 17.72 -19.84 15.65
CA ALA B 223 16.97 -18.75 15.06
C ALA B 223 17.54 -17.40 15.56
N MET B 224 17.33 -16.40 14.70
CA MET B 224 17.83 -15.06 14.99
C MET B 224 16.97 -14.24 15.90
N TYR B 225 15.68 -14.56 15.97
CA TYR B 225 14.70 -13.76 16.75
C TYR B 225 14.04 -14.70 17.76
N PRO B 226 14.69 -14.98 18.87
CA PRO B 226 14.15 -15.95 19.84
C PRO B 226 12.90 -15.41 20.55
N ILE B 227 12.13 -16.36 21.07
CA ILE B 227 11.01 -16.10 21.94
C ILE B 227 11.37 -16.87 23.26
N ALA B 228 11.33 -16.16 24.38
CA ALA B 228 11.76 -16.88 25.65
C ALA B 228 13.11 -17.50 25.49
N ASN B 229 13.97 -16.83 24.78
CA ASN B 229 15.33 -17.29 24.58
C ASN B 229 15.50 -18.55 23.76
N VAL B 230 14.46 -19.05 23.12
CA VAL B 230 14.52 -20.26 22.33
C VAL B 230 13.97 -20.04 20.95
N ASP B 231 14.18 -21.01 20.06
CA ASP B 231 13.65 -20.90 18.70
C ASP B 231 12.15 -20.90 18.70
N PRO B 232 11.55 -20.16 17.78
CA PRO B 232 10.09 -20.21 17.63
C PRO B 232 9.53 -21.62 17.47
N ALA B 233 10.23 -22.50 16.76
CA ALA B 233 9.74 -23.85 16.62
C ALA B 233 9.45 -24.49 17.96
N LYS B 234 10.26 -24.21 18.95
CA LYS B 234 10.05 -24.80 20.28
C LYS B 234 8.79 -24.21 20.96
N ILE B 235 8.58 -22.91 20.78
CA ILE B 235 7.39 -22.26 21.35
C ILE B 235 6.12 -22.76 20.67
N ALA B 236 6.18 -22.98 19.34
CA ALA B 236 5.03 -23.49 18.60
C ALA B 236 4.56 -24.83 19.19
N ALA B 237 5.51 -25.70 19.57
CA ALA B 237 5.16 -27.00 20.13
C ALA B 237 4.48 -26.87 21.47
N ILE B 238 4.87 -25.89 22.28
CA ILE B 238 4.23 -25.60 23.57
C ILE B 238 2.81 -25.07 23.34
N LEU B 239 2.66 -24.11 22.47
CA LEU B 239 1.35 -23.54 22.15
C LEU B 239 0.39 -24.58 21.64
N ASN B 240 0.89 -25.63 20.97
CA ASN B 240 0.05 -26.66 20.42
C ASN B 240 -0.15 -27.89 21.34
N ALA B 241 0.46 -27.89 22.50
CA ALA B 241 0.47 -29.07 23.38
C ALA B 241 -0.88 -29.19 24.05
N ALA B 242 -1.31 -30.44 24.20
CA ALA B 242 -2.52 -30.76 24.97
C ALA B 242 -2.40 -30.25 26.42
N THR B 243 -1.24 -30.51 27.00
CA THR B 243 -0.94 -30.20 28.40
C THR B 243 0.43 -29.64 28.51
N PRO B 244 0.56 -28.36 28.23
CA PRO B 244 1.87 -27.73 28.38
C PRO B 244 2.36 -27.72 29.83
N PRO B 245 3.64 -27.40 30.02
CA PRO B 245 4.14 -27.36 31.40
C PRO B 245 3.43 -26.31 32.23
N ALA B 246 3.32 -26.48 33.54
CA ALA B 246 2.67 -25.55 34.43
C ALA B 246 3.35 -24.17 34.20
N ASP B 247 2.52 -23.11 34.16
CA ASP B 247 2.96 -21.72 34.03
C ASP B 247 3.49 -21.32 32.65
N ALA B 248 3.69 -22.27 31.74
CA ALA B 248 4.29 -21.90 30.43
C ALA B 248 3.39 -20.97 29.64
N LEU B 249 2.11 -21.29 29.56
CA LEU B 249 1.21 -20.40 28.82
C LEU B 249 1.06 -19.02 29.44
N GLU B 250 1.01 -18.95 30.78
CA GLU B 250 0.92 -17.65 31.43
C GLU B 250 2.18 -16.86 31.16
N ARG B 251 3.36 -17.48 31.20
CA ARG B 251 4.58 -16.73 30.98
C ARG B 251 4.71 -16.26 29.55
N ILE B 252 4.27 -17.08 28.60
CA ILE B 252 4.21 -16.62 27.22
C ILE B 252 3.28 -15.42 27.09
N GLN B 253 2.10 -15.54 27.68
CA GLN B 253 1.07 -14.49 27.50
C GLN B 253 1.48 -13.14 28.10
N THR B 254 2.07 -13.17 29.30
CA THR B 254 2.32 -11.96 30.06
C THR B 254 3.75 -11.47 29.95
N LYS B 255 4.69 -12.34 29.68
CA LYS B 255 6.10 -11.98 29.66
C LYS B 255 6.71 -12.14 28.28
N TYR B 256 6.80 -13.37 27.78
CA TYR B 256 7.68 -13.62 26.64
C TYR B 256 7.15 -13.10 25.31
N TRP B 257 5.86 -13.26 25.04
CA TRP B 257 5.35 -12.68 23.81
C TRP B 257 5.33 -11.17 23.87
N PRO B 258 4.90 -10.52 24.97
CA PRO B 258 5.05 -9.06 25.08
C PRO B 258 6.47 -8.61 24.90
N GLU B 259 7.47 -9.34 25.41
CA GLU B 259 8.85 -8.96 25.22
C GLU B 259 9.28 -9.07 23.76
N PHE B 260 8.80 -10.08 23.04
CA PHE B 260 9.09 -10.19 21.60
C PHE B 260 8.48 -9.02 20.88
N ILE B 261 7.24 -8.64 21.20
CA ILE B 261 6.64 -7.48 20.60
C ILE B 261 7.42 -6.22 20.88
N ALA B 262 7.84 -6.03 22.13
CA ALA B 262 8.58 -4.82 22.48
C ALA B 262 9.88 -4.74 21.68
N GLN B 263 10.53 -5.86 21.44
CA GLN B 263 11.80 -5.87 20.70
C GLN B 263 11.62 -5.72 19.22
N TYR B 264 10.62 -6.35 18.65
CA TYR B 264 10.57 -6.58 17.20
C TYR B 264 9.41 -6.04 16.46
N ASP B 265 8.44 -5.39 17.15
CA ASP B 265 7.34 -4.83 16.42
C ASP B 265 7.67 -3.61 15.58
N GLY B 266 8.83 -3.05 15.78
CA GLY B 266 9.37 -2.03 14.94
C GLY B 266 10.27 -2.50 13.84
N LEU B 267 10.29 -3.82 13.56
CA LEU B 267 11.12 -4.45 12.53
C LEU B 267 10.21 -5.05 11.50
N THR B 268 10.35 -4.70 10.24
CA THR B 268 9.58 -5.30 9.18
C THR B 268 10.11 -6.70 8.83
N LEU B 269 9.23 -7.46 8.21
CA LEU B 269 9.64 -8.75 7.64
C LEU B 269 10.78 -8.59 6.65
N GLY B 270 10.67 -7.62 5.75
CA GLY B 270 11.75 -7.44 4.78
C GLY B 270 13.08 -7.10 5.47
N ALA B 271 13.03 -6.28 6.51
CA ALA B 271 14.23 -5.95 7.22
C ALA B 271 14.81 -7.18 7.92
N ALA B 272 13.97 -8.02 8.49
CA ALA B 272 14.40 -9.26 9.16
C ALA B 272 15.06 -10.20 8.15
N VAL B 273 14.43 -10.38 6.98
CA VAL B 273 15.03 -11.23 5.94
C VAL B 273 16.41 -10.71 5.62
N ARG B 274 16.56 -9.41 5.43
CA ARG B 274 17.87 -8.84 5.07
C ARG B 274 18.88 -9.08 6.19
N GLU B 275 18.46 -8.95 7.46
CA GLU B 275 19.40 -9.18 8.55
C GLU B 275 19.89 -10.64 8.49
N ILE B 276 18.99 -11.58 8.29
CA ILE B 276 19.33 -13.00 8.27
C ILE B 276 20.26 -13.29 7.09
N VAL B 277 19.89 -12.79 5.91
CA VAL B 277 20.72 -13.02 4.71
C VAL B 277 22.10 -12.43 4.89
N THR B 278 22.17 -11.24 5.50
CA THR B 278 23.47 -10.57 5.68
C THR B 278 24.41 -11.44 6.52
N VAL B 279 23.89 -11.94 7.62
CA VAL B 279 24.72 -12.77 8.50
C VAL B 279 25.18 -14.02 7.73
N ALA B 280 24.28 -14.65 6.96
CA ALA B 280 24.61 -15.87 6.22
C ALA B 280 25.62 -15.59 5.13
N PHE B 281 25.52 -14.44 4.48
CA PHE B 281 26.48 -14.06 3.48
C PHE B 281 27.83 -13.81 4.08
N GLU B 282 27.90 -13.12 5.20
CA GLU B 282 29.16 -12.91 5.89
C GLU B 282 29.87 -14.21 6.34
N LYS B 283 29.03 -15.18 6.74
CA LYS B 283 29.51 -16.49 7.18
C LYS B 283 29.99 -17.38 6.01
N GLY B 284 29.56 -16.97 4.77
CA GLY B 284 29.85 -17.78 3.60
C GLY B 284 28.88 -18.85 3.22
N THR B 285 27.74 -18.89 3.91
CA THR B 285 26.70 -19.82 3.59
C THR B 285 26.04 -19.47 2.26
N LEU B 286 25.94 -18.19 1.94
CA LEU B 286 25.41 -17.75 0.70
C LEU B 286 26.60 -17.15 -0.04
N PRO B 287 26.89 -17.63 -1.23
CA PRO B 287 28.07 -17.13 -1.98
C PRO B 287 27.81 -15.90 -2.76
N PRO B 288 28.86 -15.19 -3.22
CA PRO B 288 28.56 -14.11 -4.23
C PRO B 288 27.72 -14.66 -5.35
N VAL B 289 26.72 -13.91 -5.80
CA VAL B 289 25.71 -14.55 -6.73
C VAL B 289 26.30 -15.20 -8.00
N ASP B 290 27.17 -14.42 -8.52
CA ASP B 290 28.10 -14.92 -9.52
C ASP B 290 29.37 -14.13 -9.29
N GLY B 291 30.30 -14.23 -10.19
CA GLY B 291 31.58 -13.47 -10.05
C GLY B 291 31.52 -11.96 -10.28
N VAL B 292 30.40 -11.47 -10.75
CA VAL B 292 30.24 -10.03 -11.05
C VAL B 292 29.64 -9.20 -9.86
N LEU B 293 28.58 -9.72 -9.20
CA LEU B 293 27.84 -8.87 -8.16
C LEU B 293 28.68 -8.52 -6.89
N ASP B 294 28.70 -7.24 -6.50
CA ASP B 294 29.27 -6.85 -5.18
C ASP B 294 28.57 -7.35 -3.94
N VAL B 295 29.03 -7.02 -2.73
CA VAL B 295 28.50 -7.62 -1.54
C VAL B 295 27.03 -7.20 -1.36
N ASP B 296 26.73 -5.93 -1.40
CA ASP B 296 25.40 -5.48 -1.10
C ASP B 296 24.51 -5.89 -2.26
N GLU B 297 24.91 -6.01 -3.54
CA GLU B 297 24.09 -6.48 -4.60
C GLU B 297 23.75 -7.96 -4.43
N SER B 298 24.73 -8.74 -3.95
CA SER B 298 24.44 -10.15 -3.73
C SER B 298 23.42 -10.34 -2.62
N ILE B 299 23.64 -9.63 -1.52
CA ILE B 299 22.69 -9.70 -0.42
C ILE B 299 21.28 -9.33 -0.91
N SER B 300 21.20 -8.23 -1.65
CA SER B 300 19.94 -7.75 -2.13
C SER B 300 19.27 -8.78 -3.07
N TYR B 301 20.07 -9.38 -3.97
CA TYR B 301 19.58 -10.39 -4.82
C TYR B 301 18.92 -11.53 -4.00
N TYR B 302 19.62 -12.01 -2.99
CA TYR B 302 19.07 -13.09 -2.18
C TYR B 302 17.80 -12.68 -1.42
N VAL B 303 17.78 -11.49 -0.87
CA VAL B 303 16.58 -11.00 -0.18
C VAL B 303 15.40 -10.96 -1.14
N GLU B 304 15.62 -10.48 -2.36
CA GLU B 304 14.57 -10.34 -3.33
C GLU B 304 14.17 -11.67 -3.91
N LEU B 305 15.12 -12.60 -4.08
CA LEU B 305 14.85 -13.95 -4.52
C LEU B 305 13.93 -14.66 -3.52
N PHE B 306 14.32 -14.64 -2.23
CA PHE B 306 13.46 -15.18 -1.20
C PHE B 306 12.09 -14.47 -1.19
N GLY B 307 12.13 -13.17 -1.39
CA GLY B 307 10.88 -12.42 -1.42
C GLY B 307 9.91 -12.94 -2.44
N ARG B 308 10.39 -13.28 -3.63
CA ARG B 308 9.49 -13.78 -4.62
C ARG B 308 9.09 -15.25 -4.36
N PHE B 309 9.95 -16.02 -3.69
CA PHE B 309 9.69 -17.45 -3.48
C PHE B 309 8.65 -17.71 -2.41
N GLY B 310 8.87 -17.18 -1.21
CA GLY B 310 7.92 -17.32 -0.09
C GLY B 310 8.12 -18.49 0.82
N PHE B 311 7.08 -18.69 1.62
CA PHE B 311 7.02 -19.59 2.76
C PHE B 311 6.09 -20.79 2.53
N GLY B 312 5.56 -20.93 1.33
CA GLY B 312 4.66 -21.97 1.00
C GLY B 312 3.38 -21.55 0.36
N THR B 313 3.10 -20.24 0.25
CA THR B 313 1.91 -19.76 -0.36
C THR B 313 2.22 -18.65 -1.41
N GLY B 314 3.46 -18.66 -1.95
CA GLY B 314 3.89 -17.69 -2.94
C GLY B 314 4.68 -16.55 -2.31
N GLY B 315 5.21 -15.65 -3.13
CA GLY B 315 6.13 -14.68 -2.60
C GLY B 315 5.50 -13.78 -1.55
N PHE B 316 6.25 -13.59 -0.46
CA PHE B 316 5.90 -12.60 0.56
C PHE B 316 6.62 -11.28 0.40
N LYS B 317 7.39 -11.07 -0.69
CA LYS B 317 7.90 -9.76 -1.02
C LYS B 317 6.82 -8.68 -0.89
N PRO B 318 5.62 -8.83 -1.46
CA PRO B 318 4.63 -7.75 -1.30
C PRO B 318 4.24 -7.51 0.15
N LEU B 319 4.43 -8.49 1.01
CA LEU B 319 4.12 -8.40 2.44
C LEU B 319 5.31 -8.03 3.27
N TYR B 320 6.43 -7.58 2.66
CA TYR B 320 7.62 -7.30 3.40
C TYR B 320 7.47 -6.18 4.41
N ASN B 321 6.46 -5.31 4.30
CA ASN B 321 6.26 -4.26 5.26
C ASN B 321 5.55 -4.70 6.54
N ILE B 322 5.01 -5.92 6.57
CA ILE B 322 4.37 -6.38 7.80
C ILE B 322 5.40 -6.41 8.90
N SER B 323 4.94 -6.24 10.15
CA SER B 323 5.81 -6.43 11.28
C SER B 323 6.33 -7.86 11.32
N LEU B 324 7.54 -8.05 11.81
CA LEU B 324 8.03 -9.38 12.10
C LEU B 324 7.08 -10.10 13.06
N VAL B 325 6.45 -9.39 13.97
CA VAL B 325 5.52 -9.99 14.91
C VAL B 325 4.39 -10.68 14.16
N GLU B 326 3.85 -10.03 13.11
CA GLU B 326 2.79 -10.60 12.34
C GLU B 326 3.27 -11.85 11.61
N MET B 327 4.43 -11.80 10.96
CA MET B 327 4.94 -13.01 10.33
C MET B 327 5.13 -14.11 11.38
N MET B 328 5.62 -13.77 12.54
CA MET B 328 5.90 -14.76 13.57
C MET B 328 4.63 -15.50 14.00
N ARG B 329 3.50 -14.81 14.07
CA ARG B 329 2.22 -15.48 14.34
C ARG B 329 1.96 -16.63 13.36
N LEU B 330 2.22 -16.32 12.08
CA LEU B 330 1.99 -17.28 11.04
C LEU B 330 2.99 -18.43 11.08
N ILE B 331 4.24 -18.13 11.45
CA ILE B 331 5.25 -19.18 11.64
C ILE B 331 4.83 -20.10 12.76
N LEU B 332 4.43 -19.57 13.88
CA LEU B 332 4.05 -20.40 15.05
C LEU B 332 2.89 -21.33 14.69
N TRP B 333 1.97 -20.86 13.84
CA TRP B 333 0.75 -21.55 13.43
C TRP B 333 0.98 -22.57 12.32
N ASP B 334 2.21 -22.63 11.77
CA ASP B 334 2.47 -23.47 10.61
C ASP B 334 1.46 -23.18 9.50
N TYR B 335 1.29 -21.90 9.20
CA TYR B 335 0.15 -21.40 8.46
C TYR B 335 0.02 -22.02 7.08
N SER B 336 1.14 -22.40 6.44
CA SER B 336 1.13 -22.79 5.02
C SER B 336 0.59 -24.17 4.80
N ASN B 337 0.44 -24.98 5.83
CA ASN B 337 0.02 -26.36 5.70
C ASN B 337 -1.53 -26.38 5.63
N GLU B 338 -2.07 -26.28 4.43
CA GLU B 338 -3.47 -25.93 4.22
C GLU B 338 -4.28 -26.95 3.43
N TYR B 339 -5.57 -26.90 3.64
CA TYR B 339 -6.55 -27.82 3.06
C TYR B 339 -7.73 -27.05 2.48
N THR B 340 -8.51 -27.75 1.68
CA THR B 340 -9.80 -27.31 1.18
C THR B 340 -10.93 -27.73 2.11
N LEU B 341 -12.09 -27.17 1.85
CA LEU B 341 -13.30 -27.52 2.58
C LEU B 341 -14.09 -28.56 1.77
N PRO B 342 -15.00 -29.29 2.41
CA PRO B 342 -15.80 -30.34 1.73
C PRO B 342 -17.04 -29.76 1.03
N VAL B 343 -16.76 -28.94 0.01
CA VAL B 343 -17.76 -28.12 -0.63
C VAL B 343 -17.48 -28.00 -2.12
N THR B 344 -18.49 -27.60 -2.85
CA THR B 344 -18.34 -27.05 -4.18
C THR B 344 -17.92 -25.57 -4.12
N GLU B 345 -18.53 -24.80 -3.21
CA GLU B 345 -18.20 -23.40 -3.04
C GLU B 345 -18.01 -23.13 -1.55
N ASN B 346 -17.00 -22.37 -1.20
CA ASN B 346 -16.73 -22.12 0.21
C ASN B 346 -17.89 -21.41 0.94
N VAL B 347 -18.68 -20.66 0.23
CA VAL B 347 -19.85 -20.00 0.82
C VAL B 347 -20.77 -21.02 1.47
N GLU B 348 -20.80 -22.25 0.97
CA GLU B 348 -21.63 -23.29 1.59
C GLU B 348 -21.30 -23.45 3.08
N PHE B 349 -20.04 -23.27 3.47
CA PHE B 349 -19.69 -23.36 4.86
C PHE B 349 -20.47 -22.34 5.71
N ILE B 350 -20.43 -21.08 5.29
CA ILE B 350 -21.08 -20.04 6.05
C ILE B 350 -22.60 -20.22 6.03
N ARG B 351 -23.13 -20.57 4.86
CA ARG B 351 -24.57 -20.85 4.76
C ARG B 351 -24.98 -21.95 5.69
N ASN B 352 -24.24 -23.04 5.70
CA ASN B 352 -24.55 -24.16 6.62
C ASN B 352 -24.45 -23.72 8.08
N LEU B 353 -23.47 -22.91 8.43
CA LEU B 353 -23.35 -22.45 9.82
C LEU B 353 -24.56 -21.60 10.19
N PHE B 354 -25.04 -20.76 9.27
CA PHE B 354 -26.26 -19.97 9.49
C PHE B 354 -27.45 -20.87 9.77
N LEU B 355 -27.63 -21.90 8.96
CA LEU B 355 -28.74 -22.81 9.17
C LEU B 355 -28.56 -23.56 10.47
N LYS B 356 -27.35 -24.00 10.81
CA LYS B 356 -27.16 -24.68 12.06
C LYS B 356 -27.37 -23.78 13.27
N ALA B 357 -27.07 -22.51 13.14
CA ALA B 357 -27.34 -21.56 14.22
C ALA B 357 -28.80 -21.58 14.60
N GLN B 358 -29.66 -21.57 13.58
CA GLN B 358 -31.09 -21.59 13.84
C GLN B 358 -31.50 -22.90 14.45
N ASN B 359 -30.96 -24.00 13.97
CA ASN B 359 -31.28 -25.32 14.55
C ASN B 359 -30.88 -25.41 16.03
N VAL B 360 -29.65 -25.02 16.34
CA VAL B 360 -29.15 -25.15 17.69
C VAL B 360 -29.90 -24.27 18.66
N GLY B 361 -30.52 -23.18 18.17
CA GLY B 361 -31.29 -22.30 19.05
C GLY B 361 -32.51 -22.98 19.62
N ALA B 362 -32.93 -24.09 19.02
CA ALA B 362 -34.01 -24.88 19.58
C ALA B 362 -35.32 -24.10 19.73
N GLY B 363 -35.59 -23.24 18.76
CA GLY B 363 -36.73 -22.39 18.71
C GLY B 363 -36.69 -21.11 19.59
N LYS B 364 -35.68 -20.92 20.43
CA LYS B 364 -35.45 -19.80 21.31
C LYS B 364 -34.69 -18.66 20.63
N LEU B 365 -34.04 -18.96 19.49
CA LEU B 365 -33.43 -17.92 18.67
C LEU B 365 -34.30 -17.68 17.47
N VAL B 366 -34.72 -16.44 17.22
CA VAL B 366 -35.42 -16.04 16.01
C VAL B 366 -34.56 -15.05 15.28
N VAL B 367 -34.43 -15.24 13.99
CA VAL B 367 -33.55 -14.45 13.16
C VAL B 367 -34.31 -13.83 12.03
N GLN B 368 -34.15 -12.54 11.79
CA GLN B 368 -34.64 -11.84 10.63
C GLN B 368 -33.51 -11.15 9.95
N VAL B 369 -33.50 -11.26 8.63
CA VAL B 369 -32.50 -10.62 7.78
C VAL B 369 -33.04 -9.33 7.21
N ARG B 370 -32.24 -8.28 7.30
CA ARG B 370 -32.53 -6.96 6.78
C ARG B 370 -31.54 -6.70 5.66
N GLN B 371 -32.05 -6.42 4.48
CA GLN B 371 -31.23 -6.00 3.34
C GLN B 371 -31.04 -4.48 3.41
N GLU B 372 -30.20 -4.08 4.33
CA GLU B 372 -30.01 -2.69 4.69
C GLU B 372 -28.54 -2.48 5.02
N ARG B 373 -28.06 -1.27 4.67
CA ARG B 373 -26.74 -0.81 5.02
C ARG B 373 -26.80 0.03 6.30
N VAL B 374 -26.10 -0.39 7.34
CA VAL B 374 -25.98 0.42 8.54
C VAL B 374 -25.07 1.59 8.27
N ALA B 375 -25.52 2.79 8.62
CA ALA B 375 -24.76 4.01 8.48
C ALA B 375 -24.22 4.56 9.77
N ASN B 376 -24.90 4.28 10.91
CA ASN B 376 -24.50 4.81 12.19
C ASN B 376 -24.94 3.89 13.31
N ALA B 377 -24.11 3.89 14.36
CA ALA B 377 -24.43 3.26 15.65
C ALA B 377 -24.21 4.31 16.73
N CYS B 378 -25.00 4.22 17.79
CA CYS B 378 -24.78 5.05 18.97
C CYS B 378 -25.51 4.44 20.14
N HIS B 379 -25.25 4.96 21.34
CA HIS B 379 -26.16 4.77 22.48
C HIS B 379 -27.00 6.01 22.60
N SER B 380 -28.30 5.85 22.85
CA SER B 380 -29.14 7.02 23.04
C SER B 380 -30.36 6.73 23.84
N GLY B 381 -30.93 7.80 24.39
CA GLY B 381 -32.23 7.74 25.02
C GLY B 381 -32.14 7.11 26.38
N THR B 382 -33.32 6.83 26.93
CA THR B 382 -33.50 6.37 28.32
C THR B 382 -34.14 5.00 28.47
N ALA B 383 -34.43 4.31 27.37
CA ALA B 383 -35.05 2.96 27.45
C ALA B 383 -34.01 1.88 27.71
N SER B 384 -34.44 0.65 28.08
CA SER B 384 -33.43 -0.39 28.32
C SER B 384 -32.71 -0.73 27.06
N ALA B 385 -33.41 -0.77 25.89
CA ALA B 385 -32.77 -1.02 24.59
C ALA B 385 -32.22 0.32 24.14
N ARG B 386 -30.96 0.59 24.45
CA ARG B 386 -30.36 1.90 24.12
C ARG B 386 -29.33 1.87 23.01
N ALA B 387 -29.08 0.67 22.46
CA ALA B 387 -28.09 0.55 21.39
C ALA B 387 -28.81 0.80 20.06
N GLN B 388 -28.52 1.86 19.40
CA GLN B 388 -29.23 2.35 18.24
C GLN B 388 -28.46 2.02 16.93
N LEU B 389 -29.19 1.60 15.91
CA LEU B 389 -28.64 1.48 14.57
C LEU B 389 -29.53 2.22 13.58
N LEU B 390 -28.85 3.04 12.77
CA LEU B 390 -29.47 3.80 11.69
C LEU B 390 -29.06 3.14 10.38
N SER B 391 -29.99 2.77 9.53
CA SER B 391 -29.69 2.05 8.29
C SER B 391 -30.53 2.57 7.14
N TYR B 392 -30.16 2.16 5.94
CA TYR B 392 -30.86 2.50 4.72
C TYR B 392 -31.18 1.24 3.95
N ASP B 393 -32.41 1.15 3.43
CA ASP B 393 -32.82 0.01 2.65
C ASP B 393 -32.49 0.23 1.16
N SER B 394 -32.92 -0.71 0.31
CA SER B 394 -32.56 -0.67 -1.12
C SER B 394 -33.22 0.46 -1.88
N HIS B 395 -34.23 1.10 -1.24
CA HIS B 395 -34.82 2.30 -1.77
C HIS B 395 -34.27 3.56 -1.14
N ASN B 396 -33.17 3.43 -0.39
CA ASN B 396 -32.53 4.50 0.30
C ASN B 396 -33.39 5.11 1.39
N ALA B 397 -34.40 4.44 1.84
CA ALA B 397 -35.22 4.90 2.95
C ALA B 397 -34.53 4.58 4.27
N VAL B 398 -34.65 5.52 5.23
CA VAL B 398 -34.03 5.40 6.54
C VAL B 398 -34.81 4.54 7.49
N HIS B 399 -34.10 3.82 8.32
CA HIS B 399 -34.66 2.98 9.41
C HIS B 399 -33.82 3.19 10.64
N SER B 400 -34.50 3.31 11.81
CA SER B 400 -33.87 3.39 13.07
C SER B 400 -34.40 2.27 13.94
N GLU B 401 -33.53 1.53 14.62
CA GLU B 401 -33.95 0.43 15.48
C GLU B 401 -33.06 0.40 16.69
N ALA B 402 -33.67 0.09 17.84
CA ALA B 402 -32.98 0.00 19.10
C ALA B 402 -32.86 -1.44 19.57
N TYR B 403 -31.75 -1.75 20.21
CA TYR B 403 -31.39 -3.08 20.64
C TYR B 403 -30.84 -3.07 22.06
N ASP B 404 -30.90 -4.25 22.65
CA ASP B 404 -30.21 -4.51 23.92
C ASP B 404 -28.71 -4.57 23.73
N PHE B 405 -28.27 -5.28 22.70
CA PHE B 405 -26.84 -5.47 22.40
C PHE B 405 -26.69 -5.46 20.86
N VAL B 406 -25.50 -5.05 20.40
CA VAL B 406 -25.17 -5.08 18.99
C VAL B 406 -23.81 -5.67 18.84
N ILE B 407 -23.67 -6.57 17.85
CA ILE B 407 -22.39 -7.09 17.37
C ILE B 407 -22.11 -6.50 16.00
N LEU B 408 -21.05 -5.70 15.92
CA LEU B 408 -20.65 -5.02 14.68
C LEU B 408 -19.64 -5.94 13.99
N ALA B 409 -20.13 -6.72 13.04
CA ALA B 409 -19.40 -7.81 12.39
C ALA B 409 -18.98 -7.38 10.97
N VAL B 410 -18.29 -6.26 10.85
CA VAL B 410 -17.80 -5.76 9.58
C VAL B 410 -16.36 -5.35 9.78
N PRO B 411 -15.55 -5.44 8.72
CA PRO B 411 -14.14 -5.06 8.82
C PRO B 411 -13.94 -3.56 8.96
N HIS B 412 -12.71 -3.16 9.22
CA HIS B 412 -12.48 -1.85 9.87
C HIS B 412 -12.88 -0.69 9.01
N ASP B 413 -12.60 -0.67 7.70
CA ASP B 413 -13.00 0.47 6.93
C ASP B 413 -14.48 0.57 6.77
N GLN B 414 -15.21 -0.54 6.77
CA GLN B 414 -16.67 -0.53 6.77
C GLN B 414 -17.22 -0.09 8.13
N LEU B 415 -16.51 -0.35 9.21
CA LEU B 415 -16.95 0.03 10.54
C LEU B 415 -16.75 1.54 10.82
N THR B 416 -15.69 2.12 10.29
CA THR B 416 -15.37 3.50 10.55
C THR B 416 -16.56 4.45 10.43
N PRO B 417 -17.31 4.47 9.32
CA PRO B 417 -18.38 5.47 9.24
C PRO B 417 -19.45 5.30 10.25
N ILE B 418 -19.62 4.07 10.72
CA ILE B 418 -20.67 3.68 11.69
C ILE B 418 -20.34 4.15 13.10
N VAL B 419 -19.04 4.23 13.46
CA VAL B 419 -18.60 4.45 14.81
C VAL B 419 -17.87 5.74 15.07
N SER B 420 -17.47 6.48 14.02
CA SER B 420 -16.55 7.58 14.13
C SER B 420 -17.12 8.97 13.94
N ARG B 421 -18.41 9.10 13.65
CA ARG B 421 -18.98 10.35 13.24
C ARG B 421 -19.88 10.99 14.33
N SER B 422 -19.92 10.40 15.50
CA SER B 422 -20.70 10.81 16.68
C SER B 422 -19.85 11.43 17.76
N GLY B 423 -18.63 11.80 17.48
CA GLY B 423 -17.78 12.33 18.52
C GLY B 423 -17.43 11.32 19.59
N PHE B 424 -17.01 11.82 20.75
CA PHE B 424 -16.28 11.03 21.72
C PHE B 424 -16.77 11.23 23.14
N GLU B 425 -17.93 11.82 23.30
CA GLU B 425 -18.51 12.12 24.61
C GLU B 425 -20.03 12.29 24.44
N HIS B 426 -20.70 12.57 25.55
CA HIS B 426 -22.14 12.88 25.50
C HIS B 426 -22.41 14.04 24.56
N ALA B 427 -23.56 13.93 23.87
CA ALA B 427 -24.12 15.02 23.12
C ALA B 427 -25.57 15.13 23.42
N ALA B 428 -26.10 16.35 23.60
CA ALA B 428 -27.54 16.50 23.87
C ALA B 428 -28.40 15.90 22.75
N SER B 429 -28.00 16.12 21.50
CA SER B 429 -28.71 15.55 20.37
C SER B 429 -27.77 15.47 19.18
N GLN B 430 -28.04 14.54 18.30
CA GLN B 430 -27.33 14.45 17.04
C GLN B 430 -28.30 14.00 15.97
N ASN B 431 -28.15 14.62 14.78
CA ASN B 431 -28.93 14.23 13.61
C ASN B 431 -28.05 13.33 12.76
N LEU B 432 -28.17 12.02 13.02
CA LEU B 432 -27.22 11.04 12.42
C LEU B 432 -27.78 10.52 11.10
N GLY B 433 -26.84 10.07 10.28
CA GLY B 433 -27.09 9.45 9.02
C GLY B 433 -26.20 9.98 7.93
N ASP B 434 -26.49 9.63 6.70
CA ASP B 434 -25.62 9.95 5.58
C ASP B 434 -26.05 11.25 4.94
N ALA B 435 -25.95 12.32 5.71
CA ALA B 435 -26.42 13.63 5.25
C ALA B 435 -25.62 14.07 4.04
N GLY B 436 -24.35 13.76 3.92
CA GLY B 436 -23.61 14.21 2.74
C GLY B 436 -24.07 13.57 1.45
N LEU B 437 -24.69 12.39 1.54
CA LEU B 437 -25.27 11.70 0.41
C LEU B 437 -26.65 12.23 0.09
N GLY B 438 -27.21 13.15 0.88
CA GLY B 438 -28.58 13.59 0.71
C GLY B 438 -29.60 12.71 1.29
N LEU B 439 -29.23 11.73 2.13
CA LEU B 439 -30.14 10.82 2.68
C LEU B 439 -30.69 11.37 4.01
N GLU B 440 -31.83 10.84 4.40
CA GLU B 440 -32.53 11.35 5.58
C GLU B 440 -31.76 10.99 6.84
N THR B 441 -31.75 11.91 7.78
CA THR B 441 -31.16 11.71 9.08
C THR B 441 -32.24 11.42 10.11
N HIS B 442 -31.78 10.99 11.27
CA HIS B 442 -32.62 10.72 12.44
C HIS B 442 -32.02 11.38 13.65
N THR B 443 -32.85 12.07 14.43
CA THR B 443 -32.44 12.72 15.63
C THR B 443 -32.42 11.80 16.80
N TYR B 444 -31.28 11.62 17.40
CA TYR B 444 -31.08 10.92 18.64
C TYR B 444 -30.79 11.92 19.73
N ASN B 445 -31.30 11.63 20.92
CA ASN B 445 -31.12 12.51 22.09
C ASN B 445 -30.36 11.78 23.17
N GLN B 446 -29.57 12.54 23.93
CA GLN B 446 -28.74 12.00 25.02
C GLN B 446 -27.82 10.91 24.43
N VAL B 447 -26.99 11.31 23.53
CA VAL B 447 -26.21 10.39 22.68
C VAL B 447 -24.82 10.18 23.27
N TYR B 448 -24.39 8.90 23.23
CA TYR B 448 -23.02 8.53 23.51
C TYR B 448 -22.47 7.72 22.37
N PRO B 449 -21.16 7.80 22.15
CA PRO B 449 -20.56 6.98 21.08
C PRO B 449 -20.87 5.53 21.29
N PRO B 450 -20.88 4.74 20.20
CA PRO B 450 -21.13 3.32 20.31
C PRO B 450 -20.00 2.53 21.00
N LEU B 451 -18.74 2.84 20.62
CA LEU B 451 -17.60 2.10 21.17
C LEU B 451 -17.13 2.80 22.43
N LEU B 452 -17.96 2.62 23.48
CA LEU B 452 -17.91 3.44 24.66
C LEU B 452 -16.98 2.83 25.69
N LEU B 453 -15.73 3.24 25.66
CA LEU B 453 -14.74 2.78 26.62
C LEU B 453 -14.73 3.59 27.90
N SER B 454 -15.27 4.78 27.92
CA SER B 454 -15.24 5.61 29.05
C SER B 454 -16.40 6.54 29.09
N ASP B 455 -16.92 6.71 30.32
CA ASP B 455 -17.87 7.71 30.64
C ASP B 455 -17.21 9.05 30.98
N SER B 456 -15.88 9.11 31.08
CA SER B 456 -15.18 10.33 31.44
C SER B 456 -14.01 10.82 30.57
N SER B 457 -13.56 9.98 29.68
CA SER B 457 -12.37 10.29 28.91
C SER B 457 -12.70 10.27 27.42
N PRO B 458 -12.82 11.46 26.77
CA PRO B 458 -12.92 11.45 25.30
C PRO B 458 -11.73 10.75 24.67
N ALA B 459 -10.53 10.87 25.21
CA ALA B 459 -9.38 10.24 24.60
C ALA B 459 -9.49 8.71 24.58
N ALA B 460 -10.05 8.10 25.63
CA ALA B 460 -10.22 6.68 25.63
C ALA B 460 -11.16 6.25 24.52
N ASN B 461 -12.27 7.00 24.35
CA ASN B 461 -13.21 6.70 23.31
C ASN B 461 -12.58 6.96 21.93
N ALA B 462 -11.76 7.98 21.82
CA ALA B 462 -11.03 8.26 20.60
C ALA B 462 -10.03 7.17 20.27
N ARG B 463 -9.39 6.59 21.26
CA ARG B 463 -8.35 5.58 20.98
C ARG B 463 -8.94 4.40 20.20
N ILE B 464 -10.10 3.89 20.62
CA ILE B 464 -10.63 2.73 19.93
C ILE B 464 -11.06 3.09 18.50
N VAL B 465 -11.71 4.25 18.33
CA VAL B 465 -12.16 4.70 17.02
C VAL B 465 -10.97 4.96 16.08
N THR B 466 -10.02 5.73 16.56
CA THR B 466 -8.87 6.06 15.75
C THR B 466 -8.07 4.81 15.40
N ALA B 467 -7.96 3.88 16.33
CA ALA B 467 -7.27 2.61 16.09
C ALA B 467 -7.91 1.87 14.90
N ILE B 468 -9.25 1.67 14.99
CA ILE B 468 -9.98 0.97 13.95
C ILE B 468 -9.73 1.62 12.62
N GLY B 469 -9.81 2.96 12.58
CA GLY B 469 -9.73 3.62 11.32
C GLY B 469 -8.37 3.62 10.68
N GLN B 470 -7.33 3.29 11.42
CA GLN B 470 -5.96 3.28 10.92
C GLN B 470 -5.41 1.89 10.86
N LEU B 471 -6.20 0.84 10.97
CA LEU B 471 -5.70 -0.50 10.69
C LEU B 471 -5.41 -0.61 9.20
N HIS B 472 -4.47 -1.49 8.84
CA HIS B 472 -4.05 -1.64 7.45
C HIS B 472 -4.84 -2.78 6.78
N MET B 473 -5.65 -2.43 5.77
CA MET B 473 -6.31 -3.42 4.92
C MET B 473 -5.37 -3.72 3.76
N ALA B 474 -4.85 -4.92 3.71
CA ALA B 474 -3.97 -5.33 2.57
C ALA B 474 -4.82 -5.33 1.33
N ARG B 475 -4.20 -4.86 0.25
CA ARG B 475 -4.80 -4.84 -1.06
C ARG B 475 -4.68 -6.20 -1.70
N SER B 476 -5.68 -6.64 -2.47
CA SER B 476 -5.60 -7.90 -3.14
C SER B 476 -6.55 -7.98 -4.31
N SER B 477 -6.14 -8.74 -5.33
CA SER B 477 -6.96 -8.96 -6.50
C SER B 477 -6.78 -10.38 -7.02
N LYS B 478 -7.79 -10.91 -7.69
CA LYS B 478 -7.69 -12.21 -8.35
C LYS B 478 -8.20 -12.15 -9.77
N VAL B 479 -7.37 -12.61 -10.70
CA VAL B 479 -7.71 -12.75 -12.12
C VAL B 479 -7.92 -14.24 -12.41
N PHE B 480 -9.08 -14.56 -12.95
CA PHE B 480 -9.48 -15.93 -13.25
C PHE B 480 -9.87 -16.10 -14.66
N ALA B 481 -9.74 -17.33 -15.17
CA ALA B 481 -10.29 -17.77 -16.43
C ALA B 481 -10.60 -19.25 -16.31
N THR B 482 -11.29 -19.78 -17.31
CA THR B 482 -11.65 -21.19 -17.36
C THR B 482 -10.82 -21.89 -18.47
N VAL B 483 -10.18 -23.00 -18.11
CA VAL B 483 -9.38 -23.74 -19.08
C VAL B 483 -9.72 -25.19 -19.00
N LYS B 484 -9.66 -25.91 -20.12
CA LYS B 484 -9.75 -27.34 -20.07
C LYS B 484 -8.59 -27.92 -19.31
N THR B 485 -8.89 -28.84 -18.40
CA THR B 485 -7.85 -29.48 -17.61
C THR B 485 -6.85 -30.18 -18.51
N ALA B 486 -7.34 -30.73 -19.61
CA ALA B 486 -6.49 -31.42 -20.58
C ALA B 486 -5.43 -30.53 -21.21
N ALA B 487 -5.57 -29.21 -21.09
CA ALA B 487 -4.52 -28.30 -21.58
C ALA B 487 -3.20 -28.61 -20.88
N LEU B 488 -3.25 -29.06 -19.63
CA LEU B 488 -2.08 -29.37 -18.88
C LEU B 488 -1.28 -30.56 -19.42
N ASP B 489 -1.92 -31.35 -20.25
CA ASP B 489 -1.32 -32.54 -20.83
C ASP B 489 -0.64 -32.28 -22.14
N GLN B 490 -0.67 -31.05 -22.63
CA GLN B 490 -0.03 -30.69 -23.87
C GLN B 490 1.47 -30.75 -23.72
N PRO B 491 2.20 -31.07 -24.81
CA PRO B 491 3.67 -31.17 -24.71
C PRO B 491 4.40 -29.91 -24.31
N TRP B 492 3.79 -28.76 -24.57
CA TRP B 492 4.31 -27.47 -24.24
C TRP B 492 4.19 -27.10 -22.71
N VAL B 493 3.43 -27.87 -21.95
CA VAL B 493 3.33 -27.70 -20.50
C VAL B 493 4.36 -28.64 -19.86
N PRO B 494 5.30 -28.11 -19.12
CA PRO B 494 6.29 -28.96 -18.47
C PRO B 494 5.68 -29.91 -17.49
N GLN B 495 6.28 -31.08 -17.42
CA GLN B 495 5.95 -32.10 -16.44
C GLN B 495 7.14 -32.19 -15.49
N TRP B 496 6.85 -32.46 -14.22
CA TRP B 496 7.90 -32.62 -13.24
C TRP B 496 7.46 -33.68 -12.24
N ARG B 497 8.25 -34.73 -12.07
CA ARG B 497 7.92 -35.79 -11.14
C ARG B 497 6.54 -36.39 -11.42
N GLY B 498 6.22 -36.56 -12.70
CA GLY B 498 5.07 -37.32 -13.09
C GLY B 498 3.78 -36.57 -13.28
N GLU B 499 3.80 -35.26 -13.10
CA GLU B 499 2.58 -34.45 -13.18
C GLU B 499 2.89 -33.10 -13.82
N PRO B 500 1.92 -32.51 -14.50
CA PRO B 500 2.14 -31.16 -15.04
C PRO B 500 2.34 -30.15 -13.95
N ILE B 501 3.07 -29.09 -14.31
CA ILE B 501 3.15 -27.89 -13.45
C ILE B 501 1.76 -27.28 -13.30
N LYS B 502 1.34 -27.05 -12.04
CA LYS B 502 0.04 -26.50 -11.74
C LYS B 502 0.09 -25.27 -10.83
N ALA B 503 1.26 -24.80 -10.49
CA ALA B 503 1.45 -23.59 -9.69
C ALA B 503 2.66 -22.87 -10.29
N VAL B 504 2.54 -21.55 -10.47
CA VAL B 504 3.59 -20.75 -11.04
C VAL B 504 3.74 -19.51 -10.18
N VAL B 505 4.92 -19.29 -9.62
CA VAL B 505 5.25 -18.14 -8.76
C VAL B 505 6.27 -17.32 -9.51
N SER B 506 5.96 -16.06 -9.84
CA SER B 506 6.78 -15.35 -10.78
C SER B 506 6.83 -13.87 -10.49
N ASP B 507 7.89 -13.26 -11.00
CA ASP B 507 8.04 -11.80 -10.96
C ASP B 507 7.55 -11.10 -12.22
N SER B 508 6.70 -11.76 -12.98
CA SER B 508 6.14 -11.25 -14.22
C SER B 508 5.11 -10.14 -14.04
N GLY B 509 4.67 -9.93 -12.81
CA GLY B 509 3.53 -9.10 -12.48
C GLY B 509 2.34 -9.89 -12.05
N LEU B 510 2.28 -11.17 -12.44
CA LEU B 510 1.15 -12.03 -12.06
C LEU B 510 1.25 -12.53 -10.63
N ALA B 511 2.45 -12.60 -10.08
CA ALA B 511 2.81 -13.01 -8.73
C ALA B 511 2.63 -14.47 -8.45
N ALA B 512 1.40 -14.97 -8.47
CA ALA B 512 1.09 -16.34 -8.10
C ALA B 512 -0.07 -16.79 -8.96
N SER B 513 0.07 -17.97 -9.54
CA SER B 513 -0.88 -18.50 -10.48
C SER B 513 -1.11 -19.97 -10.17
N TYR B 514 -2.35 -20.43 -10.32
CA TYR B 514 -2.77 -21.76 -9.91
C TYR B 514 -3.72 -22.31 -10.96
N VAL B 515 -3.60 -23.61 -11.30
CA VAL B 515 -4.54 -24.22 -12.22
C VAL B 515 -5.31 -25.26 -11.43
N VAL B 516 -6.46 -24.83 -10.86
CA VAL B 516 -7.15 -25.57 -9.81
C VAL B 516 -8.24 -26.41 -10.45
N PRO B 517 -8.25 -27.73 -10.21
CA PRO B 517 -9.32 -28.54 -10.82
C PRO B 517 -10.68 -28.06 -10.36
N SER B 518 -11.67 -28.08 -11.27
CA SER B 518 -13.02 -27.70 -10.88
C SER B 518 -13.52 -28.59 -9.75
N PRO B 519 -14.22 -28.02 -8.78
CA PRO B 519 -14.82 -28.79 -7.71
C PRO B 519 -16.17 -29.37 -8.09
N ILE B 520 -16.65 -29.07 -9.31
CA ILE B 520 -17.95 -29.52 -9.78
C ILE B 520 -17.61 -30.82 -10.57
N VAL B 521 -17.55 -31.89 -9.89
CA VAL B 521 -17.16 -33.18 -10.53
C VAL B 521 -17.54 -34.36 -9.61
N ALA B 526 -11.82 -37.05 -13.02
CA ALA B 526 -11.16 -35.75 -13.17
C ALA B 526 -12.07 -34.81 -13.92
N PRO B 527 -12.07 -33.55 -13.49
CA PRO B 527 -12.99 -32.61 -14.09
C PRO B 527 -12.52 -32.16 -15.50
N GLU B 528 -13.48 -31.90 -16.36
CA GLU B 528 -13.20 -31.37 -17.64
C GLU B 528 -12.51 -30.03 -17.58
N TYR B 529 -12.90 -29.21 -16.62
CA TYR B 529 -12.40 -27.87 -16.52
C TYR B 529 -11.63 -27.61 -15.24
N SER B 530 -10.79 -26.60 -15.32
CA SER B 530 -10.05 -26.05 -14.21
C SER B 530 -10.27 -24.53 -14.13
N SER B 531 -10.19 -24.03 -12.89
CA SER B 531 -10.13 -22.58 -12.66
C SER B 531 -8.68 -22.17 -12.79
N LEU B 532 -8.41 -21.35 -13.80
CA LEU B 532 -7.08 -20.80 -14.02
C LEU B 532 -7.04 -19.49 -13.21
N LEU B 533 -6.51 -19.59 -12.00
CA LEU B 533 -6.23 -18.41 -11.15
C LEU B 533 -4.95 -17.84 -11.73
N ALA B 534 -5.10 -17.01 -12.78
CA ALA B 534 -3.99 -16.47 -13.53
C ALA B 534 -3.11 -15.56 -12.71
N SER B 535 -3.72 -14.84 -11.77
CA SER B 535 -2.95 -13.94 -10.95
C SER B 535 -3.64 -13.69 -9.64
N TYR B 536 -3.00 -14.00 -8.52
CA TYR B 536 -3.48 -13.67 -7.18
C TYR B 536 -2.40 -12.79 -6.58
N THR B 537 -2.71 -11.52 -6.41
CA THR B 537 -1.76 -10.53 -5.97
C THR B 537 -2.14 -9.90 -4.62
N TRP B 538 -1.11 -9.45 -3.92
CA TRP B 538 -1.19 -8.69 -2.70
C TRP B 538 -0.46 -7.35 -2.84
N GLU B 539 -0.98 -6.35 -2.13
CA GLU B 539 -0.22 -5.13 -1.86
C GLU B 539 0.31 -4.52 -3.16
N ASP B 540 1.58 -4.14 -3.26
CA ASP B 540 2.02 -3.46 -4.47
C ASP B 540 1.88 -4.30 -5.73
N ASP B 541 1.93 -5.62 -5.61
CA ASP B 541 1.71 -6.44 -6.79
C ASP B 541 0.33 -6.17 -7.37
N SER B 542 -0.66 -5.99 -6.49
CA SER B 542 -2.02 -5.66 -6.93
C SER B 542 -2.09 -4.24 -7.50
N THR B 543 -1.45 -3.30 -6.80
CA THR B 543 -1.45 -1.92 -7.28
C THR B 543 -0.94 -1.83 -8.71
N ARG B 544 0.10 -2.56 -9.01
CA ARG B 544 0.71 -2.48 -10.33
C ARG B 544 -0.23 -2.92 -11.41
N LEU B 545 -1.14 -3.83 -11.14
CA LEU B 545 -2.09 -4.35 -12.11
C LEU B 545 -3.34 -3.49 -12.27
N ARG B 546 -3.68 -2.69 -11.25
CA ARG B 546 -5.05 -2.20 -11.12
C ARG B 546 -5.48 -1.35 -12.29
N HIS B 547 -4.61 -0.57 -12.89
CA HIS B 547 -4.97 0.23 -14.03
C HIS B 547 -5.52 -0.55 -15.18
N ASP B 548 -5.24 -1.85 -15.27
CA ASP B 548 -5.68 -2.70 -16.37
C ASP B 548 -6.97 -3.44 -16.10
N PHE B 549 -7.62 -3.25 -14.96
CA PHE B 549 -8.79 -4.08 -14.66
C PHE B 549 -10.03 -3.70 -15.42
N GLY B 550 -10.16 -2.43 -15.87
CA GLY B 550 -11.25 -1.99 -16.73
C GLY B 550 -12.54 -1.62 -16.05
N LEU B 551 -13.06 -2.49 -15.22
CA LEU B 551 -14.24 -2.27 -14.40
C LEU B 551 -13.93 -2.67 -13.00
N TYR B 552 -14.56 -1.98 -12.03
CA TYR B 552 -14.18 -2.08 -10.62
C TYR B 552 -15.45 -2.15 -9.76
N PRO B 553 -15.54 -3.08 -8.83
CA PRO B 553 -14.50 -4.03 -8.43
C PRO B 553 -14.48 -5.30 -9.27
N GLN B 554 -15.48 -5.52 -10.12
CA GLN B 554 -15.54 -6.77 -10.89
C GLN B 554 -15.64 -6.46 -12.39
N ASN B 555 -14.82 -7.19 -13.16
CA ASN B 555 -14.96 -7.21 -14.61
C ASN B 555 -15.09 -8.72 -14.98
N PRO B 556 -16.19 -9.14 -15.58
CA PRO B 556 -17.31 -8.34 -16.02
C PRO B 556 -18.21 -7.93 -14.86
N ALA B 557 -18.94 -6.84 -15.05
CA ALA B 557 -19.90 -6.39 -14.07
C ALA B 557 -21.22 -7.08 -14.24
N THR B 558 -21.41 -7.77 -15.33
CA THR B 558 -22.62 -8.48 -15.68
C THR B 558 -22.35 -9.98 -15.72
N GLU B 559 -23.40 -10.77 -15.74
CA GLU B 559 -23.24 -12.21 -15.77
C GLU B 559 -22.81 -12.72 -17.13
N THR B 560 -23.12 -11.97 -18.20
CA THR B 560 -22.96 -12.40 -19.57
C THR B 560 -21.72 -11.93 -20.26
N GLY B 561 -20.98 -11.04 -19.62
CA GLY B 561 -19.78 -10.54 -20.20
C GLY B 561 -18.54 -11.37 -19.92
N THR B 562 -17.45 -10.92 -20.49
CA THR B 562 -16.14 -11.55 -20.28
C THR B 562 -15.10 -10.44 -20.24
N ALA B 563 -14.15 -10.52 -19.28
CA ALA B 563 -13.13 -9.52 -19.12
C ALA B 563 -11.94 -9.81 -20.06
N ASP B 564 -12.22 -9.90 -21.36
CA ASP B 564 -11.22 -10.35 -22.33
C ASP B 564 -10.08 -9.36 -22.47
N GLY B 565 -10.41 -8.07 -22.60
CA GLY B 565 -9.39 -7.07 -22.72
C GLY B 565 -8.47 -7.03 -21.51
N MET B 566 -9.04 -7.11 -20.31
CA MET B 566 -8.26 -7.13 -19.10
C MET B 566 -7.33 -8.36 -19.13
N TYR B 567 -7.91 -9.51 -19.43
CA TYR B 567 -7.18 -10.75 -19.35
C TYR B 567 -6.02 -10.75 -20.34
N ARG B 568 -6.23 -10.17 -21.54
CA ARG B 568 -5.14 -10.09 -22.51
C ARG B 568 -3.97 -9.30 -21.97
N THR B 569 -4.19 -8.30 -21.11
CA THR B 569 -3.07 -7.57 -20.50
C THR B 569 -2.27 -8.48 -19.56
N MET B 570 -2.91 -9.48 -18.99
CA MET B 570 -2.25 -10.46 -18.12
C MET B 570 -1.45 -11.46 -18.94
N VAL B 571 -2.09 -11.98 -19.98
CA VAL B 571 -1.39 -12.82 -20.95
C VAL B 571 -0.15 -12.10 -21.41
N ASN B 572 -0.28 -10.81 -21.76
CA ASN B 572 0.83 -10.01 -22.30
C ASN B 572 1.97 -9.85 -21.31
N ARG B 573 1.65 -9.78 -19.99
CA ARG B 573 2.69 -9.77 -18.99
C ARG B 573 3.49 -11.10 -18.98
N ALA B 574 2.87 -12.19 -19.38
CA ALA B 574 3.52 -13.48 -19.50
C ALA B 574 4.32 -13.62 -20.79
N TYR B 575 4.23 -12.65 -21.71
CA TYR B 575 4.94 -12.74 -23.00
C TYR B 575 6.35 -12.23 -22.79
N ARG B 576 7.16 -13.12 -22.20
CA ARG B 576 8.53 -12.83 -21.77
C ARG B 576 9.41 -13.97 -22.31
N TYR B 577 10.59 -13.60 -22.80
CA TYR B 577 11.56 -14.64 -23.22
C TYR B 577 12.21 -15.18 -22.01
N VAL B 578 12.08 -16.48 -21.80
CA VAL B 578 12.59 -17.19 -20.63
C VAL B 578 13.64 -18.16 -21.01
N LYS B 579 14.84 -18.00 -20.46
CA LYS B 579 15.89 -18.90 -20.68
C LYS B 579 15.85 -20.03 -19.67
N TYR B 580 15.83 -21.21 -20.17
CA TYR B 580 15.87 -22.45 -19.35
C TYR B 580 17.20 -23.13 -19.58
N ALA B 581 17.63 -23.92 -18.61
CA ALA B 581 18.82 -24.76 -18.73
C ALA B 581 18.69 -25.77 -19.88
N GLY B 582 17.46 -26.19 -20.18
CA GLY B 582 17.30 -27.29 -21.10
C GLY B 582 17.27 -26.89 -22.54
N ALA B 583 17.42 -25.59 -22.89
CA ALA B 583 17.38 -25.24 -24.31
C ALA B 583 18.21 -24.02 -24.51
N SER B 584 18.95 -23.99 -25.61
CA SER B 584 19.81 -22.85 -25.93
C SER B 584 19.04 -21.64 -26.43
N ASN B 585 17.95 -21.86 -27.15
CA ASN B 585 17.22 -20.71 -27.67
C ASN B 585 16.01 -20.47 -26.87
N ALA B 586 16.05 -19.39 -26.11
CA ALA B 586 14.92 -18.98 -25.31
C ALA B 586 13.76 -18.65 -26.19
N GLN B 587 12.58 -18.96 -25.68
CA GLN B 587 11.35 -18.82 -26.36
C GLN B 587 10.47 -18.06 -25.45
N PRO B 588 9.36 -17.59 -26.00
CA PRO B 588 8.36 -17.04 -25.13
C PRO B 588 8.00 -18.07 -24.06
N TRP B 589 7.80 -17.59 -22.84
CA TRP B 589 7.46 -18.42 -21.71
C TRP B 589 6.28 -19.34 -22.05
N TRP B 590 6.40 -20.63 -21.68
CA TRP B 590 5.34 -21.56 -21.93
C TRP B 590 4.05 -21.12 -21.23
N PHE B 591 4.20 -20.40 -20.10
CA PHE B 591 3.02 -20.02 -19.36
C PHE B 591 2.14 -19.04 -20.14
N TYR B 592 2.76 -18.26 -21.04
CA TYR B 592 2.01 -17.45 -21.98
C TYR B 592 1.00 -18.29 -22.73
N GLN B 593 1.50 -19.40 -23.30
CA GLN B 593 0.66 -20.29 -24.05
C GLN B 593 -0.46 -20.86 -23.22
N LEU B 594 -0.15 -21.25 -21.99
CA LEU B 594 -1.19 -21.79 -21.13
C LEU B 594 -2.27 -20.75 -20.80
N LEU B 595 -1.85 -19.55 -20.42
CA LEU B 595 -2.84 -18.49 -20.14
C LEU B 595 -3.71 -18.26 -21.37
N ALA B 596 -3.10 -18.26 -22.57
CA ALA B 596 -3.83 -18.02 -23.80
C ALA B 596 -4.75 -19.20 -24.19
N GLU B 597 -4.60 -20.39 -23.57
CA GLU B 597 -5.41 -21.54 -23.84
C GLU B 597 -6.76 -21.42 -23.12
N ALA B 598 -6.85 -20.53 -22.12
CA ALA B 598 -8.14 -20.35 -21.50
C ALA B 598 -9.15 -19.90 -22.52
N ARG B 599 -10.40 -20.31 -22.32
CA ARG B 599 -11.45 -19.89 -23.27
C ARG B 599 -11.69 -18.42 -23.18
N THR B 600 -12.30 -17.91 -24.23
CA THR B 600 -12.63 -16.50 -24.32
C THR B 600 -13.70 -16.10 -23.31
N ALA B 601 -14.78 -16.86 -23.21
CA ALA B 601 -15.83 -16.57 -22.26
C ALA B 601 -15.27 -16.74 -20.84
N ASP B 602 -15.86 -15.96 -19.91
CA ASP B 602 -15.71 -16.17 -18.47
C ASP B 602 -14.34 -15.74 -17.92
N ARG B 603 -13.68 -14.86 -18.65
CA ARG B 603 -12.48 -14.21 -18.13
C ARG B 603 -12.90 -13.16 -17.08
N PHE B 604 -12.16 -12.99 -16.03
CA PHE B 604 -12.70 -12.33 -14.83
C PHE B 604 -11.60 -11.72 -13.99
N VAL B 605 -11.90 -10.59 -13.36
CA VAL B 605 -11.10 -10.11 -12.25
C VAL B 605 -12.02 -9.57 -11.18
N PHE B 606 -11.61 -9.79 -9.93
CA PHE B 606 -12.21 -9.10 -8.78
C PHE B 606 -11.10 -8.41 -8.02
N ASP B 607 -11.34 -7.12 -7.73
CA ASP B 607 -10.43 -6.30 -7.02
C ASP B 607 -10.99 -5.96 -5.63
N TRP B 608 -10.46 -6.60 -4.60
CA TRP B 608 -10.95 -6.33 -3.26
C TRP B 608 -10.73 -4.90 -2.84
N THR B 609 -9.72 -4.23 -3.41
CA THR B 609 -9.38 -2.95 -3.05
C THR B 609 -10.50 -1.96 -3.37
N THR B 610 -11.21 -2.18 -4.52
CA THR B 610 -12.30 -1.33 -4.92
C THR B 610 -13.68 -1.83 -4.52
N ASN B 611 -13.74 -2.97 -3.89
CA ASN B 611 -14.88 -3.42 -3.15
C ASN B 611 -15.05 -2.50 -1.92
N LYS B 612 -16.24 -2.50 -1.30
CA LYS B 612 -16.50 -1.61 -0.16
C LYS B 612 -15.68 -1.98 1.08
N THR B 613 -15.05 -3.15 1.11
CA THR B 613 -14.06 -3.48 2.12
C THR B 613 -12.80 -2.63 2.07
N ALA B 614 -12.53 -1.98 0.95
CA ALA B 614 -11.32 -1.18 0.80
C ALA B 614 -10.04 -2.07 0.97
N GLY B 615 -10.14 -3.27 0.42
CA GLY B 615 -9.06 -4.21 0.44
C GLY B 615 -9.53 -5.61 0.82
N GLY B 616 -8.52 -6.50 0.90
CA GLY B 616 -8.80 -7.89 1.18
C GLY B 616 -8.89 -8.27 2.64
N PHE B 617 -7.98 -7.82 3.49
CA PHE B 617 -7.92 -8.32 4.86
C PHE B 617 -6.82 -7.59 5.60
N LYS B 618 -6.94 -7.53 6.93
CA LYS B 618 -5.95 -6.82 7.71
C LYS B 618 -4.60 -7.55 7.75
N LEU B 619 -3.53 -6.81 7.55
CA LEU B 619 -2.18 -7.27 7.89
C LEU B 619 -1.48 -6.11 8.60
N ASP B 620 -0.86 -6.39 9.74
CA ASP B 620 -0.32 -5.34 10.57
C ASP B 620 1.08 -4.93 10.11
N MET B 621 1.23 -3.61 9.94
CA MET B 621 2.49 -2.92 9.75
C MET B 621 3.23 -2.81 11.06
N THR B 622 4.49 -2.36 11.01
CA THR B 622 5.20 -2.03 12.22
C THR B 622 4.39 -1.05 13.04
N GLY B 623 4.30 -1.26 14.34
CA GLY B 623 3.52 -0.40 15.24
C GLY B 623 2.06 -0.74 15.31
N ASP B 624 1.51 -1.45 14.35
CA ASP B 624 0.05 -1.65 14.30
C ASP B 624 -0.46 -2.55 15.39
N HIS B 625 0.38 -3.37 15.98
CA HIS B 625 -0.05 -4.20 17.13
C HIS B 625 -0.77 -3.35 18.14
N HIS B 626 -0.33 -2.14 18.40
CA HIS B 626 -0.95 -1.32 19.42
C HIS B 626 -2.41 -1.02 19.10
N GLN B 627 -2.70 -0.90 17.83
CA GLN B 627 -4.06 -0.66 17.35
C GLN B 627 -4.83 -1.94 17.24
N SER B 628 -4.30 -2.97 16.57
CA SER B 628 -5.05 -4.19 16.42
C SER B 628 -5.30 -4.88 17.72
N ASN B 629 -4.32 -4.86 18.63
CA ASN B 629 -4.48 -5.52 19.92
C ASN B 629 -5.50 -4.82 20.78
N LEU B 630 -5.64 -3.53 20.66
CA LEU B 630 -6.72 -2.79 21.37
C LEU B 630 -8.05 -3.31 20.89
N CYS B 631 -8.19 -3.46 19.56
CA CYS B 631 -9.42 -4.02 19.01
C CYS B 631 -9.67 -5.44 19.49
N PHE B 632 -8.60 -6.27 19.50
CA PHE B 632 -8.71 -7.66 19.93
C PHE B 632 -9.18 -7.73 21.39
N ARG B 633 -8.76 -6.80 22.24
CA ARG B 633 -9.07 -6.81 23.65
C ARG B 633 -10.37 -6.01 23.97
N TYR B 634 -10.95 -5.34 23.01
CA TYR B 634 -12.04 -4.40 23.24
C TYR B 634 -13.20 -4.97 24.04
N HIS B 635 -13.54 -6.21 23.78
CA HIS B 635 -14.68 -6.85 24.47
C HIS B 635 -14.54 -6.94 25.98
N THR B 636 -13.34 -6.79 26.49
CA THR B 636 -13.10 -6.73 27.93
C THR B 636 -13.72 -5.51 28.57
N HIS B 637 -14.28 -4.56 27.82
CA HIS B 637 -14.99 -3.47 28.42
C HIS B 637 -16.12 -3.91 29.34
N ALA B 638 -16.60 -5.13 29.03
CA ALA B 638 -17.70 -5.69 29.81
C ALA B 638 -17.40 -5.88 31.30
N LEU B 639 -16.12 -5.90 31.63
CA LEU B 639 -15.70 -5.99 33.03
C LEU B 639 -16.08 -4.76 33.86
N ALA B 640 -16.26 -3.61 33.21
CA ALA B 640 -16.63 -2.38 33.92
C ALA B 640 -18.14 -2.33 33.96
N ALA B 641 -18.67 -2.65 35.11
CA ALA B 641 -20.11 -2.75 35.21
C ALA B 641 -20.72 -1.42 35.21
N SER B 642 -20.02 -0.36 35.67
CA SER B 642 -20.59 0.95 35.77
C SER B 642 -20.64 1.60 34.37
N LEU B 643 -20.13 0.97 33.32
CA LEU B 643 -20.03 1.49 31.98
C LEU B 643 -21.06 0.91 31.09
N ASP B 644 -21.92 1.61 30.47
CA ASP B 644 -23.13 0.84 29.98
C ASP B 644 -22.95 0.63 28.51
N ASN B 645 -21.92 -0.12 28.06
CA ASN B 645 -21.56 -0.23 26.68
C ASN B 645 -22.13 -1.49 26.11
N ARG B 646 -22.99 -1.34 25.10
CA ARG B 646 -23.75 -2.45 24.51
C ARG B 646 -23.18 -2.99 23.18
N PHE B 647 -22.06 -2.47 22.73
CA PHE B 647 -21.52 -2.82 21.41
C PHE B 647 -20.29 -3.65 21.52
N PHE B 648 -20.26 -4.68 20.71
CA PHE B 648 -19.09 -5.58 20.54
C PHE B 648 -18.74 -5.61 19.04
N ILE B 649 -17.49 -6.03 18.75
CA ILE B 649 -16.99 -6.07 17.38
C ILE B 649 -16.55 -7.48 17.05
N ALA B 650 -16.76 -7.90 15.79
CA ALA B 650 -16.54 -9.27 15.37
C ALA B 650 -16.10 -9.36 13.90
N SER B 651 -14.79 -9.33 13.68
CA SER B 651 -14.27 -9.45 12.30
C SER B 651 -12.80 -9.86 12.40
N ASP B 652 -12.27 -10.41 11.29
CA ASP B 652 -10.83 -10.63 11.25
C ASP B 652 -10.03 -9.34 11.43
N SER B 653 -10.60 -8.16 11.16
CA SER B 653 -9.93 -6.92 11.44
C SER B 653 -9.62 -6.70 12.93
N TYR B 654 -10.37 -7.38 13.81
CA TYR B 654 -10.22 -7.19 15.23
C TYR B 654 -9.61 -8.43 15.88
N SER B 655 -8.68 -9.02 15.13
CA SER B 655 -7.99 -10.25 15.54
C SER B 655 -6.50 -10.13 15.19
N HIS B 656 -5.78 -11.15 15.61
CA HIS B 656 -4.38 -11.30 15.26
C HIS B 656 -4.22 -12.39 14.18
N LEU B 657 -5.24 -12.57 13.35
CA LEU B 657 -5.25 -13.43 12.19
C LEU B 657 -6.09 -12.78 11.08
N GLY B 658 -5.79 -11.52 10.78
CA GLY B 658 -6.40 -10.93 9.65
C GLY B 658 -6.08 -11.74 8.42
N GLY B 659 -7.05 -11.91 7.52
CA GLY B 659 -6.87 -12.74 6.34
C GLY B 659 -7.13 -14.19 6.52
N TRP B 660 -7.74 -14.58 7.67
CA TRP B 660 -8.11 -15.97 7.91
C TRP B 660 -9.51 -15.99 8.55
N LEU B 661 -10.27 -16.98 8.11
CA LEU B 661 -11.52 -17.29 8.81
C LEU B 661 -11.27 -17.45 10.31
N GLU B 662 -10.15 -18.03 10.68
CA GLU B 662 -9.81 -18.20 12.09
C GLU B 662 -9.88 -16.87 12.83
N GLY B 663 -9.40 -15.79 12.22
CA GLY B 663 -9.48 -14.51 12.88
C GLY B 663 -10.89 -13.99 13.07
N ALA B 664 -11.69 -14.10 12.01
CA ALA B 664 -13.11 -13.71 12.10
C ALA B 664 -13.79 -14.51 13.20
N PHE B 665 -13.55 -15.80 13.24
CA PHE B 665 -14.18 -16.68 14.21
C PHE B 665 -13.68 -16.39 15.63
N MET B 666 -12.40 -16.11 15.82
CA MET B 666 -11.89 -15.75 17.16
C MET B 666 -12.54 -14.46 17.62
N SER B 667 -12.64 -13.46 16.73
CA SER B 667 -13.25 -12.21 17.12
C SER B 667 -14.71 -12.37 17.51
N ALA B 668 -15.44 -13.20 16.73
CA ALA B 668 -16.85 -13.52 17.09
C ALA B 668 -16.91 -14.14 18.48
N LEU B 669 -16.00 -15.05 18.79
CA LEU B 669 -16.02 -15.67 20.13
C LEU B 669 -15.78 -14.64 21.20
N ASN B 670 -14.83 -13.75 20.97
CA ASN B 670 -14.61 -12.63 21.90
C ASN B 670 -15.87 -11.82 22.11
N ALA B 671 -16.50 -11.46 21.00
CA ALA B 671 -17.66 -10.59 21.05
C ALA B 671 -18.75 -11.21 21.88
N VAL B 672 -19.05 -12.47 21.63
CA VAL B 672 -20.13 -13.11 22.38
C VAL B 672 -19.76 -13.32 23.86
N ALA B 673 -18.50 -13.65 24.13
CA ALA B 673 -18.07 -13.74 25.52
C ALA B 673 -18.25 -12.41 26.24
N GLY B 674 -17.84 -11.33 25.61
CA GLY B 674 -18.02 -10.01 26.21
C GLY B 674 -19.51 -9.73 26.40
N LEU B 675 -20.32 -10.01 25.40
CA LEU B 675 -21.74 -9.78 25.50
C LEU B 675 -22.33 -10.50 26.72
N ILE B 676 -21.93 -11.75 26.94
CA ILE B 676 -22.39 -12.49 28.12
C ILE B 676 -22.03 -11.74 29.38
N VAL B 677 -20.79 -11.31 29.51
CA VAL B 677 -20.38 -10.66 30.73
C VAL B 677 -21.17 -9.35 30.90
N ARG B 678 -21.37 -8.58 29.82
CA ARG B 678 -22.15 -7.35 29.92
C ARG B 678 -23.59 -7.64 30.32
N ALA B 679 -24.19 -8.66 29.70
CA ALA B 679 -25.57 -9.01 30.04
C ALA B 679 -25.70 -9.42 31.48
N ASN B 680 -24.64 -9.93 32.09
CA ASN B 680 -24.56 -10.26 33.50
C ASN B 680 -23.93 -9.15 34.32
N ARG B 681 -23.92 -7.92 33.81
CA ARG B 681 -23.55 -6.74 34.56
C ARG B 681 -22.19 -6.85 35.19
N GLY B 682 -21.27 -7.42 34.42
CA GLY B 682 -19.86 -7.50 34.79
C GLY B 682 -19.40 -8.79 35.46
N ASP B 683 -20.29 -9.76 35.61
CA ASP B 683 -20.01 -10.98 36.33
C ASP B 683 -19.37 -12.03 35.41
N VAL B 684 -18.07 -12.22 35.53
CA VAL B 684 -17.37 -13.20 34.71
C VAL B 684 -17.70 -14.65 35.03
N SER B 685 -18.27 -14.90 36.19
CA SER B 685 -18.70 -16.27 36.50
C SER B 685 -19.83 -16.74 35.61
N ALA B 686 -20.45 -15.83 34.83
CA ALA B 686 -21.48 -16.25 33.92
C ALA B 686 -20.86 -16.92 32.67
N LEU B 687 -19.56 -16.73 32.42
CA LEU B 687 -18.87 -17.53 31.39
C LEU B 687 -18.62 -18.90 31.93
N SER B 688 -18.58 -19.86 31.02
CA SER B 688 -18.15 -21.21 31.38
C SER B 688 -16.72 -21.16 31.86
N THR B 689 -16.31 -22.22 32.56
CA THR B 689 -14.94 -22.32 33.04
C THR B 689 -13.95 -22.21 31.88
N GLU B 690 -14.26 -22.87 30.77
CA GLU B 690 -13.33 -22.88 29.69
C GLU B 690 -13.34 -21.59 28.87
N ALA B 691 -14.46 -20.86 28.84
CA ALA B 691 -14.58 -19.59 28.10
C ALA B 691 -14.11 -18.40 28.91
N ARG B 692 -14.07 -18.50 30.24
CA ARG B 692 -13.67 -17.34 31.04
C ARG B 692 -12.39 -16.69 30.55
N PRO B 693 -11.34 -17.46 30.22
CA PRO B 693 -10.11 -16.83 29.80
C PRO B 693 -10.24 -16.00 28.51
N LEU B 694 -11.29 -16.18 27.71
CA LEU B 694 -11.48 -15.30 26.56
C LEU B 694 -11.53 -13.83 26.95
N VAL B 695 -12.04 -13.55 28.16
CA VAL B 695 -12.11 -12.24 28.73
C VAL B 695 -10.94 -12.03 29.70
N ILE B 696 -10.73 -12.93 30.67
CA ILE B 696 -9.80 -12.65 31.77
C ILE B 696 -8.35 -12.93 31.42
N GLY B 697 -8.07 -13.61 30.32
CA GLY B 697 -6.72 -13.92 29.89
C GLY B 697 -6.02 -12.79 29.14
N LEU B 698 -6.74 -11.71 28.89
CA LEU B 698 -6.24 -10.54 28.18
C LEU B 698 -6.03 -9.38 29.13
N ARG B 699 -5.17 -8.44 28.77
CA ARG B 699 -5.11 -7.18 29.49
C ARG B 699 -6.41 -6.43 29.23
N PRO B 700 -7.12 -5.99 30.29
CA PRO B 700 -8.36 -5.32 30.08
C PRO B 700 -8.19 -3.94 29.49
N VAL B 701 -9.22 -3.46 28.78
CA VAL B 701 -9.24 -2.15 28.20
C VAL B 701 -9.80 -1.10 29.15
N VAL B 702 -10.37 -1.55 30.26
CA VAL B 702 -10.83 -0.75 31.36
C VAL B 702 -10.11 -1.21 32.62
N LYS B 703 -9.89 -0.29 33.57
CA LYS B 703 -9.24 -0.59 34.84
C LYS B 703 -10.33 -0.75 35.89
N VAL B 704 -10.43 -1.93 36.48
CA VAL B 704 -11.40 -2.25 37.54
C VAL B 704 -10.75 -3.14 38.58
N PRO B 705 -11.35 -3.27 39.73
CA PRO B 705 -10.66 -4.03 40.77
C PRO B 705 -10.30 -5.50 40.47
N ALA B 706 -9.21 -5.96 41.14
CA ALA B 706 -8.73 -7.37 41.06
C ALA B 706 -9.86 -8.26 41.38
N ALA B 707 -9.95 -9.37 40.65
CA ALA B 707 -10.89 -10.43 41.00
C ALA B 707 -12.38 -9.98 40.94
S SO4 C . -4.32 0.46 -4.01
O1 SO4 C . -5.47 0.27 -3.20
O2 SO4 C . -3.16 -0.50 -4.05
O3 SO4 C . -3.94 1.40 -3.03
O4 SO4 C . -5.26 0.68 -4.95
S SO4 D . -24.86 24.85 -7.62
O1 SO4 D . -26.20 24.65 -7.07
O2 SO4 D . -23.89 24.38 -8.46
O3 SO4 D . -24.00 24.24 -6.60
O4 SO4 D . -24.74 26.42 -7.77
PA FAD E . 6.38 11.35 -15.43
O1A FAD E . 5.91 12.69 -15.00
O2A FAD E . 5.59 10.16 -15.02
O5B FAD E . 6.55 11.42 -17.00
C5B FAD E . 6.76 10.24 -17.81
C4B FAD E . 6.21 10.55 -19.15
O4B FAD E . 6.44 9.34 -19.96
C3B FAD E . 4.70 10.80 -19.20
O3B FAD E . 4.36 11.98 -19.90
C2B FAD E . 4.11 9.55 -19.85
O2B FAD E . 2.91 9.69 -20.56
C1B FAD E . 5.26 9.01 -20.70
N9A FAD E . 5.26 7.60 -20.93
C8A FAD E . 5.21 6.63 -19.98
N7A FAD E . 5.35 5.42 -20.47
C5A FAD E . 5.50 5.63 -21.82
C6A FAD E . 5.72 4.69 -22.86
N6A FAD E . 5.75 3.39 -22.67
N1A FAD E . 5.87 5.22 -24.09
C2A FAD E . 5.78 6.56 -24.27
N3A FAD E . 5.55 7.52 -23.37
C4A FAD E . 5.45 6.98 -22.13
N1 FAD E . 6.83 17.21 -7.28
C2 FAD E . 7.22 18.35 -6.68
O2 FAD E . 8.34 18.85 -6.88
N3 FAD E . 6.35 18.95 -5.80
C4 FAD E . 5.10 18.45 -5.48
O4 FAD E . 4.28 19.14 -4.80
C4X FAD E . 4.76 17.26 -6.02
N5 FAD E . 3.55 16.69 -5.71
C5X FAD E . 3.12 15.59 -6.42
C6 FAD E . 1.87 15.03 -6.18
C7 FAD E . 1.35 13.97 -6.92
C7M FAD E . 0.00 13.42 -6.56
C8 FAD E . 2.12 13.47 -7.97
C8M FAD E . 1.57 12.43 -8.89
C9 FAD E . 3.42 14.02 -8.18
C9A FAD E . 3.95 15.01 -7.41
N10 FAD E . 5.24 15.53 -7.59
C10 FAD E . 5.63 16.67 -6.97
C1' FAD E . 6.29 14.74 -8.33
C2' FAD E . 6.46 15.18 -9.75
O2' FAD E . 5.19 15.28 -10.37
C3' FAD E . 7.35 14.13 -10.44
O3' FAD E . 8.57 13.99 -9.74
C4' FAD E . 7.74 14.44 -11.89
O4' FAD E . 6.64 15.14 -12.55
C5' FAD E . 8.01 13.10 -12.53
O5' FAD E . 8.60 13.27 -13.83
P FAD E . 9.17 11.99 -14.58
O1P FAD E . 9.72 12.49 -15.86
O2P FAD E . 9.99 11.16 -13.67
O3P FAD E . 7.85 11.09 -14.86
N PHE F . 5.92 16.38 -3.18
CA PHE F . 4.66 15.77 -2.94
C PHE F . 3.89 16.47 -1.85
O PHE F . 2.66 16.17 -1.69
CB PHE F . 4.72 14.24 -2.85
CG PHE F . 5.41 13.76 -1.61
CD1 PHE F . 4.69 13.56 -0.43
CD2 PHE F . 6.73 13.48 -1.62
CE1 PHE F . 5.35 13.12 0.69
CE2 PHE F . 7.38 13.02 -0.48
CZ PHE F . 6.68 12.84 0.67
OXT PHE F . 4.48 17.33 -1.16
C1 GOL G . -1.39 8.54 -19.51
O1 GOL G . -2.27 7.49 -19.75
C2 GOL G . 0.05 8.20 -19.49
O2 GOL G . 0.39 7.52 -18.32
C3 GOL G . 0.48 7.36 -20.70
O3 GOL G . 1.85 7.16 -20.72
PA FAD H . -16.56 -9.92 5.86
O1A FAD H . -16.38 -11.21 5.19
O2A FAD H . -16.02 -8.69 5.23
O5B FAD H . -18.12 -9.80 6.14
C5B FAD H . -18.71 -8.58 6.58
C4B FAD H . -20.16 -8.58 6.08
O4B FAD H . -20.74 -7.34 6.53
C3B FAD H . -20.28 -8.62 4.53
O3B FAD H . -21.19 -9.63 4.10
C2B FAD H . -20.77 -7.22 4.18
O2B FAD H . -21.56 -7.09 3.03
C1B FAD H . -21.49 -6.76 5.43
N9A FAD H . -21.51 -5.33 5.65
C8A FAD H . -20.42 -4.48 5.66
N7A FAD H . -20.71 -3.26 5.96
C5A FAD H . -22.05 -3.28 6.19
C6A FAD H . -22.95 -2.27 6.58
N6A FAD H . -22.57 -1.02 6.79
N1A FAD H . -24.26 -2.62 6.76
C2A FAD H . -24.61 -3.88 6.50
N3A FAD H . -23.87 -4.93 6.10
C4A FAD H . -22.59 -4.53 5.99
N1 FAD H . -9.36 -16.84 4.91
C2 FAD H . -8.92 -18.09 5.11
O2 FAD H . -9.14 -18.74 6.16
N3 FAD H . -8.19 -18.71 4.12
C4 FAD H . -7.85 -18.05 2.96
O4 FAD H . -7.31 -18.73 2.00
C4X FAD H . -8.26 -16.77 2.78
N5 FAD H . -7.89 -16.10 1.65
C5X FAD H . -8.44 -14.87 1.41
C6 FAD H . -8.17 -14.15 0.24
C7 FAD H . -8.79 -12.98 -0.06
C7M FAD H . -8.42 -12.28 -1.36
C8 FAD H . -9.72 -12.43 0.83
C8M FAD H . -10.53 -11.21 0.47
C9 FAD H . -9.98 -13.10 2.04
C9A FAD H . -9.32 -14.27 2.36
N10 FAD H . -9.53 -14.92 3.60
C10 FAD H . -9.05 -16.18 3.78
C1' FAD H . -10.07 -14.21 4.77
C2' FAD H . -11.53 -14.49 5.01
O2' FAD H . -12.24 -14.31 3.76
C3' FAD H . -12.00 -13.48 6.05
O3' FAD H . -11.22 -13.62 7.25
C4' FAD H . -13.45 -13.62 6.51
O4' FAD H . -14.25 -14.06 5.43
C5' FAD H . -13.86 -12.28 7.06
O5' FAD H . -15.14 -12.33 7.69
P FAD H . -15.66 -11.06 8.48
O1P FAD H . -16.96 -11.44 9.05
O2P FAD H . -14.59 -10.49 9.32
O3P FAD H . -15.89 -9.95 7.31
N PHE I . -5.27 -16.55 3.82
CA PHE I . -5.01 -15.75 2.63
C PHE I . -4.07 -16.48 1.68
O PHE I . -3.91 -16.04 0.54
CB PHE I . -4.67 -14.31 2.87
CG PHE I . -3.35 -14.11 3.55
CD1 PHE I . -2.19 -13.97 2.80
CD2 PHE I . -3.24 -14.02 4.91
CE1 PHE I . -0.97 -13.78 3.41
CE2 PHE I . -1.99 -13.80 5.51
CZ PHE I . -0.87 -13.72 4.75
OXT PHE I . -3.44 -17.48 2.14
C1 GOL J . -20.55 -5.48 -1.13
O1 GOL J . -20.64 -4.26 -1.82
C2 GOL J . -20.44 -5.38 0.35
O2 GOL J . -19.16 -4.91 0.70
C3 GOL J . -21.50 -4.45 0.96
O3 GOL J . -21.40 -4.45 2.33
#